data_6H65
#
_entry.id   6H65
#
_cell.length_a   95.080
_cell.length_b   164.930
_cell.length_c   254.220
_cell.angle_alpha   90.00
_cell.angle_beta   90.00
_cell.angle_gamma   90.00
#
_symmetry.space_group_name_H-M   'C 2 2 21'
#
loop_
_entity.id
_entity.type
_entity.pdbx_description
1 polymer 'Branched-chain-amino-acid aminotransferase'
2 non-polymer "PYRIDOXAL-5'-PHOSPHATE"
3 water water
#
_entity_poly.entity_id   1
_entity_poly.type   'polypeptide(L)'
_entity_poly.pdbx_seq_one_letter_code
;MLEISKVTPKAPPRYGWMNGQCIPWDQCSLHVSTQAAFFGASLFEGVRAYWNAEREQLYVFRLDEHLRRLEQSAKMLRMK
LSMPIADIRQGVLELLRANEFRSDVHLYVASYFGINHDPDPLFPTDDTGVYVTGTAVSRLPLVHTGISACMSSWRRISDD
SVPPRIKIGANYQNSRLAQTEARVNGYHTSVLLNSRGKVSETPGACLLMVRDGRVISPPVTADILESVTRKTLMSLSEAE
LDSPVIERDMDRTELYIAEEVFLCGTIAEILPVTTIDRIQVGDGEVGPVTRRLQELYFGVTSGQLEAYKSWLLPVYE
;
_entity_poly.pdbx_strand_id   A,B,C,D,E,F
#
# COMPACT_ATOMS: atom_id res chain seq x y z
N PRO A 12 9.09 6.80 52.06
CA PRO A 12 8.27 6.17 50.98
C PRO A 12 7.25 7.16 50.38
N PRO A 13 6.81 6.99 49.11
CA PRO A 13 5.71 7.82 48.57
C PRO A 13 4.34 7.57 49.17
N ARG A 14 3.47 8.58 49.05
CA ARG A 14 2.13 8.52 49.62
C ARG A 14 1.21 7.61 48.81
N TYR A 15 1.31 7.67 47.46
CA TYR A 15 0.35 6.94 46.67
C TYR A 15 1.03 6.08 45.62
N GLY A 16 0.33 5.05 45.18
CA GLY A 16 0.60 4.45 43.88
C GLY A 16 -0.68 4.49 43.05
N TRP A 17 -0.64 3.94 41.83
CA TRP A 17 -1.77 4.03 40.91
C TRP A 17 -2.06 2.64 40.37
N MET A 18 -3.30 2.18 40.53
CA MET A 18 -3.66 0.87 40.02
C MET A 18 -5.02 0.95 39.34
N ASN A 19 -5.10 0.44 38.10
CA ASN A 19 -6.37 0.21 37.43
C ASN A 19 -7.22 1.49 37.47
N GLY A 20 -6.57 2.62 37.16
CA GLY A 20 -7.26 3.87 36.88
C GLY A 20 -7.37 4.86 38.04
N GLN A 21 -6.78 4.55 39.22
CA GLN A 21 -6.91 5.46 40.35
C GLN A 21 -5.70 5.44 41.28
N CYS A 22 -5.44 6.62 41.86
CA CYS A 22 -4.46 6.73 42.92
C CYS A 22 -5.00 6.07 44.17
N ILE A 23 -4.16 5.31 44.87
CA ILE A 23 -4.57 4.65 46.08
C ILE A 23 -3.38 4.64 47.04
N PRO A 24 -3.61 4.65 48.39
CA PRO A 24 -2.50 4.70 49.34
C PRO A 24 -1.47 3.62 49.03
N TRP A 25 -0.19 4.01 49.17
CA TRP A 25 0.95 3.17 48.86
C TRP A 25 0.84 1.81 49.54
N ASP A 26 0.45 1.84 50.81
CA ASP A 26 0.16 0.74 51.71
C ASP A 26 -0.61 -0.41 51.02
N GLN A 27 -1.54 -0.08 50.14
CA GLN A 27 -2.44 -1.17 49.74
C GLN A 27 -2.29 -1.44 48.24
N CYS A 28 -1.10 -1.18 47.71
CA CYS A 28 -0.72 -1.55 46.35
C CYS A 28 -0.22 -2.99 46.31
N SER A 29 -1.17 -3.93 46.16
CA SER A 29 -1.02 -5.33 46.50
C SER A 29 -1.58 -6.24 45.41
N LEU A 30 -0.98 -7.42 45.25
CA LEU A 30 -1.55 -8.47 44.41
C LEU A 30 -1.73 -9.74 45.26
N HIS A 31 -2.81 -10.46 45.01
CA HIS A 31 -3.01 -11.76 45.64
C HIS A 31 -1.91 -12.72 45.20
N VAL A 32 -1.54 -13.64 46.11
CA VAL A 32 -0.38 -14.47 45.86
C VAL A 32 -0.69 -15.41 44.71
N SER A 33 -1.98 -15.68 44.49
CA SER A 33 -2.34 -16.58 43.41
C SER A 33 -2.41 -15.89 42.03
N THR A 34 -2.15 -14.57 41.92
CA THR A 34 -2.16 -13.97 40.59
C THR A 34 -0.92 -14.40 39.82
N GLN A 35 -1.00 -14.41 38.48
CA GLN A 35 0.14 -14.80 37.71
C GLN A 35 1.25 -13.79 37.95
N ALA A 36 0.86 -12.54 38.20
CA ALA A 36 1.86 -11.50 38.38
C ALA A 36 2.70 -11.80 39.63
N ALA A 37 2.03 -11.98 40.76
CA ALA A 37 2.70 -12.24 42.04
C ALA A 37 3.52 -13.53 41.97
N PHE A 38 2.95 -14.59 41.39
CA PHE A 38 3.52 -15.91 41.51
C PHE A 38 4.67 -16.10 40.52
N PHE A 39 4.46 -15.70 39.25
CA PHE A 39 5.41 -15.97 38.18
C PHE A 39 6.27 -14.75 37.88
N GLY A 40 5.95 -13.60 38.46
CA GLY A 40 6.51 -12.35 37.98
C GLY A 40 6.02 -12.00 36.57
N ALA A 41 4.78 -12.37 36.24
CA ALA A 41 4.23 -12.14 34.91
C ALA A 41 3.63 -10.73 34.86
N SER A 42 4.50 -9.73 34.98
CA SER A 42 4.22 -8.33 34.78
C SER A 42 5.16 -7.86 33.69
N LEU A 43 4.57 -7.35 32.62
CA LEU A 43 5.32 -6.60 31.63
C LEU A 43 5.50 -5.19 32.17
N PHE A 44 6.74 -4.67 32.13
CA PHE A 44 6.89 -3.34 32.72
C PHE A 44 7.84 -2.41 31.94
N GLU A 45 7.73 -1.11 32.25
CA GLU A 45 8.64 -0.10 31.74
C GLU A 45 9.16 0.72 32.91
N GLY A 46 10.52 0.88 32.98
CA GLY A 46 11.13 1.91 33.82
C GLY A 46 11.13 3.27 33.13
N VAL A 47 10.64 4.32 33.80
CA VAL A 47 10.58 5.62 33.18
C VAL A 47 11.11 6.63 34.19
N ARG A 48 11.89 7.60 33.74
CA ARG A 48 12.38 8.62 34.67
C ARG A 48 11.71 9.95 34.38
N ALA A 49 11.43 10.70 35.46
CA ALA A 49 11.04 12.10 35.31
C ALA A 49 12.16 12.94 35.90
N TYR A 50 12.58 14.01 35.20
CA TYR A 50 13.64 14.86 35.66
C TYR A 50 13.14 16.25 36.06
N TRP A 51 13.62 16.70 37.24
CA TRP A 51 13.18 17.94 37.82
C TRP A 51 14.13 19.05 37.40
N ASN A 52 13.61 20.13 36.87
CA ASN A 52 14.42 21.28 36.56
C ASN A 52 14.07 22.40 37.53
N ALA A 53 15.04 22.71 38.41
CA ALA A 53 14.92 23.69 39.48
C ALA A 53 14.71 25.10 38.90
N GLU A 54 15.51 25.47 37.88
CA GLU A 54 15.31 26.76 37.21
C GLU A 54 14.10 26.54 36.28
N ARG A 55 12.90 27.03 36.62
CA ARG A 55 11.71 26.70 35.81
C ARG A 55 10.67 25.98 36.66
N GLU A 56 11.10 25.23 37.69
CA GLU A 56 10.14 24.63 38.61
C GLU A 56 9.22 23.64 37.86
N GLN A 57 9.80 22.81 36.96
CA GLN A 57 9.09 21.86 36.14
C GLN A 57 9.69 20.45 36.24
N LEU A 58 8.81 19.43 36.09
CA LEU A 58 9.15 18.00 36.05
C LEU A 58 8.83 17.48 34.64
N TYR A 59 9.84 16.83 34.01
CA TYR A 59 9.74 16.35 32.63
C TYR A 59 9.91 14.84 32.60
N VAL A 60 8.85 14.15 32.16
CA VAL A 60 8.97 12.72 31.95
C VAL A 60 9.71 12.51 30.64
N PHE A 61 10.63 11.54 30.60
CA PHE A 61 11.48 11.46 29.44
C PHE A 61 11.03 10.35 28.49
N ARG A 62 10.68 10.69 27.25
CA ARG A 62 10.39 9.69 26.22
C ARG A 62 9.36 8.65 26.68
N LEU A 63 8.31 9.12 27.35
CA LEU A 63 7.24 8.22 27.76
C LEU A 63 6.68 7.45 26.58
N ASP A 64 6.55 8.09 25.43
CA ASP A 64 5.96 7.45 24.25
C ASP A 64 6.78 6.25 23.81
N GLU A 65 8.11 6.38 23.82
CA GLU A 65 8.88 5.24 23.38
C GLU A 65 8.67 4.06 24.34
N HIS A 66 8.51 4.36 25.63
CA HIS A 66 8.27 3.35 26.65
C HIS A 66 6.92 2.67 26.44
N LEU A 67 5.87 3.47 26.21
CA LEU A 67 4.53 2.92 26.03
C LEU A 67 4.44 2.09 24.76
N ARG A 68 5.19 2.50 23.72
CA ARG A 68 5.17 1.78 22.46
C ARG A 68 5.74 0.40 22.71
N ARG A 69 6.83 0.35 23.52
CA ARG A 69 7.49 -0.93 23.72
C ARG A 69 6.63 -1.88 24.54
N LEU A 70 5.94 -1.34 25.58
CA LEU A 70 5.02 -2.12 26.39
C LEU A 70 3.91 -2.75 25.54
N GLU A 71 3.29 -1.96 24.69
CA GLU A 71 2.17 -2.46 23.89
C GLU A 71 2.64 -3.56 22.92
N GLN A 72 3.86 -3.40 22.41
CA GLN A 72 4.36 -4.30 21.41
C GLN A 72 4.77 -5.60 22.09
N SER A 73 5.35 -5.47 23.29
CA SER A 73 5.74 -6.63 24.06
C SER A 73 4.52 -7.42 24.50
N ALA A 74 3.38 -6.76 24.74
CA ALA A 74 2.17 -7.42 25.21
C ALA A 74 1.65 -8.39 24.16
N LYS A 75 1.95 -8.13 22.88
CA LYS A 75 1.47 -9.00 21.80
C LYS A 75 2.06 -10.40 21.95
N MET A 76 3.39 -10.46 22.04
CA MET A 76 4.15 -11.71 22.07
C MET A 76 3.67 -12.58 23.24
N LEU A 77 3.25 -11.92 24.35
CA LEU A 77 2.80 -12.60 25.56
C LEU A 77 1.31 -12.96 25.48
N ARG A 78 0.62 -12.60 24.39
CA ARG A 78 -0.83 -12.74 24.29
C ARG A 78 -1.54 -12.11 25.47
N MET A 79 -1.06 -10.93 25.86
CA MET A 79 -1.60 -10.22 27.00
C MET A 79 -2.44 -9.06 26.47
N LYS A 80 -3.75 -9.03 26.74
CA LYS A 80 -4.61 -7.89 26.40
C LYS A 80 -4.37 -6.77 27.41
N LEU A 81 -4.01 -5.55 26.95
CA LEU A 81 -3.98 -4.39 27.82
C LEU A 81 -5.36 -4.15 28.41
N SER A 82 -5.36 -3.84 29.70
CA SER A 82 -6.52 -3.68 30.54
C SER A 82 -7.22 -2.37 30.17
N MET A 83 -6.44 -1.42 29.63
CA MET A 83 -6.92 -0.13 29.18
C MET A 83 -5.98 0.35 28.08
N PRO A 84 -6.37 1.31 27.21
CA PRO A 84 -5.48 1.76 26.14
C PRO A 84 -4.27 2.51 26.69
N ILE A 85 -3.18 2.53 25.92
CA ILE A 85 -1.98 3.20 26.37
C ILE A 85 -2.22 4.69 26.66
N ALA A 86 -3.13 5.35 25.90
CA ALA A 86 -3.45 6.74 26.18
C ALA A 86 -3.87 6.94 27.64
N ASP A 87 -4.61 5.97 28.20
CA ASP A 87 -5.12 6.04 29.58
C ASP A 87 -3.98 5.81 30.58
N ILE A 88 -3.02 4.99 30.17
CA ILE A 88 -1.86 4.72 31.00
C ILE A 88 -1.00 5.98 31.08
N ARG A 89 -0.80 6.68 29.96
CA ARG A 89 -0.19 8.01 29.92
C ARG A 89 -0.85 8.94 30.95
N GLN A 90 -2.19 8.98 30.92
CA GLN A 90 -2.95 9.75 31.89
C GLN A 90 -2.57 9.33 33.32
N GLY A 91 -2.50 8.02 33.53
CA GLY A 91 -2.11 7.44 34.80
C GLY A 91 -0.76 7.96 35.33
N VAL A 92 0.27 7.96 34.47
CA VAL A 92 1.58 8.47 34.83
C VAL A 92 1.46 9.90 35.35
N LEU A 93 0.66 10.72 34.64
CA LEU A 93 0.46 12.08 35.07
C LEU A 93 -0.23 12.11 36.44
N GLU A 94 -1.35 11.36 36.57
CA GLU A 94 -2.10 11.41 37.80
C GLU A 94 -1.16 11.11 38.96
N LEU A 95 -0.29 10.12 38.75
CA LEU A 95 0.51 9.60 39.84
C LEU A 95 1.61 10.60 40.21
N LEU A 96 2.29 11.14 39.20
CA LEU A 96 3.33 12.10 39.52
C LEU A 96 2.74 13.25 40.35
N ARG A 97 1.52 13.66 39.98
CA ARG A 97 0.90 14.83 40.56
C ARG A 97 0.37 14.55 41.96
N ALA A 98 -0.28 13.39 42.14
CA ALA A 98 -0.83 13.04 43.44
C ALA A 98 0.30 12.97 44.47
N ASN A 99 1.50 12.56 44.05
CA ASN A 99 2.60 12.48 45.00
C ASN A 99 3.32 13.81 45.18
N GLU A 100 3.01 14.83 44.36
CA GLU A 100 3.58 16.16 44.47
C GLU A 100 5.12 16.10 44.45
N PHE A 101 5.70 15.31 43.57
CA PHE A 101 7.13 15.15 43.48
C PHE A 101 7.80 16.44 42.96
N ARG A 102 8.82 16.92 43.69
CA ARG A 102 9.57 18.09 43.24
C ARG A 102 11.05 17.70 43.16
N SER A 103 11.32 16.52 42.62
CA SER A 103 12.67 16.07 42.34
C SER A 103 12.60 14.92 41.33
N ASP A 104 13.76 14.47 40.86
CA ASP A 104 13.88 13.30 40.01
C ASP A 104 13.00 12.17 40.57
N VAL A 105 12.42 11.36 39.68
CA VAL A 105 11.53 10.27 40.04
C VAL A 105 11.84 9.07 39.13
N HIS A 106 11.88 7.89 39.74
CA HIS A 106 11.87 6.64 38.99
C HIS A 106 10.46 6.04 39.03
N LEU A 107 9.95 5.62 37.87
CA LEU A 107 8.60 5.09 37.73
C LEU A 107 8.67 3.67 37.19
N TYR A 108 7.77 2.82 37.68
CA TYR A 108 7.51 1.56 37.01
C TYR A 108 6.08 1.59 36.49
N VAL A 109 5.92 1.33 35.19
CA VAL A 109 4.57 1.21 34.67
C VAL A 109 4.41 -0.21 34.16
N ALA A 110 3.33 -0.86 34.62
CA ALA A 110 3.23 -2.31 34.53
C ALA A 110 1.87 -2.74 33.97
N SER A 111 1.89 -3.69 33.03
CA SER A 111 0.71 -4.48 32.77
C SER A 111 0.95 -5.91 33.15
N TYR A 112 0.05 -6.40 33.99
CA TYR A 112 0.25 -7.65 34.69
C TYR A 112 -0.92 -8.61 34.44
N PHE A 113 -0.62 -9.91 34.49
CA PHE A 113 -1.66 -10.93 34.47
C PHE A 113 -2.22 -11.11 35.87
N GLY A 114 -3.56 -11.21 35.97
CA GLY A 114 -4.23 -11.42 37.25
C GLY A 114 -4.51 -12.89 37.57
N ILE A 115 -5.75 -13.14 38.03
CA ILE A 115 -6.27 -14.41 38.50
C ILE A 115 -6.41 -15.29 37.26
N ASN A 116 -6.19 -16.58 37.43
CA ASN A 116 -6.29 -17.55 36.36
C ASN A 116 -7.74 -17.83 35.99
N HIS A 117 -7.98 -17.93 34.67
CA HIS A 117 -9.29 -18.11 34.08
C HIS A 117 -9.41 -19.53 33.52
N ASP A 118 -8.37 -20.35 33.72
CA ASP A 118 -8.19 -21.58 32.99
C ASP A 118 -7.62 -22.64 33.93
N PRO A 119 -8.00 -23.94 33.77
CA PRO A 119 -7.41 -25.02 34.56
C PRO A 119 -5.89 -25.14 34.45
N ASP A 120 -5.33 -24.76 33.31
CA ASP A 120 -3.88 -24.90 33.09
C ASP A 120 -3.18 -23.65 33.64
N PRO A 121 -2.29 -23.76 34.67
CA PRO A 121 -1.70 -22.58 35.31
C PRO A 121 -0.61 -21.90 34.49
N LEU A 122 -0.19 -22.58 33.41
CA LEU A 122 0.88 -22.05 32.59
C LEU A 122 0.32 -21.31 31.36
N PHE A 123 -1.00 -21.19 31.22
CA PHE A 123 -1.62 -20.53 30.09
C PHE A 123 -2.02 -19.13 30.55
N PRO A 124 -1.88 -18.08 29.72
CA PRO A 124 -2.14 -16.71 30.17
C PRO A 124 -3.65 -16.51 30.40
N THR A 125 -3.99 -15.56 31.29
CA THR A 125 -5.39 -15.28 31.51
C THR A 125 -5.75 -13.99 30.77
N ASP A 126 -7.06 -13.76 30.63
CA ASP A 126 -7.57 -12.49 30.12
C ASP A 126 -7.78 -11.50 31.26
N ASP A 127 -7.68 -11.95 32.52
CA ASP A 127 -7.78 -11.00 33.63
C ASP A 127 -6.45 -10.28 33.74
N THR A 128 -6.50 -9.00 33.38
CA THR A 128 -5.36 -8.13 33.20
C THR A 128 -5.60 -6.83 33.98
N GLY A 129 -4.52 -6.25 34.52
CA GLY A 129 -4.54 -4.93 35.12
C GLY A 129 -3.30 -4.11 34.74
N VAL A 130 -3.21 -2.89 35.29
CA VAL A 130 -2.08 -2.00 35.10
C VAL A 130 -1.83 -1.29 36.41
N TYR A 131 -0.57 -0.97 36.66
CA TYR A 131 -0.30 -0.09 37.77
C TYR A 131 0.93 0.74 37.42
N VAL A 132 1.10 1.81 38.20
CA VAL A 132 2.20 2.74 38.08
C VAL A 132 2.66 3.08 39.49
N THR A 133 3.97 3.03 39.66
CA THR A 133 4.66 3.26 40.92
C THR A 133 5.69 4.34 40.60
N GLY A 134 5.88 5.24 41.56
CA GLY A 134 7.02 6.15 41.45
C GLY A 134 7.62 6.39 42.84
N THR A 135 8.95 6.57 42.87
CA THR A 135 9.64 6.96 44.08
C THR A 135 10.64 8.07 43.73
N ALA A 136 10.89 8.98 44.68
CA ALA A 136 11.92 9.99 44.44
C ALA A 136 13.27 9.28 44.43
N VAL A 137 14.19 9.68 43.54
CA VAL A 137 15.57 9.20 43.52
C VAL A 137 16.50 10.39 43.27
N SER A 138 17.81 10.25 43.51
CA SER A 138 18.70 11.28 43.00
C SER A 138 19.92 10.63 42.38
N ARG A 139 20.76 11.44 41.71
CA ARG A 139 21.84 10.92 40.89
C ARG A 139 22.92 10.29 41.77
N LEU A 140 23.34 9.08 41.42
CA LEU A 140 24.45 8.41 42.10
C LEU A 140 25.75 9.16 41.81
N PRO A 141 26.65 9.42 42.81
CA PRO A 141 28.01 9.91 42.54
C PRO A 141 28.88 9.03 41.62
N LEU A 142 28.44 7.79 41.36
CA LEU A 142 29.13 6.84 40.49
C LEU A 142 29.10 7.30 39.03
N VAL A 143 28.07 8.08 38.65
CA VAL A 143 27.96 8.72 37.34
C VAL A 143 29.19 9.60 37.09
N HIS A 144 29.65 10.33 38.11
CA HIS A 144 30.89 11.10 37.97
C HIS A 144 32.16 10.25 38.09
N THR A 145 32.18 9.24 38.98
CA THR A 145 33.38 8.54 39.40
C THR A 145 33.78 7.49 38.38
N GLY A 146 32.78 6.80 37.80
CA GLY A 146 33.04 5.56 37.10
C GLY A 146 32.95 4.33 38.03
N ILE A 147 32.71 3.15 37.45
CA ILE A 147 32.47 1.95 38.22
C ILE A 147 33.42 0.85 37.75
N SER A 148 33.56 -0.19 38.58
CA SER A 148 34.22 -1.43 38.19
C SER A 148 33.17 -2.44 37.70
N ALA A 149 33.52 -3.20 36.66
CA ALA A 149 32.73 -4.35 36.24
C ALA A 149 33.61 -5.61 36.21
N CYS A 150 32.98 -6.78 36.25
CA CYS A 150 33.69 -8.06 36.02
C CYS A 150 32.94 -8.79 34.91
N MET A 151 33.59 -9.72 34.19
CA MET A 151 32.84 -10.64 33.32
C MET A 151 32.09 -11.66 34.18
N SER A 152 30.87 -11.99 33.84
CA SER A 152 30.05 -12.92 34.61
C SER A 152 30.42 -14.36 34.29
N SER A 153 30.24 -15.25 35.28
CA SER A 153 30.27 -16.70 35.02
C SER A 153 28.93 -17.17 34.42
N TRP A 154 27.84 -16.36 34.52
CA TRP A 154 26.53 -16.71 33.99
C TRP A 154 26.44 -16.27 32.53
N ARG A 155 25.73 -17.06 31.73
CA ARG A 155 25.51 -16.73 30.33
C ARG A 155 24.11 -16.12 30.23
N ARG A 156 23.99 -15.17 29.31
CA ARG A 156 22.76 -14.45 29.10
C ARG A 156 21.68 -15.40 28.59
N ILE A 157 20.46 -15.25 29.05
CA ILE A 157 19.34 -15.97 28.48
C ILE A 157 19.22 -15.69 26.97
N SER A 158 18.62 -16.60 26.20
CA SER A 158 18.58 -16.52 24.73
C SER A 158 17.19 -16.18 24.23
N ASP A 159 17.15 -15.54 23.05
CA ASP A 159 15.91 -15.16 22.39
C ASP A 159 14.94 -16.34 22.23
N ASP A 160 15.41 -17.49 21.75
CA ASP A 160 14.51 -18.59 21.53
C ASP A 160 14.28 -19.48 22.75
N SER A 161 14.46 -18.89 23.92
CA SER A 161 14.29 -19.58 25.17
C SER A 161 13.45 -18.72 26.12
N VAL A 162 14.03 -17.61 26.56
CA VAL A 162 13.35 -16.63 27.40
C VAL A 162 13.83 -15.27 26.89
N PRO A 163 13.09 -14.60 25.97
CA PRO A 163 13.65 -13.46 25.21
C PRO A 163 14.03 -12.25 26.06
N PRO A 164 15.31 -11.88 26.12
CA PRO A 164 15.71 -10.65 26.80
C PRO A 164 15.11 -9.39 26.18
N ARG A 165 14.57 -9.46 24.95
CA ARG A 165 13.91 -8.28 24.37
C ARG A 165 12.56 -7.93 25.04
N ILE A 166 11.96 -8.82 25.86
CA ILE A 166 10.70 -8.56 26.56
C ILE A 166 11.01 -8.18 28.01
N LYS A 167 10.65 -6.97 28.43
CA LYS A 167 10.96 -6.51 29.78
C LYS A 167 9.83 -6.96 30.73
N ILE A 168 9.99 -8.17 31.26
CA ILE A 168 8.99 -8.79 32.12
C ILE A 168 9.66 -9.20 33.44
N GLY A 169 8.97 -9.01 34.56
CA GLY A 169 9.47 -9.35 35.88
C GLY A 169 10.29 -10.64 35.86
N ALA A 170 9.70 -11.70 35.30
CA ALA A 170 10.25 -13.05 35.33
C ALA A 170 11.64 -13.11 34.71
N ASN A 171 11.95 -12.23 33.75
CA ASN A 171 13.18 -12.36 32.98
C ASN A 171 14.39 -11.83 33.74
N TYR A 172 14.21 -11.44 34.99
CA TYR A 172 15.31 -10.84 35.71
C TYR A 172 16.12 -11.85 36.54
N GLN A 173 15.70 -13.10 36.55
CA GLN A 173 16.47 -14.07 37.28
C GLN A 173 17.92 -14.12 36.76
N ASN A 174 18.10 -14.15 35.47
CA ASN A 174 19.38 -14.17 34.81
C ASN A 174 20.19 -12.97 35.31
N SER A 175 19.57 -11.78 35.33
CA SER A 175 20.17 -10.57 35.87
C SER A 175 20.54 -10.67 37.38
N ARG A 176 19.61 -11.17 38.21
CA ARG A 176 19.80 -11.25 39.64
C ARG A 176 21.01 -12.12 39.97
N LEU A 177 21.20 -13.19 39.19
CA LEU A 177 22.29 -14.10 39.51
C LEU A 177 23.62 -13.42 39.15
N ALA A 178 23.68 -12.82 37.96
CA ALA A 178 24.88 -12.14 37.53
C ALA A 178 25.21 -10.98 38.47
N GLN A 179 24.19 -10.26 38.92
CA GLN A 179 24.43 -9.05 39.70
C GLN A 179 24.82 -9.40 41.14
N THR A 180 24.19 -10.45 41.67
CA THR A 180 24.54 -10.90 43.01
C THR A 180 26.01 -11.32 43.01
N GLU A 181 26.41 -12.08 41.99
CA GLU A 181 27.75 -12.58 41.98
C GLU A 181 28.74 -11.41 41.91
N ALA A 182 28.46 -10.43 41.01
CA ALA A 182 29.30 -9.26 40.90
C ALA A 182 29.51 -8.60 42.27
N ARG A 183 28.42 -8.37 42.99
CA ARG A 183 28.53 -7.63 44.24
C ARG A 183 29.27 -8.49 45.26
N VAL A 184 28.99 -9.81 45.25
CA VAL A 184 29.65 -10.68 46.20
C VAL A 184 31.16 -10.59 45.97
N ASN A 185 31.57 -10.38 44.72
CA ASN A 185 33.00 -10.42 44.41
C ASN A 185 33.61 -9.01 44.45
N GLY A 186 32.89 -7.98 44.90
CA GLY A 186 33.52 -6.67 45.04
C GLY A 186 33.44 -5.74 43.80
N TYR A 187 32.48 -5.96 42.89
CA TYR A 187 32.34 -5.16 41.68
C TYR A 187 30.96 -4.50 41.72
N HIS A 188 30.78 -3.40 40.98
CA HIS A 188 29.48 -2.73 40.89
C HIS A 188 28.55 -3.53 39.97
N THR A 189 29.07 -4.17 38.92
CA THR A 189 28.17 -4.95 38.07
C THR A 189 29.02 -5.87 37.22
N SER A 190 28.38 -6.63 36.35
CA SER A 190 29.15 -7.57 35.54
C SER A 190 28.61 -7.54 34.11
N VAL A 191 29.38 -8.14 33.20
CA VAL A 191 29.06 -8.21 31.80
C VAL A 191 28.83 -9.68 31.48
N LEU A 192 27.64 -9.97 30.88
CA LEU A 192 27.35 -11.35 30.52
C LEU A 192 27.69 -11.56 29.05
N LEU A 193 28.34 -12.69 28.77
CA LEU A 193 28.42 -13.22 27.43
C LEU A 193 27.15 -13.99 27.11
N ASN A 194 26.75 -14.00 25.82
CA ASN A 194 25.57 -14.75 25.39
C ASN A 194 26.02 -16.15 24.96
N SER A 195 25.09 -16.94 24.46
CA SER A 195 25.46 -18.32 24.12
C SER A 195 26.33 -18.41 22.88
N ARG A 196 26.54 -17.33 22.12
CA ARG A 196 27.53 -17.38 21.05
C ARG A 196 28.91 -16.91 21.56
N GLY A 197 29.03 -16.69 22.86
CA GLY A 197 30.28 -16.25 23.46
C GLY A 197 30.63 -14.79 23.14
N LYS A 198 29.63 -13.96 22.82
CA LYS A 198 29.85 -12.55 22.51
C LYS A 198 29.24 -11.72 23.63
N VAL A 199 29.67 -10.46 23.71
CA VAL A 199 29.14 -9.49 24.69
C VAL A 199 27.63 -9.26 24.47
N SER A 200 26.83 -9.37 25.55
CA SER A 200 25.43 -9.01 25.45
C SER A 200 25.25 -7.70 26.23
N GLU A 201 24.95 -7.74 27.52
CA GLU A 201 24.87 -6.50 28.27
C GLU A 201 25.24 -6.79 29.74
N THR A 202 24.77 -5.90 30.62
CA THR A 202 24.95 -5.98 32.06
C THR A 202 23.60 -6.23 32.70
N PRO A 203 23.51 -6.73 33.96
CA PRO A 203 22.22 -7.10 34.52
C PRO A 203 21.14 -6.04 34.31
N GLY A 204 21.51 -4.75 34.39
CA GLY A 204 20.45 -3.74 34.28
C GLY A 204 20.76 -2.58 33.34
N ALA A 205 21.59 -2.76 32.33
CA ALA A 205 22.03 -1.65 31.49
C ALA A 205 22.73 -2.22 30.26
N CYS A 206 22.58 -1.53 29.15
CA CYS A 206 23.27 -1.84 27.90
C CYS A 206 24.72 -1.37 28.02
N LEU A 207 25.60 -1.98 27.22
CA LEU A 207 27.03 -1.66 27.28
C LEU A 207 27.45 -1.07 25.94
N LEU A 208 28.23 0.02 25.95
CA LEU A 208 28.86 0.50 24.72
C LEU A 208 30.36 0.71 24.98
N MET A 209 31.17 0.75 23.92
CA MET A 209 32.61 1.03 24.02
C MET A 209 33.04 1.97 22.90
N VAL A 210 34.25 2.52 23.06
CA VAL A 210 34.87 3.30 22.01
C VAL A 210 36.17 2.60 21.58
N ARG A 211 36.29 2.29 20.29
CA ARG A 211 37.53 1.78 19.69
C ARG A 211 37.79 2.51 18.39
N ASP A 212 39.05 2.90 18.18
CA ASP A 212 39.51 3.68 17.03
C ASP A 212 38.56 4.84 16.72
N GLY A 213 38.25 5.60 17.77
CA GLY A 213 37.43 6.79 17.63
C GLY A 213 35.94 6.54 17.45
N ARG A 214 35.46 5.31 17.35
CA ARG A 214 34.05 5.06 17.07
C ARG A 214 33.34 4.47 18.29
N VAL A 215 32.08 4.87 18.48
CA VAL A 215 31.20 4.28 19.47
C VAL A 215 30.58 3.01 18.90
N ILE A 216 30.66 1.94 19.69
CA ILE A 216 30.33 0.61 19.24
C ILE A 216 29.43 -0.05 20.28
N SER A 217 28.39 -0.74 19.80
CA SER A 217 27.51 -1.45 20.72
C SER A 217 27.04 -2.77 20.12
N PRO A 218 26.75 -3.79 20.94
CA PRO A 218 26.27 -5.07 20.39
C PRO A 218 24.94 -4.83 19.65
N PRO A 219 24.61 -5.65 18.63
CA PRO A 219 23.33 -5.49 17.90
C PRO A 219 22.16 -6.02 18.73
N VAL A 220 20.93 -5.87 18.24
CA VAL A 220 19.75 -6.25 19.01
C VAL A 220 19.60 -7.78 18.99
N THR A 221 20.43 -8.50 18.21
CA THR A 221 20.42 -9.95 18.21
C THR A 221 21.50 -10.55 19.14
N ALA A 222 22.12 -9.74 20.03
CA ALA A 222 23.10 -10.23 20.97
C ALA A 222 22.46 -10.57 22.31
N ASP A 223 21.13 -10.69 22.37
CA ASP A 223 20.44 -11.08 23.58
C ASP A 223 20.45 -9.93 24.57
N ILE A 224 20.00 -8.77 24.10
CA ILE A 224 19.92 -7.58 24.92
C ILE A 224 18.49 -7.08 24.90
N LEU A 225 18.15 -6.28 25.91
CA LEU A 225 16.94 -5.52 25.75
C LEU A 225 17.22 -4.32 24.82
N GLU A 226 16.27 -3.93 23.95
CA GLU A 226 16.43 -2.79 23.03
C GLU A 226 16.11 -1.52 23.81
N SER A 227 17.13 -1.02 24.54
CA SER A 227 17.02 0.06 25.50
C SER A 227 16.63 1.36 24.81
N VAL A 228 15.67 2.05 25.44
CA VAL A 228 15.32 3.41 25.11
C VAL A 228 16.53 4.35 25.25
N THR A 229 17.31 4.14 26.31
CA THR A 229 18.46 5.01 26.54
C THR A 229 19.50 4.74 25.46
N ARG A 230 19.65 3.46 25.10
CA ARG A 230 20.55 3.06 24.03
C ARG A 230 20.18 3.81 22.74
N LYS A 231 18.88 3.82 22.42
CA LYS A 231 18.45 4.38 21.15
C LYS A 231 18.67 5.89 21.17
N THR A 232 18.37 6.50 22.33
CA THR A 232 18.62 7.92 22.58
C THR A 232 20.08 8.30 22.33
N LEU A 233 21.01 7.55 22.94
CA LEU A 233 22.42 7.85 22.76
C LEU A 233 22.86 7.68 21.29
N MET A 234 22.28 6.69 20.62
CA MET A 234 22.58 6.50 19.21
C MET A 234 22.21 7.73 18.39
N SER A 235 21.03 8.32 18.67
CA SER A 235 20.57 9.49 17.92
C SER A 235 21.50 10.67 18.22
N LEU A 236 21.80 10.86 19.50
CA LEU A 236 22.61 11.97 19.97
C LEU A 236 24.02 11.89 19.38
N SER A 237 24.63 10.69 19.38
CA SER A 237 25.97 10.52 18.84
C SER A 237 26.01 10.88 17.35
N GLU A 238 24.91 10.58 16.65
CA GLU A 238 24.79 10.78 15.22
C GLU A 238 24.52 12.26 14.92
N ALA A 239 23.44 12.82 15.49
CA ALA A 239 23.02 14.19 15.33
C ALA A 239 24.02 15.22 15.92
N GLU A 240 24.69 14.91 17.02
CA GLU A 240 25.47 15.91 17.73
C GLU A 240 26.98 15.73 17.57
N LEU A 241 27.46 14.48 17.49
CA LEU A 241 28.89 14.28 17.39
C LEU A 241 29.30 13.90 15.97
N ASP A 242 28.30 13.75 15.08
CA ASP A 242 28.47 13.28 13.72
C ASP A 242 29.19 11.93 13.67
N SER A 243 28.83 11.05 14.61
CA SER A 243 29.51 9.80 14.85
C SER A 243 28.45 8.71 15.00
N PRO A 244 27.92 8.13 13.90
CA PRO A 244 26.97 7.02 14.04
C PRO A 244 27.60 5.91 14.90
N VAL A 245 26.79 5.36 15.80
CA VAL A 245 27.11 4.17 16.57
C VAL A 245 27.10 2.95 15.65
N ILE A 246 28.20 2.17 15.71
CA ILE A 246 28.30 0.96 14.93
C ILE A 246 27.75 -0.20 15.77
N GLU A 247 26.76 -0.90 15.24
CA GLU A 247 26.16 -2.05 15.90
C GLU A 247 26.79 -3.31 15.32
N ARG A 248 27.64 -3.97 16.10
CA ARG A 248 28.35 -5.16 15.64
C ARG A 248 28.60 -6.05 16.86
N ASP A 249 28.79 -7.35 16.63
CA ASP A 249 29.19 -8.18 17.77
C ASP A 249 30.51 -7.67 18.35
N MET A 250 30.63 -7.85 19.68
CA MET A 250 31.83 -7.45 20.41
C MET A 250 32.36 -8.64 21.21
N ASP A 251 33.70 -8.75 21.34
CA ASP A 251 34.28 -9.78 22.19
C ASP A 251 34.65 -9.20 23.55
N ARG A 252 34.64 -10.08 24.54
CA ARG A 252 35.16 -9.85 25.87
C ARG A 252 36.49 -9.10 25.78
N THR A 253 37.44 -9.60 24.97
CA THR A 253 38.81 -9.11 25.10
C THR A 253 38.93 -7.72 24.45
N GLU A 254 37.95 -7.30 23.67
CA GLU A 254 37.95 -5.94 23.15
C GLU A 254 37.82 -4.95 24.30
N LEU A 255 37.12 -5.31 25.39
CA LEU A 255 36.92 -4.35 26.46
C LEU A 255 38.25 -4.00 27.13
N TYR A 256 39.25 -4.86 27.00
CA TYR A 256 40.52 -4.57 27.66
C TYR A 256 41.35 -3.59 26.82
N ILE A 257 40.94 -3.35 25.57
CA ILE A 257 41.79 -2.54 24.72
C ILE A 257 41.05 -1.31 24.21
N ALA A 258 39.76 -1.21 24.52
CA ALA A 258 38.94 -0.09 24.11
C ALA A 258 39.46 1.19 24.79
N GLU A 259 39.18 2.36 24.17
CA GLU A 259 39.53 3.62 24.78
C GLU A 259 38.55 3.92 25.90
N GLU A 260 37.27 3.51 25.76
CA GLU A 260 36.28 3.81 26.79
C GLU A 260 35.22 2.72 26.81
N VAL A 261 34.53 2.59 27.96
CA VAL A 261 33.40 1.70 28.08
C VAL A 261 32.43 2.41 29.03
N PHE A 262 31.14 2.28 28.75
CA PHE A 262 30.13 2.88 29.62
C PHE A 262 28.81 2.15 29.39
N LEU A 263 27.90 2.28 30.36
CA LEU A 263 26.65 1.55 30.39
C LEU A 263 25.53 2.56 30.36
N CYS A 264 24.37 2.16 29.83
CA CYS A 264 23.25 3.10 29.87
C CYS A 264 21.94 2.35 30.08
N GLY A 265 20.96 3.02 30.69
CA GLY A 265 19.57 2.58 30.74
C GLY A 265 18.82 3.62 31.56
N THR A 266 17.49 3.44 31.70
CA THR A 266 16.76 4.45 32.42
C THR A 266 17.32 4.60 33.83
N ILE A 267 17.39 3.49 34.59
CA ILE A 267 17.75 3.62 36.01
C ILE A 267 19.22 4.02 36.08
N ALA A 268 20.02 3.41 35.22
CA ALA A 268 21.47 3.53 35.26
C ALA A 268 21.92 4.90 34.78
N GLU A 269 21.14 5.55 33.87
CA GLU A 269 21.55 6.78 33.21
C GLU A 269 22.76 6.52 32.31
N ILE A 270 23.89 7.21 32.53
CA ILE A 270 25.13 6.82 31.85
C ILE A 270 26.22 6.61 32.88
N LEU A 271 26.71 5.35 32.96
CA LEU A 271 27.73 4.93 33.92
C LEU A 271 29.04 4.62 33.19
N PRO A 272 30.11 5.41 33.44
CA PRO A 272 31.42 5.11 32.88
C PRO A 272 31.95 3.86 33.58
N VAL A 273 32.57 2.95 32.82
CA VAL A 273 33.20 1.79 33.39
C VAL A 273 34.72 1.95 33.30
N THR A 274 35.41 2.12 34.44
CA THR A 274 36.84 2.41 34.39
C THR A 274 37.72 1.20 34.63
N THR A 275 37.19 0.09 35.18
CA THR A 275 37.93 -1.17 35.27
C THR A 275 37.03 -2.36 34.90
N ILE A 276 37.57 -3.35 34.19
CA ILE A 276 36.95 -4.64 33.94
C ILE A 276 37.89 -5.74 34.42
N ASP A 277 37.39 -6.57 35.35
CA ASP A 277 38.19 -7.59 36.03
C ASP A 277 39.47 -6.95 36.57
N ARG A 278 39.36 -5.70 37.06
CA ARG A 278 40.46 -4.94 37.64
C ARG A 278 41.50 -4.52 36.60
N ILE A 279 41.27 -4.76 35.29
CA ILE A 279 42.10 -4.14 34.28
C ILE A 279 41.57 -2.72 34.00
N GLN A 280 42.47 -1.74 33.89
CA GLN A 280 42.08 -0.37 33.59
C GLN A 280 41.58 -0.27 32.15
N VAL A 281 40.37 0.32 31.98
CA VAL A 281 39.85 0.63 30.65
C VAL A 281 40.55 1.90 30.17
N GLY A 282 41.22 1.80 29.02
CA GLY A 282 42.06 2.88 28.55
C GLY A 282 43.06 3.28 29.64
N ASP A 283 43.09 4.56 30.00
CA ASP A 283 44.02 5.10 31.00
C ASP A 283 43.31 5.15 32.36
N GLY A 284 42.12 4.53 32.44
CA GLY A 284 41.45 4.35 33.72
C GLY A 284 40.61 5.53 34.17
N GLU A 285 40.57 6.63 33.39
CA GLU A 285 39.77 7.80 33.73
C GLU A 285 38.47 7.76 32.94
N VAL A 286 37.43 8.49 33.37
CA VAL A 286 36.27 8.71 32.53
C VAL A 286 36.70 9.35 31.19
N GLY A 287 36.27 8.77 30.06
CA GLY A 287 36.77 9.12 28.74
C GLY A 287 36.02 10.31 28.17
N PRO A 288 36.60 11.04 27.18
CA PRO A 288 35.94 12.25 26.64
C PRO A 288 34.60 11.96 25.97
N VAL A 289 34.48 10.84 25.25
CA VAL A 289 33.22 10.56 24.56
C VAL A 289 32.10 10.34 25.57
N THR A 290 32.40 9.57 26.61
CA THR A 290 31.50 9.34 27.71
C THR A 290 31.00 10.67 28.31
N ARG A 291 31.94 11.53 28.74
CA ARG A 291 31.62 12.83 29.29
C ARG A 291 30.70 13.61 28.34
N ARG A 292 31.07 13.64 27.05
CA ARG A 292 30.36 14.40 26.04
C ARG A 292 28.92 13.87 25.94
N LEU A 293 28.78 12.54 25.95
CA LEU A 293 27.47 11.93 25.89
C LEU A 293 26.73 12.15 27.21
N GLN A 294 27.43 12.15 28.33
CA GLN A 294 26.78 12.52 29.58
C GLN A 294 26.24 13.94 29.52
N GLU A 295 27.05 14.88 29.00
CA GLU A 295 26.60 16.27 28.92
C GLU A 295 25.36 16.39 28.02
N LEU A 296 25.38 15.71 26.86
CA LEU A 296 24.22 15.80 26.00
C LEU A 296 23.01 15.22 26.72
N TYR A 297 23.20 14.02 27.28
CA TYR A 297 22.09 13.29 27.85
C TYR A 297 21.50 14.04 29.02
N PHE A 298 22.34 14.55 29.93
CA PHE A 298 21.80 15.30 31.07
C PHE A 298 21.17 16.58 30.58
N GLY A 299 21.75 17.18 29.52
CA GLY A 299 21.15 18.35 28.93
C GLY A 299 19.74 18.07 28.42
N VAL A 300 19.56 16.94 27.74
CA VAL A 300 18.32 16.63 27.05
C VAL A 300 17.23 16.32 28.06
N THR A 301 17.58 15.48 29.02
CA THR A 301 16.59 14.94 29.93
C THR A 301 16.10 16.04 30.86
N SER A 302 16.94 17.04 31.19
CA SER A 302 16.51 18.04 32.16
C SER A 302 15.84 19.23 31.48
N GLY A 303 15.86 19.22 30.12
CA GLY A 303 15.11 20.22 29.38
C GLY A 303 15.91 21.49 29.12
N GLN A 304 17.22 21.32 28.92
CA GLN A 304 18.08 22.47 28.67
C GLN A 304 18.37 22.62 27.18
N LEU A 305 18.04 21.60 26.37
CA LEU A 305 18.35 21.70 24.94
C LEU A 305 17.04 21.67 24.16
N GLU A 306 16.67 22.83 23.62
CA GLU A 306 15.38 23.07 23.00
C GLU A 306 15.15 22.14 21.82
N ALA A 307 16.25 21.76 21.16
CA ALA A 307 16.15 20.99 19.93
C ALA A 307 15.46 19.65 20.21
N TYR A 308 15.57 19.17 21.47
CA TYR A 308 15.12 17.84 21.84
C TYR A 308 13.86 17.88 22.71
N LYS A 309 13.23 19.05 22.84
CA LYS A 309 12.13 19.29 23.78
C LYS A 309 10.99 18.30 23.50
N SER A 310 10.85 17.82 22.27
CA SER A 310 9.67 17.02 21.98
C SER A 310 9.81 15.60 22.55
N TRP A 311 10.94 15.28 23.19
CA TRP A 311 11.11 14.04 23.95
C TRP A 311 10.53 14.11 25.36
N LEU A 312 10.12 15.31 25.80
CA LEU A 312 9.90 15.57 27.22
C LEU A 312 8.41 15.77 27.44
N LEU A 313 7.85 15.20 28.52
CA LEU A 313 6.48 15.52 28.83
C LEU A 313 6.45 16.33 30.12
N PRO A 314 6.09 17.64 30.03
CA PRO A 314 5.96 18.47 31.23
C PRO A 314 4.79 17.99 32.09
N VAL A 315 4.96 17.93 33.42
CA VAL A 315 3.96 17.34 34.30
C VAL A 315 3.01 18.38 34.86
N TYR A 316 3.55 19.49 35.36
CA TYR A 316 2.71 20.48 35.98
C TYR A 316 2.24 21.50 34.96
N PRO B 12 -3.26 36.36 18.50
CA PRO B 12 -2.56 35.65 17.43
C PRO B 12 -1.46 34.71 17.93
N PRO B 13 -1.14 33.59 17.22
CA PRO B 13 -0.07 32.67 17.65
C PRO B 13 1.35 33.21 17.54
N ARG B 14 2.29 32.60 18.25
CA ARG B 14 3.67 33.05 18.29
C ARG B 14 4.44 32.68 17.01
N TYR B 15 4.20 31.48 16.46
CA TYR B 15 5.04 31.05 15.35
C TYR B 15 4.21 30.55 14.18
N GLY B 16 4.85 30.51 13.01
CA GLY B 16 4.39 29.67 11.92
C GLY B 16 5.58 28.86 11.42
N TRP B 17 5.35 28.10 10.34
CA TRP B 17 6.40 27.23 9.83
C TRP B 17 6.52 27.41 8.32
N MET B 18 7.75 27.67 7.84
CA MET B 18 7.93 27.83 6.39
C MET B 18 9.21 27.11 5.96
N ASN B 19 9.09 26.25 4.95
CA ASN B 19 10.24 25.69 4.26
C ASN B 19 11.23 25.08 5.26
N GLY B 20 10.70 24.33 6.22
CA GLY B 20 11.49 23.46 7.09
C GLY B 20 11.81 24.03 8.48
N GLN B 21 11.35 25.24 8.82
CA GLN B 21 11.65 25.79 10.14
C GLN B 21 10.55 26.67 10.70
N CYS B 22 10.45 26.63 12.05
CA CYS B 22 9.60 27.56 12.78
C CYS B 22 10.17 28.96 12.67
N ILE B 23 9.30 29.94 12.47
CA ILE B 23 9.75 31.33 12.40
C ILE B 23 8.64 32.21 13.00
N PRO B 24 8.96 33.38 13.61
CA PRO B 24 7.94 34.24 14.21
C PRO B 24 6.80 34.48 13.23
N TRP B 25 5.59 34.50 13.78
CA TRP B 25 4.35 34.70 13.04
C TRP B 25 4.43 35.92 12.13
N ASP B 26 4.97 37.01 12.69
CA ASP B 26 5.19 38.28 12.06
C ASP B 26 5.85 38.17 10.69
N GLN B 27 6.74 37.20 10.50
CA GLN B 27 7.50 37.26 9.26
C GLN B 27 7.19 36.08 8.35
N CYS B 28 5.98 35.52 8.50
CA CYS B 28 5.47 34.51 7.57
C CYS B 28 4.78 35.20 6.38
N SER B 29 5.62 35.49 5.37
CA SER B 29 5.38 36.43 4.32
C SER B 29 5.83 35.86 2.98
N LEU B 30 5.17 36.28 1.92
CA LEU B 30 5.55 35.98 0.54
C LEU B 30 5.68 37.28 -0.24
N HIS B 31 6.65 37.32 -1.15
CA HIS B 31 6.81 38.47 -2.03
C HIS B 31 5.56 38.65 -2.89
N VAL B 32 5.24 39.91 -3.23
CA VAL B 32 4.00 40.17 -3.94
C VAL B 32 4.09 39.56 -5.34
N SER B 33 5.32 39.38 -5.83
CA SER B 33 5.48 38.86 -7.17
C SER B 33 5.43 37.33 -7.21
N THR B 34 5.26 36.63 -6.08
CA THR B 34 5.13 35.17 -6.17
C THR B 34 3.77 34.81 -6.73
N GLN B 35 3.66 33.65 -7.40
CA GLN B 35 2.38 33.25 -7.95
C GLN B 35 1.42 33.02 -6.79
N ALA B 36 1.94 32.63 -5.65
CA ALA B 36 1.06 32.36 -4.51
C ALA B 36 0.37 33.66 -4.09
N ALA B 37 1.17 34.71 -3.80
CA ALA B 37 0.65 35.98 -3.35
C ALA B 37 -0.26 36.60 -4.43
N PHE B 38 0.13 36.52 -5.69
CA PHE B 38 -0.53 37.26 -6.75
C PHE B 38 -1.82 36.55 -7.20
N PHE B 39 -1.74 35.24 -7.45
CA PHE B 39 -2.85 34.48 -8.05
C PHE B 39 -3.63 33.69 -7.00
N GLY B 40 -3.13 33.65 -5.78
CA GLY B 40 -3.68 32.70 -4.83
C GLY B 40 -3.32 31.25 -5.19
N ALA B 41 -2.17 31.05 -5.81
CA ALA B 41 -1.74 29.73 -6.25
C ALA B 41 -1.03 29.00 -5.08
N SER B 42 -1.78 28.73 -4.01
CA SER B 42 -1.40 27.82 -2.95
C SER B 42 -2.41 26.68 -2.94
N LEU B 43 -1.91 25.46 -3.12
CA LEU B 43 -2.65 24.26 -2.83
C LEU B 43 -2.65 24.06 -1.32
N PHE B 44 -3.83 23.87 -0.72
CA PHE B 44 -3.80 23.79 0.73
C PHE B 44 -4.72 22.69 1.29
N GLU B 45 -4.43 22.32 2.55
CA GLU B 45 -5.29 21.46 3.34
C GLU B 45 -5.62 22.17 4.65
N GLY B 46 -6.92 22.20 4.97
CA GLY B 46 -7.41 22.51 6.32
C GLY B 46 -7.32 21.26 7.21
N VAL B 47 -6.67 21.39 8.38
CA VAL B 47 -6.54 20.22 9.26
C VAL B 47 -6.90 20.70 10.65
N ARG B 48 -7.65 19.90 11.39
CA ARG B 48 -7.95 20.25 12.75
C ARG B 48 -7.14 19.35 13.71
N ALA B 49 -6.64 19.95 14.81
CA ALA B 49 -6.22 19.18 15.95
C ALA B 49 -7.26 19.36 17.06
N TYR B 50 -7.65 18.23 17.70
CA TYR B 50 -8.60 18.31 18.80
C TYR B 50 -7.96 18.05 20.17
N TRP B 51 -8.30 18.94 21.10
CA TRP B 51 -7.74 18.89 22.44
C TRP B 51 -8.65 18.05 23.33
N ASN B 52 -8.07 17.06 24.01
CA ASN B 52 -8.82 16.27 24.97
C ASN B 52 -8.36 16.69 26.36
N ALA B 53 -9.26 17.34 27.11
CA ALA B 53 -8.98 17.87 28.44
C ALA B 53 -8.72 16.74 29.44
N GLU B 54 -9.53 15.67 29.39
CA GLU B 54 -9.38 14.54 30.30
C GLU B 54 -7.94 13.98 30.37
N ARG B 55 -7.26 13.85 29.20
CA ARG B 55 -5.95 13.23 29.06
C ARG B 55 -4.82 14.26 28.84
N GLU B 56 -5.22 15.51 28.61
CA GLU B 56 -4.27 16.59 28.33
C GLU B 56 -3.44 16.26 27.09
N GLN B 57 -4.11 15.80 26.02
CA GLN B 57 -3.50 15.47 24.74
C GLN B 57 -4.20 16.21 23.58
N LEU B 58 -3.43 16.50 22.52
CA LEU B 58 -3.86 17.10 21.27
C LEU B 58 -3.71 16.05 20.16
N TYR B 59 -4.80 15.80 19.42
CA TYR B 59 -4.84 14.78 18.35
C TYR B 59 -5.11 15.46 17.01
N VAL B 60 -4.15 15.35 16.08
CA VAL B 60 -4.42 15.86 14.74
C VAL B 60 -5.30 14.82 14.02
N PHE B 61 -6.30 15.29 13.28
CA PHE B 61 -7.30 14.35 12.79
C PHE B 61 -7.06 14.01 11.33
N ARG B 62 -6.80 12.74 11.02
CA ARG B 62 -6.67 12.27 9.65
C ARG B 62 -5.65 13.08 8.87
N LEU B 63 -4.53 13.48 9.48
CA LEU B 63 -3.50 14.21 8.76
C LEU B 63 -3.11 13.47 7.47
N ASP B 64 -3.00 12.15 7.54
CA ASP B 64 -2.49 11.36 6.43
C ASP B 64 -3.46 11.45 5.24
N GLU B 65 -4.76 11.43 5.52
CA GLU B 65 -5.68 11.54 4.41
C GLU B 65 -5.55 12.90 3.73
N HIS B 66 -5.31 13.94 4.54
CA HIS B 66 -5.13 15.30 4.04
C HIS B 66 -3.85 15.40 3.18
N LEU B 67 -2.75 14.80 3.63
CA LEU B 67 -1.51 14.86 2.87
C LEU B 67 -1.61 14.09 1.57
N ARG B 68 -2.38 12.99 1.56
CA ARG B 68 -2.54 12.20 0.35
C ARG B 68 -3.29 13.07 -0.66
N ARG B 69 -4.30 13.84 -0.19
CA ARG B 69 -5.08 14.66 -1.08
C ARG B 69 -4.24 15.78 -1.70
N LEU B 70 -3.38 16.39 -0.86
CA LEU B 70 -2.45 17.44 -1.29
C LEU B 70 -1.54 16.96 -2.41
N GLU B 71 -0.92 15.81 -2.21
CA GLU B 71 0.04 15.30 -3.17
C GLU B 71 -0.67 14.96 -4.48
N GLN B 72 -1.92 14.48 -4.39
CA GLN B 72 -2.62 14.06 -5.59
C GLN B 72 -3.08 15.30 -6.36
N SER B 73 -3.50 16.31 -5.61
CA SER B 73 -3.92 17.57 -6.22
C SER B 73 -2.75 18.29 -6.88
N ALA B 74 -1.52 18.10 -6.36
CA ALA B 74 -0.35 18.76 -6.88
C ALA B 74 -0.02 18.27 -8.28
N LYS B 75 -0.43 17.06 -8.62
CA LYS B 75 -0.18 16.49 -9.95
C LYS B 75 -0.88 17.32 -11.01
N MET B 76 -2.20 17.51 -10.83
CA MET B 76 -3.06 18.17 -11.81
C MET B 76 -2.51 19.60 -12.07
N LEU B 77 -1.90 20.22 -11.04
CA LEU B 77 -1.37 21.56 -11.12
C LEU B 77 0.05 21.58 -11.67
N ARG B 78 0.65 20.42 -11.95
CA ARG B 78 2.06 20.31 -12.34
C ARG B 78 2.96 21.01 -11.33
N MET B 79 2.63 20.84 -10.04
CA MET B 79 3.36 21.42 -8.95
C MET B 79 4.25 20.35 -8.31
N LYS B 80 5.57 20.51 -8.36
CA LYS B 80 6.49 19.59 -7.68
C LYS B 80 6.60 19.97 -6.20
N LEU B 81 6.31 19.02 -5.31
CA LEU B 81 6.43 19.26 -3.88
C LEU B 81 7.86 19.67 -3.53
N SER B 82 7.94 20.65 -2.65
CA SER B 82 9.18 21.32 -2.29
C SER B 82 10.03 20.38 -1.40
N MET B 83 9.34 19.47 -0.71
CA MET B 83 9.96 18.47 0.14
C MET B 83 8.98 17.29 0.22
N PRO B 84 9.42 16.07 0.66
CA PRO B 84 8.52 14.91 0.66
C PRO B 84 7.41 15.09 1.70
N ILE B 85 6.29 14.37 1.52
CA ILE B 85 5.16 14.60 2.41
C ILE B 85 5.51 14.28 3.86
N ALA B 86 6.37 13.26 4.06
CA ALA B 86 6.83 12.91 5.40
C ALA B 86 7.43 14.13 6.12
N ASP B 87 8.14 15.02 5.41
CA ASP B 87 8.72 16.23 6.00
C ASP B 87 7.67 17.26 6.36
N ILE B 88 6.62 17.29 5.54
CA ILE B 88 5.52 18.21 5.78
C ILE B 88 4.78 17.80 7.06
N ARG B 89 4.55 16.48 7.19
CA ARG B 89 3.98 15.89 8.40
C ARG B 89 4.79 16.32 9.62
N GLN B 90 6.11 16.19 9.52
CA GLN B 90 7.00 16.62 10.59
C GLN B 90 6.77 18.09 10.91
N GLY B 91 6.66 18.90 9.84
CA GLY B 91 6.39 20.32 9.98
C GLY B 91 5.14 20.63 10.80
N VAL B 92 4.02 19.96 10.48
CA VAL B 92 2.77 20.15 11.22
C VAL B 92 3.00 19.93 12.71
N LEU B 93 3.74 18.88 13.03
CA LEU B 93 4.06 18.61 14.42
C LEU B 93 4.91 19.74 15.01
N GLU B 94 5.99 20.12 14.31
CA GLU B 94 6.89 21.13 14.84
C GLU B 94 6.06 22.37 15.19
N LEU B 95 5.10 22.68 14.32
CA LEU B 95 4.33 23.92 14.49
C LEU B 95 3.37 23.81 15.67
N LEU B 96 2.64 22.70 15.77
CA LEU B 96 1.73 22.56 16.89
C LEU B 96 2.52 22.72 18.20
N ARG B 97 3.75 22.16 18.23
CA ARG B 97 4.55 22.08 19.43
C ARG B 97 5.16 23.44 19.76
N ALA B 98 5.68 24.13 18.75
CA ALA B 98 6.32 25.42 18.98
C ALA B 98 5.29 26.38 19.59
N ASN B 99 4.02 26.25 19.17
CA ASN B 99 3.02 27.15 19.69
C ASN B 99 2.44 26.70 21.02
N GLU B 100 2.78 25.47 21.50
CA GLU B 100 2.35 24.97 22.80
C GLU B 100 0.83 25.03 22.95
N PHE B 101 0.09 24.64 21.92
CA PHE B 101 -1.35 24.70 21.90
C PHE B 101 -1.99 23.75 22.92
N ARG B 102 -2.90 24.29 23.73
CA ARG B 102 -3.65 23.50 24.68
C ARG B 102 -5.15 23.67 24.40
N SER B 103 -5.53 23.68 23.13
CA SER B 103 -6.94 23.71 22.77
C SER B 103 -7.09 23.30 21.32
N ASP B 104 -8.33 23.16 20.84
CA ASP B 104 -8.59 22.95 19.43
C ASP B 104 -7.74 23.91 18.58
N VAL B 105 -7.30 23.46 17.41
CA VAL B 105 -6.42 24.22 16.51
C VAL B 105 -6.92 23.96 15.10
N HIS B 106 -7.02 25.05 14.32
CA HIS B 106 -7.21 24.97 12.90
C HIS B 106 -5.88 25.25 12.23
N LEU B 107 -5.49 24.40 11.29
CA LEU B 107 -4.21 24.43 10.61
C LEU B 107 -4.47 24.59 9.12
N TYR B 108 -3.60 25.37 8.47
CA TYR B 108 -3.52 25.36 7.03
C TYR B 108 -2.14 24.81 6.68
N VAL B 109 -2.12 23.80 5.81
CA VAL B 109 -0.84 23.34 5.29
C VAL B 109 -0.88 23.58 3.80
N ALA B 110 0.17 24.25 3.31
CA ALA B 110 0.14 24.82 1.97
C ALA B 110 1.39 24.43 1.19
N SER B 111 1.17 23.99 -0.06
CA SER B 111 2.23 24.03 -1.05
C SER B 111 1.92 25.05 -2.12
N TYR B 112 2.88 25.98 -2.27
CA TYR B 112 2.62 27.22 -2.99
C TYR B 112 3.66 27.37 -4.10
N PHE B 113 3.21 28.05 -5.17
CA PHE B 113 4.14 28.44 -6.23
C PHE B 113 4.85 29.73 -5.84
N GLY B 114 6.17 29.78 -6.08
CA GLY B 114 6.99 30.96 -5.79
C GLY B 114 7.16 31.88 -7.00
N ILE B 115 8.42 32.32 -7.20
CA ILE B 115 8.86 33.28 -8.21
C ILE B 115 8.80 32.58 -9.55
N ASN B 116 8.42 33.29 -10.62
CA ASN B 116 8.30 32.62 -11.91
C ASN B 116 9.64 32.44 -12.58
N HIS B 117 9.76 31.29 -13.26
CA HIS B 117 10.99 30.79 -13.87
C HIS B 117 10.95 30.98 -15.39
N ASP B 118 9.85 31.56 -15.89
CA ASP B 118 9.54 31.60 -17.31
C ASP B 118 9.02 32.99 -17.68
N PRO B 119 9.26 33.47 -18.92
CA PRO B 119 8.69 34.74 -19.38
C PRO B 119 7.16 34.82 -19.31
N ASP B 120 6.46 33.70 -19.45
CA ASP B 120 5.00 33.67 -19.43
C ASP B 120 4.50 33.61 -17.98
N PRO B 121 3.77 34.63 -17.47
CA PRO B 121 3.39 34.65 -16.04
C PRO B 121 2.25 33.69 -15.68
N LEU B 122 1.64 33.08 -16.70
CA LEU B 122 0.55 32.17 -16.44
C LEU B 122 1.00 30.70 -16.45
N PHE B 123 2.32 30.45 -16.61
CA PHE B 123 2.88 29.11 -16.64
C PHE B 123 3.40 28.82 -15.24
N PRO B 124 3.21 27.60 -14.69
CA PRO B 124 3.59 27.37 -13.28
C PRO B 124 5.10 27.26 -13.17
N THR B 125 5.65 27.55 -11.99
CA THR B 125 7.08 27.50 -11.84
C THR B 125 7.47 26.25 -11.08
N ASP B 126 8.75 25.89 -11.17
CA ASP B 126 9.45 24.92 -10.37
C ASP B 126 9.80 25.45 -8.99
N ASP B 127 9.82 26.77 -8.83
CA ASP B 127 10.11 27.34 -7.51
C ASP B 127 8.86 27.18 -6.65
N THR B 128 8.97 26.26 -5.69
CA THR B 128 7.89 25.76 -4.87
C THR B 128 8.35 25.83 -3.41
N GLY B 129 7.41 26.09 -2.50
CA GLY B 129 7.65 25.97 -1.08
C GLY B 129 6.46 25.36 -0.33
N VAL B 130 6.58 25.32 1.01
CA VAL B 130 5.52 24.81 1.86
C VAL B 130 5.48 25.67 3.11
N TYR B 131 4.27 25.84 3.65
CA TYR B 131 4.20 26.43 4.96
C TYR B 131 3.03 25.81 5.70
N VAL B 132 3.06 26.03 7.02
CA VAL B 132 2.02 25.54 7.92
C VAL B 132 1.73 26.65 8.92
N THR B 133 0.43 26.87 9.11
CA THR B 133 -0.12 27.91 9.95
C THR B 133 -1.11 27.22 10.87
N GLY B 134 -1.21 27.71 12.10
CA GLY B 134 -2.24 27.22 12.99
C GLY B 134 -2.67 28.30 13.97
N THR B 135 -3.97 28.33 14.29
CA THR B 135 -4.49 29.22 15.31
C THR B 135 -5.45 28.44 16.20
N ALA B 136 -5.52 28.82 17.47
CA ALA B 136 -6.51 28.28 18.38
C ALA B 136 -7.89 28.67 17.88
N VAL B 137 -8.84 27.73 17.94
CA VAL B 137 -10.25 27.97 17.67
C VAL B 137 -11.07 27.23 18.73
N SER B 138 -12.36 27.57 18.89
CA SER B 138 -13.19 26.71 19.71
C SER B 138 -14.50 26.42 19.01
N ARG B 139 -15.26 25.48 19.57
CA ARG B 139 -16.49 25.00 18.94
C ARG B 139 -17.52 26.12 18.93
N LEU B 140 -18.12 26.35 17.75
CA LEU B 140 -19.17 27.35 17.59
C LEU B 140 -20.41 26.85 18.36
N PRO B 141 -21.14 27.73 19.08
CA PRO B 141 -22.48 27.36 19.59
C PRO B 141 -23.51 26.96 18.50
N LEU B 142 -23.20 27.30 17.23
CA LEU B 142 -24.06 26.99 16.10
C LEU B 142 -24.14 25.48 15.83
N VAL B 143 -23.08 24.73 16.21
CA VAL B 143 -23.02 23.28 16.15
C VAL B 143 -24.21 22.70 16.92
N HIS B 144 -24.50 23.28 18.09
CA HIS B 144 -25.66 22.84 18.86
C HIS B 144 -27.00 23.42 18.34
N THR B 145 -27.01 24.70 17.89
CA THR B 145 -28.21 25.46 17.65
C THR B 145 -28.82 25.13 16.30
N GLY B 146 -27.97 24.93 15.31
CA GLY B 146 -28.41 24.96 13.91
C GLY B 146 -28.31 26.35 13.29
N ILE B 147 -28.26 26.39 11.95
CA ILE B 147 -28.05 27.63 11.22
C ILE B 147 -29.12 27.77 10.16
N SER B 148 -29.30 29.01 9.66
CA SER B 148 -30.13 29.31 8.50
C SER B 148 -29.26 29.31 7.25
N ALA B 149 -29.78 28.77 6.14
CA ALA B 149 -29.13 28.88 4.83
C ALA B 149 -30.11 29.49 3.83
N CYS B 150 -29.58 30.05 2.72
CA CYS B 150 -30.43 30.48 1.60
C CYS B 150 -29.86 29.78 0.37
N MET B 151 -30.66 29.66 -0.71
CA MET B 151 -30.10 29.27 -2.03
C MET B 151 -29.35 30.47 -2.58
N SER B 152 -28.17 30.24 -3.20
CA SER B 152 -27.37 31.30 -3.78
C SER B 152 -27.94 31.73 -5.13
N SER B 153 -27.76 33.01 -5.48
CA SER B 153 -27.99 33.47 -6.85
C SER B 153 -26.78 33.12 -7.74
N TRP B 154 -25.60 32.82 -7.15
CA TRP B 154 -24.40 32.46 -7.91
C TRP B 154 -24.42 30.95 -8.19
N ARG B 155 -23.89 30.53 -9.35
CA ARG B 155 -23.79 29.13 -9.67
C ARG B 155 -22.36 28.65 -9.36
N ARG B 156 -22.25 27.37 -9.00
CA ARG B 156 -21.00 26.76 -8.59
C ARG B 156 -20.10 26.68 -9.82
N ILE B 157 -18.80 26.94 -9.60
CA ILE B 157 -17.81 26.72 -10.65
C ILE B 157 -17.86 25.25 -11.13
N SER B 158 -17.45 24.98 -12.37
CA SER B 158 -17.57 23.62 -12.91
C SER B 158 -16.21 22.96 -13.13
N ASP B 159 -16.24 21.63 -13.15
CA ASP B 159 -15.06 20.79 -13.24
C ASP B 159 -14.17 21.16 -14.43
N ASP B 160 -14.75 21.31 -15.62
CA ASP B 160 -13.94 21.57 -16.80
C ASP B 160 -13.64 23.07 -17.03
N SER B 161 -13.71 23.84 -15.95
CA SER B 161 -13.54 25.27 -16.03
C SER B 161 -12.56 25.73 -14.93
N VAL B 162 -12.97 25.61 -13.68
CA VAL B 162 -12.10 25.79 -12.53
C VAL B 162 -12.49 24.68 -11.53
N PRO B 163 -11.78 23.53 -11.50
CA PRO B 163 -12.27 22.36 -10.77
C PRO B 163 -12.42 22.53 -9.26
N PRO B 164 -13.66 22.46 -8.74
CA PRO B 164 -13.88 22.52 -7.31
C PRO B 164 -13.21 21.36 -6.55
N ARG B 165 -12.80 20.31 -7.25
CA ARG B 165 -12.08 19.21 -6.60
C ARG B 165 -10.66 19.59 -6.07
N ILE B 166 -10.07 20.69 -6.54
CA ILE B 166 -8.72 21.14 -6.19
C ILE B 166 -8.83 22.24 -5.14
N LYS B 167 -8.28 22.00 -3.94
CA LYS B 167 -8.39 22.94 -2.85
C LYS B 167 -7.23 23.92 -2.96
N ILE B 168 -7.43 24.98 -3.74
CA ILE B 168 -6.43 26.00 -4.01
C ILE B 168 -7.01 27.36 -3.67
N GLY B 169 -6.19 28.23 -3.04
CA GLY B 169 -6.60 29.56 -2.65
C GLY B 169 -7.52 30.23 -3.68
N ALA B 170 -7.08 30.23 -4.94
CA ALA B 170 -7.72 30.90 -6.05
C ALA B 170 -9.18 30.47 -6.22
N ASN B 171 -9.51 29.22 -5.88
CA ASN B 171 -10.81 28.65 -6.23
C ASN B 171 -11.91 29.09 -5.28
N TYR B 172 -11.59 29.98 -4.34
CA TYR B 172 -12.60 30.39 -3.40
C TYR B 172 -13.33 31.67 -3.81
N GLN B 173 -13.04 32.26 -4.95
CA GLN B 173 -13.79 33.43 -5.35
C GLN B 173 -15.30 33.07 -5.43
N ASN B 174 -15.62 31.90 -6.03
CA ASN B 174 -16.96 31.41 -6.16
C ASN B 174 -17.61 31.38 -4.77
N SER B 175 -16.90 30.80 -3.81
CA SER B 175 -17.32 30.75 -2.41
C SER B 175 -17.49 32.13 -1.76
N ARG B 176 -16.52 33.04 -1.92
CA ARG B 176 -16.59 34.34 -1.27
C ARG B 176 -17.81 35.12 -1.77
N LEU B 177 -18.14 35.01 -3.06
CA LEU B 177 -19.30 35.76 -3.57
C LEU B 177 -20.59 35.18 -2.96
N ALA B 178 -20.74 33.86 -2.97
CA ALA B 178 -21.93 33.23 -2.42
C ALA B 178 -22.04 33.53 -0.92
N GLN B 179 -20.90 33.50 -0.21
CA GLN B 179 -20.93 33.65 1.24
C GLN B 179 -21.19 35.09 1.65
N THR B 180 -20.59 36.02 0.89
CA THR B 180 -20.84 37.43 1.14
C THR B 180 -22.33 37.72 0.98
N GLU B 181 -22.88 37.23 -0.13
CA GLU B 181 -24.27 37.52 -0.41
C GLU B 181 -25.17 36.95 0.69
N ALA B 182 -24.90 35.70 1.12
CA ALA B 182 -25.67 35.10 2.19
C ALA B 182 -25.67 36.00 3.42
N ARG B 183 -24.48 36.43 3.82
CA ARG B 183 -24.42 37.22 5.06
C ARG B 183 -25.10 38.56 4.86
N VAL B 184 -24.93 39.15 3.68
CA VAL B 184 -25.58 40.43 3.44
C VAL B 184 -27.10 40.26 3.60
N ASN B 185 -27.61 39.09 3.25
CA ASN B 185 -29.05 38.87 3.24
C ASN B 185 -29.53 38.31 4.58
N GLY B 186 -28.67 38.18 5.60
CA GLY B 186 -29.15 37.78 6.91
C GLY B 186 -29.10 36.26 7.16
N TYR B 187 -28.31 35.49 6.42
CA TYR B 187 -28.23 34.03 6.55
C TYR B 187 -26.81 33.68 6.99
N HIS B 188 -26.60 32.49 7.59
CA HIS B 188 -25.27 32.03 7.95
C HIS B 188 -24.51 31.58 6.70
N THR B 189 -25.19 30.99 5.71
CA THR B 189 -24.45 30.55 4.55
C THR B 189 -25.48 30.24 3.45
N SER B 190 -24.99 29.75 2.31
CA SER B 190 -25.91 29.53 1.23
C SER B 190 -25.54 28.24 0.53
N VAL B 191 -26.46 27.78 -0.32
CA VAL B 191 -26.29 26.57 -1.09
C VAL B 191 -26.20 26.97 -2.57
N LEU B 192 -25.12 26.55 -3.26
CA LEU B 192 -25.01 26.85 -4.68
C LEU B 192 -25.54 25.68 -5.50
N LEU B 193 -26.34 26.03 -6.53
CA LEU B 193 -26.66 25.08 -7.59
C LEU B 193 -25.50 25.05 -8.58
N ASN B 194 -25.25 23.92 -9.23
CA ASN B 194 -24.20 23.79 -10.22
C ASN B 194 -24.85 24.06 -11.59
N SER B 195 -24.08 23.94 -12.65
CA SER B 195 -24.62 24.38 -13.93
C SER B 195 -25.65 23.38 -14.48
N ARG B 196 -25.83 22.22 -13.86
CA ARG B 196 -26.94 21.34 -14.27
C ARG B 196 -28.20 21.62 -13.44
N GLY B 197 -28.19 22.68 -12.63
CA GLY B 197 -29.32 23.06 -11.82
C GLY B 197 -29.50 22.17 -10.60
N LYS B 198 -28.46 21.43 -10.15
CA LYS B 198 -28.57 20.50 -9.02
C LYS B 198 -27.74 21.08 -7.87
N VAL B 199 -28.04 20.61 -6.66
CA VAL B 199 -27.32 20.97 -5.45
C VAL B 199 -25.85 20.58 -5.55
N SER B 200 -24.94 21.51 -5.27
CA SER B 200 -23.52 21.14 -5.22
C SER B 200 -23.08 21.21 -3.77
N GLU B 201 -22.63 22.38 -3.26
CA GLU B 201 -22.38 22.46 -1.83
C GLU B 201 -22.58 23.90 -1.35
N THR B 202 -22.00 24.18 -0.21
CA THR B 202 -22.01 25.47 0.48
C THR B 202 -20.63 26.10 0.33
N PRO B 203 -20.47 27.45 0.47
CA PRO B 203 -19.19 28.06 0.19
C PRO B 203 -18.05 27.37 0.95
N GLY B 204 -18.28 26.84 2.16
CA GLY B 204 -17.14 26.26 2.85
C GLY B 204 -17.42 24.91 3.50
N ALA B 205 -18.37 24.12 3.00
CA ALA B 205 -18.75 22.85 3.62
C ALA B 205 -19.62 22.09 2.61
N CYS B 206 -19.56 20.76 2.68
CA CYS B 206 -20.44 19.87 1.94
C CYS B 206 -21.81 19.86 2.60
N LEU B 207 -22.86 19.56 1.82
CA LEU B 207 -24.21 19.48 2.33
C LEU B 207 -24.72 18.04 2.24
N LEU B 208 -25.44 17.59 3.27
CA LEU B 208 -26.13 16.31 3.23
C LEU B 208 -27.56 16.55 3.67
N MET B 209 -28.48 15.62 3.31
CA MET B 209 -29.86 15.67 3.80
C MET B 209 -30.32 14.26 4.18
N VAL B 210 -31.45 14.20 4.88
CA VAL B 210 -32.07 12.95 5.21
C VAL B 210 -33.48 12.95 4.59
N ARG B 211 -33.75 11.92 3.76
CA ARG B 211 -35.08 11.70 3.20
C ARG B 211 -35.40 10.21 3.30
N ASP B 212 -36.66 9.89 3.67
CA ASP B 212 -37.12 8.54 3.96
C ASP B 212 -36.10 7.74 4.76
N GLY B 213 -35.62 8.29 5.87
CA GLY B 213 -34.75 7.57 6.78
C GLY B 213 -33.29 7.51 6.32
N ARG B 214 -32.93 7.97 5.09
CA ARG B 214 -31.59 7.72 4.59
C ARG B 214 -30.81 9.04 4.49
N VAL B 215 -29.50 8.95 4.71
CA VAL B 215 -28.58 10.05 4.51
C VAL B 215 -28.18 10.10 3.04
N ILE B 216 -28.26 11.31 2.47
CA ILE B 216 -28.09 11.48 1.03
C ILE B 216 -27.14 12.66 0.83
N SER B 217 -26.21 12.48 -0.10
CA SER B 217 -25.33 13.58 -0.46
C SER B 217 -25.06 13.64 -1.96
N PRO B 218 -24.74 14.81 -2.51
CA PRO B 218 -24.44 14.91 -3.94
C PRO B 218 -23.22 14.07 -4.28
N PRO B 219 -23.11 13.56 -5.52
CA PRO B 219 -21.95 12.77 -5.93
C PRO B 219 -20.73 13.65 -6.12
N VAL B 220 -19.57 13.05 -6.42
CA VAL B 220 -18.32 13.82 -6.53
C VAL B 220 -18.32 14.56 -7.89
N THR B 221 -19.29 14.28 -8.75
CA THR B 221 -19.44 14.91 -10.05
C THR B 221 -20.48 16.06 -9.99
N ALA B 222 -20.89 16.50 -8.79
CA ALA B 222 -21.83 17.62 -8.68
C ALA B 222 -21.05 18.93 -8.44
N ASP B 223 -19.74 18.94 -8.73
CA ASP B 223 -18.92 20.14 -8.56
C ASP B 223 -18.71 20.48 -7.09
N ILE B 224 -18.24 19.48 -6.34
CA ILE B 224 -17.97 19.66 -4.91
C ILE B 224 -16.51 19.33 -4.66
N LEU B 225 -16.00 19.85 -3.55
CA LEU B 225 -14.72 19.31 -3.11
C LEU B 225 -14.95 17.94 -2.46
N GLU B 226 -14.03 16.96 -2.70
CA GLU B 226 -14.15 15.63 -2.08
C GLU B 226 -13.65 15.68 -0.64
N SER B 227 -14.51 16.14 0.26
CA SER B 227 -14.27 16.44 1.65
C SER B 227 -13.84 15.18 2.41
N VAL B 228 -12.77 15.33 3.19
CA VAL B 228 -12.33 14.35 4.14
C VAL B 228 -13.40 14.16 5.22
N THR B 229 -14.06 15.26 5.64
CA THR B 229 -15.12 15.14 6.64
C THR B 229 -16.28 14.34 6.04
N ARG B 230 -16.62 14.65 4.77
CA ARG B 230 -17.66 13.93 4.07
C ARG B 230 -17.35 12.42 4.09
N LYS B 231 -16.10 12.06 3.75
CA LYS B 231 -15.78 10.65 3.57
C LYS B 231 -15.83 9.99 4.96
N THR B 232 -15.34 10.70 6.00
CA THR B 232 -15.42 10.29 7.38
C THR B 232 -16.84 9.95 7.80
N LEU B 233 -17.76 10.86 7.57
CA LEU B 233 -19.16 10.65 7.93
C LEU B 233 -19.75 9.46 7.15
N MET B 234 -19.32 9.29 5.90
CA MET B 234 -19.82 8.16 5.13
C MET B 234 -19.41 6.85 5.77
N SER B 235 -18.15 6.75 6.25
CA SER B 235 -17.65 5.53 6.88
C SER B 235 -18.43 5.27 8.15
N LEU B 236 -18.58 6.33 8.96
CA LEU B 236 -19.21 6.23 10.27
C LEU B 236 -20.68 5.83 10.10
N SER B 237 -21.40 6.44 9.15
CA SER B 237 -22.80 6.14 8.95
C SER B 237 -23.00 4.66 8.57
N GLU B 238 -22.04 4.13 7.82
CA GLU B 238 -22.08 2.79 7.28
C GLU B 238 -21.66 1.78 8.37
N ALA B 239 -20.45 1.95 8.93
CA ALA B 239 -19.90 1.11 9.97
C ALA B 239 -20.69 1.17 11.28
N GLU B 240 -21.24 2.34 11.66
CA GLU B 240 -21.76 2.51 13.00
C GLU B 240 -23.28 2.53 13.03
N LEU B 241 -23.94 3.09 12.01
CA LEU B 241 -25.39 3.21 12.02
C LEU B 241 -26.02 2.17 11.08
N ASP B 242 -25.18 1.44 10.34
CA ASP B 242 -25.59 0.51 9.30
C ASP B 242 -26.49 1.16 8.26
N SER B 243 -26.10 2.37 7.87
CA SER B 243 -26.90 3.24 7.03
C SER B 243 -25.96 3.82 5.98
N PRO B 244 -25.66 3.08 4.88
CA PRO B 244 -24.84 3.65 3.83
C PRO B 244 -25.50 4.95 3.34
N VAL B 245 -24.64 5.97 3.10
CA VAL B 245 -24.98 7.22 2.50
C VAL B 245 -25.21 6.96 1.02
N ILE B 246 -26.33 7.49 0.50
CA ILE B 246 -26.68 7.41 -0.92
C ILE B 246 -26.07 8.64 -1.61
N GLU B 247 -25.24 8.43 -2.61
CA GLU B 247 -24.64 9.51 -3.38
C GLU B 247 -25.46 9.67 -4.66
N ARG B 248 -26.26 10.73 -4.74
CA ARG B 248 -27.09 10.95 -5.91
C ARG B 248 -27.26 12.47 -6.12
N ASP B 249 -27.54 12.90 -7.34
CA ASP B 249 -27.98 14.25 -7.53
C ASP B 249 -29.17 14.60 -6.63
N MET B 250 -29.19 15.87 -6.19
CA MET B 250 -30.26 16.38 -5.34
C MET B 250 -30.80 17.70 -5.91
N ASP B 251 -32.11 17.98 -5.71
CA ASP B 251 -32.67 19.21 -6.20
C ASP B 251 -32.85 20.18 -5.05
N ARG B 252 -32.82 21.48 -5.38
CA ARG B 252 -33.16 22.52 -4.43
C ARG B 252 -34.45 22.18 -3.70
N THR B 253 -35.52 21.77 -4.42
CA THR B 253 -36.81 21.70 -3.74
C THR B 253 -36.89 20.48 -2.82
N GLU B 254 -35.96 19.54 -2.95
CA GLU B 254 -35.89 18.46 -1.96
C GLU B 254 -35.57 19.00 -0.56
N LEU B 255 -34.80 20.10 -0.47
CA LEU B 255 -34.39 20.58 0.86
C LEU B 255 -35.58 21.07 1.64
N TYR B 256 -36.67 21.43 0.93
CA TYR B 256 -37.82 21.94 1.66
C TYR B 256 -38.65 20.80 2.26
N ILE B 257 -38.35 19.54 1.86
CA ILE B 257 -39.24 18.47 2.27
C ILE B 257 -38.47 17.39 3.04
N ALA B 258 -37.14 17.52 3.08
CA ALA B 258 -36.26 16.58 3.73
C ALA B 258 -36.55 16.60 5.24
N GLU B 259 -36.25 15.46 5.91
CA GLU B 259 -36.43 15.42 7.35
C GLU B 259 -35.31 16.22 8.03
N GLU B 260 -34.10 16.26 7.45
CA GLU B 260 -32.99 16.96 8.04
C GLU B 260 -32.06 17.46 6.94
N VAL B 261 -31.26 18.50 7.28
CA VAL B 261 -30.17 18.92 6.42
C VAL B 261 -29.03 19.35 7.33
N PHE B 262 -27.79 19.07 6.92
CA PHE B 262 -26.66 19.48 7.71
C PHE B 262 -25.42 19.58 6.82
N LEU B 263 -24.39 20.32 7.28
CA LEU B 263 -23.20 20.61 6.51
C LEU B 263 -22.01 19.99 7.21
N CYS B 264 -20.91 19.73 6.49
CA CYS B 264 -19.75 19.21 7.16
C CYS B 264 -18.49 19.67 6.44
N GLY B 265 -17.37 19.83 7.19
CA GLY B 265 -16.04 20.04 6.65
C GLY B 265 -15.10 20.20 7.86
N THR B 266 -13.80 20.32 7.59
CA THR B 266 -12.89 20.45 8.71
C THR B 266 -13.27 21.67 9.54
N ILE B 267 -13.34 22.89 8.92
CA ILE B 267 -13.49 24.04 9.81
C ILE B 267 -14.92 24.05 10.31
N ALA B 268 -15.85 23.65 9.45
CA ALA B 268 -17.26 23.70 9.76
C ALA B 268 -17.68 22.67 10.81
N GLU B 269 -16.97 21.54 10.89
CA GLU B 269 -17.39 20.40 11.73
C GLU B 269 -18.70 19.81 11.19
N ILE B 270 -19.74 19.71 12.00
CA ILE B 270 -21.06 19.30 11.52
C ILE B 270 -22.08 20.32 11.98
N LEU B 271 -22.70 21.01 10.99
CA LEU B 271 -23.61 22.12 11.23
C LEU B 271 -25.02 21.73 10.78
N PRO B 272 -25.96 21.65 11.72
CA PRO B 272 -27.36 21.37 11.37
C PRO B 272 -27.92 22.60 10.68
N VAL B 273 -28.70 22.39 9.62
CA VAL B 273 -29.38 23.48 8.94
C VAL B 273 -30.87 23.42 9.25
N THR B 274 -31.40 24.37 10.03
CA THR B 274 -32.79 24.28 10.45
C THR B 274 -33.77 25.13 9.64
N THR B 275 -33.27 26.11 8.85
CA THR B 275 -34.11 26.80 7.86
C THR B 275 -33.36 26.97 6.54
N ILE B 276 -34.08 26.85 5.41
CA ILE B 276 -33.58 27.21 4.08
C ILE B 276 -34.55 28.22 3.46
N ASP B 277 -34.03 29.40 3.10
CA ASP B 277 -34.85 30.50 2.61
C ASP B 277 -36.02 30.74 3.57
N ARG B 278 -35.76 30.59 4.89
CA ARG B 278 -36.76 30.79 5.94
C ARG B 278 -37.87 29.74 5.88
N ILE B 279 -37.74 28.68 5.07
CA ILE B 279 -38.59 27.50 5.24
C ILE B 279 -37.99 26.62 6.34
N GLN B 280 -38.82 26.15 7.30
CA GLN B 280 -38.33 25.22 8.33
C GLN B 280 -37.97 23.88 7.71
N VAL B 281 -36.76 23.38 7.97
CA VAL B 281 -36.35 22.03 7.60
C VAL B 281 -36.97 21.05 8.56
N GLY B 282 -37.74 20.11 8.03
CA GLY B 282 -38.54 19.23 8.86
C GLY B 282 -39.34 20.04 9.86
N ASP B 283 -39.18 19.71 11.14
CA ASP B 283 -39.91 20.32 12.25
C ASP B 283 -39.08 21.46 12.83
N GLY B 284 -37.97 21.81 12.18
CA GLY B 284 -37.19 22.98 12.54
C GLY B 284 -36.23 22.80 13.72
N GLU B 285 -36.16 21.58 14.29
CA GLU B 285 -35.21 21.24 15.32
C GLU B 285 -34.00 20.53 14.71
N VAL B 286 -32.86 20.48 15.42
CA VAL B 286 -31.78 19.61 14.98
C VAL B 286 -32.29 18.16 14.93
N GLY B 287 -32.06 17.45 13.81
CA GLY B 287 -32.67 16.14 13.62
C GLY B 287 -31.89 15.02 14.29
N PRO B 288 -32.49 13.83 14.56
CA PRO B 288 -31.82 12.76 15.29
C PRO B 288 -30.59 12.21 14.55
N VAL B 289 -30.65 12.13 13.21
CA VAL B 289 -29.53 11.56 12.47
C VAL B 289 -28.32 12.48 12.61
N THR B 290 -28.57 13.79 12.50
CA THR B 290 -27.56 14.81 12.67
C THR B 290 -26.87 14.67 14.03
N ARG B 291 -27.68 14.68 15.10
CA ARG B 291 -27.18 14.52 16.46
C ARG B 291 -26.31 13.27 16.58
N ARG B 292 -26.81 12.15 16.05
CA ARG B 292 -26.15 10.86 16.14
C ARG B 292 -24.79 10.95 15.45
N LEU B 293 -24.77 11.60 14.27
CA LEU B 293 -23.53 11.78 13.52
C LEU B 293 -22.59 12.74 14.26
N GLN B 294 -23.18 13.77 14.89
CA GLN B 294 -22.37 14.64 15.72
C GLN B 294 -21.71 13.86 16.85
N GLU B 295 -22.50 12.98 17.51
CA GLU B 295 -21.96 12.23 18.64
C GLU B 295 -20.82 11.32 18.18
N LEU B 296 -21.00 10.62 17.04
CA LEU B 296 -19.94 9.72 16.61
C LEU B 296 -18.70 10.55 16.32
N TYR B 297 -18.90 11.64 15.56
CA TYR B 297 -17.79 12.40 15.05
C TYR B 297 -17.03 13.05 16.21
N PHE B 298 -17.73 13.64 17.17
CA PHE B 298 -17.05 14.25 18.31
C PHE B 298 -16.38 13.16 19.15
N GLY B 299 -17.03 11.99 19.21
CA GLY B 299 -16.40 10.85 19.87
C GLY B 299 -15.03 10.49 19.26
N VAL B 300 -15.00 10.43 17.93
CA VAL B 300 -13.84 9.93 17.22
C VAL B 300 -12.71 10.96 17.30
N THR B 301 -13.06 12.25 17.07
CA THR B 301 -12.06 13.28 16.93
C THR B 301 -11.39 13.54 18.30
N SER B 302 -12.11 13.33 19.41
CA SER B 302 -11.53 13.63 20.71
C SER B 302 -10.78 12.42 21.28
N GLY B 303 -10.92 11.27 20.61
CA GLY B 303 -10.11 10.11 20.96
C GLY B 303 -10.81 9.25 21.99
N GLN B 304 -12.14 9.20 21.99
CA GLN B 304 -12.83 8.40 22.98
C GLN B 304 -13.31 7.07 22.40
N LEU B 305 -13.19 6.88 21.08
CA LEU B 305 -13.59 5.62 20.49
C LEU B 305 -12.34 4.96 19.91
N GLU B 306 -11.92 3.89 20.61
CA GLU B 306 -10.64 3.25 20.37
C GLU B 306 -10.61 2.65 18.98
N ALA B 307 -11.79 2.26 18.46
CA ALA B 307 -11.85 1.57 17.19
C ALA B 307 -11.25 2.45 16.09
N TYR B 308 -11.27 3.79 16.28
CA TYR B 308 -10.90 4.74 15.24
C TYR B 308 -9.56 5.40 15.52
N LYS B 309 -8.82 4.92 16.52
CA LYS B 309 -7.53 5.47 16.94
C LYS B 309 -6.57 5.70 15.78
N SER B 310 -6.63 4.94 14.70
CA SER B 310 -5.57 5.10 13.71
C SER B 310 -5.81 6.33 12.84
N TRP B 311 -6.93 7.03 13.06
CA TRP B 311 -7.20 8.31 12.39
C TRP B 311 -6.53 9.48 13.13
N LEU B 312 -5.95 9.24 14.32
CA LEU B 312 -5.60 10.34 15.22
C LEU B 312 -4.08 10.39 15.36
N LEU B 313 -3.46 11.59 15.24
CA LEU B 313 -2.04 11.62 15.50
C LEU B 313 -1.79 12.43 16.78
N PRO B 314 -1.33 11.76 17.86
CA PRO B 314 -1.01 12.47 19.12
C PRO B 314 0.14 13.44 18.92
N VAL B 315 0.06 14.63 19.52
CA VAL B 315 1.08 15.66 19.32
C VAL B 315 2.18 15.62 20.36
N TYR B 316 1.84 15.46 21.63
CA TYR B 316 2.84 15.65 22.68
C TYR B 316 3.18 14.30 23.27
N GLU B 317 4.33 14.22 23.95
CA GLU B 317 4.58 12.94 24.62
C GLU B 317 3.35 12.53 25.44
N LYS C 10 -72.68 12.07 -20.33
CA LYS C 10 -73.00 13.54 -20.43
C LYS C 10 -72.85 14.18 -19.04
N ALA C 11 -73.70 13.75 -18.09
CA ALA C 11 -74.17 14.54 -16.95
C ALA C 11 -73.19 14.58 -15.77
N PRO C 12 -73.05 15.78 -15.14
CA PRO C 12 -72.07 16.05 -14.09
C PRO C 12 -72.49 15.57 -12.69
N PRO C 13 -71.64 15.62 -11.63
CA PRO C 13 -72.09 15.31 -10.26
C PRO C 13 -73.01 16.32 -9.61
N ARG C 14 -73.74 15.92 -8.58
CA ARG C 14 -74.68 16.77 -7.87
C ARG C 14 -73.96 17.78 -6.95
N TYR C 15 -72.88 17.40 -6.26
CA TYR C 15 -72.29 18.30 -5.28
C TYR C 15 -70.79 18.44 -5.46
N GLY C 16 -70.23 19.53 -4.92
CA GLY C 16 -68.82 19.60 -4.63
C GLY C 16 -68.68 20.04 -3.17
N TRP C 17 -67.45 20.18 -2.69
CA TRP C 17 -67.22 20.50 -1.28
C TRP C 17 -66.24 21.66 -1.19
N MET C 18 -66.61 22.71 -0.46
CA MET C 18 -65.73 23.86 -0.30
C MET C 18 -65.76 24.31 1.15
N ASN C 19 -64.57 24.45 1.74
CA ASN C 19 -64.40 25.13 3.02
C ASN C 19 -65.32 24.56 4.07
N GLY C 20 -65.43 23.22 4.12
CA GLY C 20 -66.06 22.50 5.22
C GLY C 20 -67.51 22.05 4.95
N GLN C 21 -68.07 22.31 3.74
CA GLN C 21 -69.43 21.86 3.47
C GLN C 21 -69.68 21.51 2.00
N CYS C 22 -70.59 20.55 1.82
CA CYS C 22 -71.06 20.17 0.50
C CYS C 22 -71.96 21.29 0.01
N ILE C 23 -71.84 21.60 -1.27
CA ILE C 23 -72.66 22.64 -1.86
C ILE C 23 -72.97 22.22 -3.29
N PRO C 24 -74.12 22.63 -3.89
CA PRO C 24 -74.48 22.21 -5.25
C PRO C 24 -73.30 22.49 -6.19
N TRP C 25 -73.11 21.55 -7.13
CA TRP C 25 -72.00 21.59 -8.07
C TRP C 25 -71.92 22.93 -8.77
N ASP C 26 -73.09 23.45 -9.21
CA ASP C 26 -73.07 24.65 -10.00
C ASP C 26 -72.58 25.87 -9.22
N GLN C 27 -72.47 25.85 -7.89
CA GLN C 27 -71.98 27.08 -7.29
C GLN C 27 -70.62 26.88 -6.64
N CYS C 28 -69.83 25.94 -7.19
CA CYS C 28 -68.44 25.76 -6.82
C CYS C 28 -67.55 26.68 -7.67
N SER C 29 -67.38 27.89 -7.12
CA SER C 29 -66.94 29.08 -7.83
C SER C 29 -65.87 29.80 -7.03
N LEU C 30 -64.91 30.34 -7.77
CA LEU C 30 -63.97 31.30 -7.20
C LEU C 30 -64.06 32.62 -7.95
N HIS C 31 -64.01 33.72 -7.20
CA HIS C 31 -63.98 35.05 -7.79
C HIS C 31 -62.78 35.19 -8.73
N VAL C 32 -62.95 35.98 -9.80
CA VAL C 32 -61.92 36.01 -10.83
C VAL C 32 -60.66 36.66 -10.24
N SER C 33 -60.85 37.48 -9.20
CA SER C 33 -59.72 38.17 -8.61
C SER C 33 -58.99 37.30 -7.57
N THR C 34 -59.39 36.06 -7.31
CA THR C 34 -58.60 35.24 -6.39
C THR C 34 -57.32 34.78 -7.08
N GLN C 35 -56.27 34.51 -6.27
CA GLN C 35 -55.03 34.06 -6.88
C GLN C 35 -55.27 32.70 -7.52
N ALA C 36 -56.21 31.94 -6.97
CA ALA C 36 -56.48 30.61 -7.52
C ALA C 36 -57.00 30.75 -8.96
N ALA C 37 -58.08 31.51 -9.13
CA ALA C 37 -58.71 31.69 -10.43
C ALA C 37 -57.72 32.35 -11.42
N PHE C 38 -56.98 33.36 -10.97
CA PHE C 38 -56.22 34.21 -11.87
C PHE C 38 -54.91 33.55 -12.27
N PHE C 39 -54.16 32.99 -11.28
CA PHE C 39 -52.83 32.46 -11.52
C PHE C 39 -52.85 30.94 -11.66
N GLY C 40 -53.98 30.30 -11.35
CA GLY C 40 -53.98 28.86 -11.16
C GLY C 40 -53.22 28.44 -9.90
N ALA C 41 -53.26 29.30 -8.87
CA ALA C 41 -52.55 29.06 -7.61
C ALA C 41 -53.39 28.18 -6.69
N SER C 42 -53.62 26.92 -7.12
CA SER C 42 -54.20 25.88 -6.30
C SER C 42 -53.17 24.75 -6.24
N LEU C 43 -52.76 24.42 -5.02
CA LEU C 43 -52.03 23.20 -4.78
C LEU C 43 -53.03 22.05 -4.74
N PHE C 44 -52.80 20.97 -5.51
CA PHE C 44 -53.81 19.95 -5.51
C PHE C 44 -53.25 18.51 -5.46
N GLU C 45 -54.16 17.58 -5.10
CA GLU C 45 -53.93 16.14 -5.22
C GLU C 45 -55.02 15.51 -6.08
N GLY C 46 -54.60 14.72 -7.08
CA GLY C 46 -55.48 13.75 -7.74
C GLY C 46 -55.61 12.47 -6.89
N VAL C 47 -56.85 12.03 -6.60
CA VAL C 47 -57.02 10.86 -5.76
C VAL C 47 -58.08 10.00 -6.42
N ARG C 48 -57.88 8.69 -6.42
CA ARG C 48 -58.88 7.83 -7.00
C ARG C 48 -59.58 7.05 -5.90
N ALA C 49 -60.90 6.90 -6.02
CA ALA C 49 -61.64 5.89 -5.27
C ALA C 49 -61.99 4.75 -6.24
N TYR C 50 -61.76 3.51 -5.82
CA TYR C 50 -62.12 2.36 -6.65
C TYR C 50 -63.34 1.62 -6.11
N TRP C 51 -64.26 1.35 -7.05
CA TRP C 51 -65.49 0.67 -6.72
C TRP C 51 -65.31 -0.82 -6.89
N ASN C 52 -65.65 -1.58 -5.85
CA ASN C 52 -65.65 -3.02 -5.97
C ASN C 52 -67.11 -3.49 -6.03
N ALA C 53 -67.52 -4.00 -7.21
CA ALA C 53 -68.88 -4.43 -7.51
C ALA C 53 -69.29 -5.62 -6.63
N GLU C 54 -68.42 -6.62 -6.51
CA GLU C 54 -68.68 -7.77 -5.64
C GLU C 54 -68.38 -7.28 -4.20
N ARG C 55 -69.41 -6.92 -3.40
CA ARG C 55 -69.15 -6.27 -2.09
C ARG C 55 -69.80 -4.89 -2.03
N GLU C 56 -69.89 -4.19 -3.17
CA GLU C 56 -70.60 -2.93 -3.22
C GLU C 56 -69.97 -1.91 -2.27
N GLN C 57 -68.63 -1.78 -2.35
CA GLN C 57 -67.84 -0.84 -1.55
C GLN C 57 -66.94 0.03 -2.45
N LEU C 58 -66.70 1.26 -2.00
CA LEU C 58 -65.81 2.23 -2.61
C LEU C 58 -64.59 2.46 -1.69
N TYR C 59 -63.38 2.31 -2.24
CA TYR C 59 -62.12 2.41 -1.49
C TYR C 59 -61.29 3.57 -2.02
N VAL C 60 -61.07 4.59 -1.19
CA VAL C 60 -60.16 5.65 -1.62
C VAL C 60 -58.73 5.12 -1.51
N PHE C 61 -57.89 5.38 -2.51
CA PHE C 61 -56.60 4.70 -2.52
C PHE C 61 -55.50 5.64 -1.99
N ARG C 62 -54.83 5.22 -0.90
CA ARG C 62 -53.68 5.95 -0.38
C ARG C 62 -53.99 7.43 -0.16
N LEU C 63 -55.15 7.73 0.42
CA LEU C 63 -55.50 9.11 0.70
C LEU C 63 -54.41 9.77 1.56
N ASP C 64 -53.91 9.05 2.56
CA ASP C 64 -52.99 9.65 3.51
C ASP C 64 -51.68 10.01 2.81
N GLU C 65 -51.23 9.17 1.86
CA GLU C 65 -49.99 9.54 1.18
C GLU C 65 -50.21 10.85 0.40
N HIS C 66 -51.41 11.00 -0.19
CA HIS C 66 -51.76 12.20 -0.95
C HIS C 66 -51.80 13.43 -0.06
N LEU C 67 -52.44 13.32 1.12
CA LEU C 67 -52.57 14.46 2.00
C LEU C 67 -51.19 14.84 2.58
N ARG C 68 -50.30 13.87 2.78
CA ARG C 68 -48.98 14.16 3.30
C ARG C 68 -48.23 14.97 2.25
N ARG C 69 -48.42 14.64 0.97
CA ARG C 69 -47.72 15.35 -0.08
C ARG C 69 -48.23 16.80 -0.21
N LEU C 70 -49.55 16.96 -0.07
CA LEU C 70 -50.18 18.28 -0.10
C LEU C 70 -49.59 19.20 0.99
N GLU C 71 -49.55 18.68 2.22
CA GLU C 71 -49.09 19.48 3.34
C GLU C 71 -47.62 19.86 3.17
N GLN C 72 -46.83 18.96 2.58
CA GLN C 72 -45.42 19.19 2.42
C GLN C 72 -45.19 20.22 1.31
N SER C 73 -45.98 20.09 0.25
CA SER C 73 -45.90 21.03 -0.86
C SER C 73 -46.33 22.43 -0.44
N ALA C 74 -47.26 22.54 0.54
CA ALA C 74 -47.77 23.82 0.96
C ALA C 74 -46.67 24.66 1.65
N LYS C 75 -45.66 23.98 2.23
CA LYS C 75 -44.56 24.67 2.89
C LYS C 75 -43.82 25.55 1.89
N MET C 76 -43.34 24.93 0.80
CA MET C 76 -42.50 25.56 -0.21
C MET C 76 -43.22 26.80 -0.77
N LEU C 77 -44.57 26.74 -0.84
CA LEU C 77 -45.39 27.82 -1.37
C LEU C 77 -45.70 28.88 -0.31
N ARG C 78 -45.28 28.68 0.94
CA ARG C 78 -45.64 29.54 2.06
C ARG C 78 -47.16 29.65 2.19
N MET C 79 -47.87 28.55 1.97
CA MET C 79 -49.32 28.53 1.99
C MET C 79 -49.78 27.87 3.29
N LYS C 80 -50.43 28.59 4.20
CA LYS C 80 -50.98 28.01 5.41
C LYS C 80 -52.34 27.33 5.11
N LEU C 81 -52.44 26.04 5.45
CA LEU C 81 -53.66 25.29 5.23
C LEU C 81 -54.80 25.94 6.00
N SER C 82 -55.97 25.98 5.32
CA SER C 82 -57.16 26.66 5.77
C SER C 82 -57.79 25.92 6.94
N MET C 83 -57.55 24.61 6.99
CA MET C 83 -58.05 23.74 8.03
C MET C 83 -57.08 22.57 8.13
N PRO C 84 -57.05 21.80 9.25
CA PRO C 84 -56.09 20.71 9.40
C PRO C 84 -56.34 19.59 8.38
N ILE C 85 -55.29 18.81 8.07
CA ILE C 85 -55.43 17.73 7.10
C ILE C 85 -56.53 16.74 7.50
N ALA C 86 -56.68 16.48 8.80
CA ALA C 86 -57.70 15.57 9.28
C ALA C 86 -59.09 16.03 8.80
N ASP C 87 -59.36 17.33 8.72
CA ASP C 87 -60.64 17.86 8.27
C ASP C 87 -60.81 17.70 6.77
N ILE C 88 -59.68 17.76 6.06
CA ILE C 88 -59.69 17.59 4.62
C ILE C 88 -60.05 16.15 4.28
N ARG C 89 -59.45 15.21 5.03
CA ARG C 89 -59.77 13.79 4.95
C ARG C 89 -61.27 13.60 5.12
N GLN C 90 -61.82 14.22 6.18
CA GLN C 90 -63.25 14.17 6.44
C GLN C 90 -64.03 14.67 5.24
N GLY C 91 -63.55 15.80 4.67
CA GLY C 91 -64.19 16.39 3.52
C GLY C 91 -64.28 15.43 2.33
N VAL C 92 -63.17 14.74 1.99
CA VAL C 92 -63.18 13.79 0.89
C VAL C 92 -64.29 12.75 1.11
N LEU C 93 -64.40 12.26 2.35
CA LEU C 93 -65.47 11.34 2.66
C LEU C 93 -66.84 11.97 2.48
N GLU C 94 -67.06 13.15 3.07
CA GLU C 94 -68.34 13.82 2.99
C GLU C 94 -68.76 13.93 1.51
N LEU C 95 -67.79 14.24 0.67
CA LEU C 95 -68.10 14.51 -0.72
C LEU C 95 -68.43 13.21 -1.47
N LEU C 96 -67.62 12.17 -1.27
CA LEU C 96 -67.93 10.93 -1.94
C LEU C 96 -69.35 10.48 -1.55
N ARG C 97 -69.73 10.69 -0.29
CA ARG C 97 -70.99 10.21 0.25
C ARG C 97 -72.15 11.04 -0.25
N ALA C 98 -71.99 12.37 -0.26
CA ALA C 98 -73.06 13.25 -0.70
C ALA C 98 -73.43 12.91 -2.15
N ASN C 99 -72.44 12.53 -2.96
CA ASN C 99 -72.72 12.24 -4.37
C ASN C 99 -73.19 10.81 -4.57
N GLU C 100 -73.10 9.93 -3.53
CA GLU C 100 -73.61 8.57 -3.60
C GLU C 100 -72.99 7.80 -4.78
N PHE C 101 -71.69 7.95 -4.98
CA PHE C 101 -70.99 7.32 -6.08
C PHE C 101 -70.99 5.78 -5.98
N ARG C 102 -71.37 5.14 -7.08
CA ARG C 102 -71.35 3.69 -7.17
C ARG C 102 -70.47 3.27 -8.34
N SER C 103 -69.35 3.96 -8.52
CA SER C 103 -68.35 3.55 -9.51
C SER C 103 -67.02 4.21 -9.18
N ASP C 104 -65.96 3.86 -9.90
CA ASP C 104 -64.69 4.58 -9.82
C ASP C 104 -64.96 6.09 -9.79
N VAL C 105 -64.10 6.81 -9.05
CA VAL C 105 -64.23 8.26 -8.90
C VAL C 105 -62.83 8.83 -8.98
N HIS C 106 -62.71 9.90 -9.77
CA HIS C 106 -61.53 10.74 -9.76
C HIS C 106 -61.84 11.98 -8.93
N LEU C 107 -60.94 12.29 -7.99
CA LEU C 107 -61.12 13.39 -7.05
C LEU C 107 -59.97 14.37 -7.22
N TYR C 108 -60.29 15.66 -7.07
CA TYR C 108 -59.25 16.66 -6.90
C TYR C 108 -59.45 17.25 -5.51
N VAL C 109 -58.39 17.25 -4.72
CA VAL C 109 -58.45 17.96 -3.46
C VAL C 109 -57.45 19.10 -3.52
N ALA C 110 -57.95 20.31 -3.22
CA ALA C 110 -57.21 21.52 -3.55
C ALA C 110 -57.12 22.44 -2.35
N SER C 111 -55.91 22.94 -2.11
CA SER C 111 -55.68 24.05 -1.19
C SER C 111 -55.24 25.26 -2.02
N TYR C 112 -56.06 26.32 -1.97
CA TYR C 112 -55.96 27.39 -2.95
C TYR C 112 -55.75 28.73 -2.24
N PHE C 113 -55.07 29.65 -2.94
CA PHE C 113 -54.93 31.00 -2.44
C PHE C 113 -56.16 31.81 -2.84
N GLY C 114 -56.69 32.60 -1.90
CA GLY C 114 -57.86 33.45 -2.16
C GLY C 114 -57.53 34.87 -2.57
N ILE C 115 -58.21 35.84 -1.95
CA ILE C 115 -58.16 37.28 -2.23
C ILE C 115 -56.81 37.77 -1.72
N ASN C 116 -56.19 38.71 -2.43
CA ASN C 116 -54.90 39.25 -2.06
C ASN C 116 -55.01 40.20 -0.87
N HIS C 117 -54.03 40.08 0.05
CA HIS C 117 -54.03 40.79 1.32
C HIS C 117 -52.96 41.87 1.34
N ASP C 118 -52.28 42.05 0.20
CA ASP C 118 -51.04 42.82 0.12
C ASP C 118 -51.05 43.66 -1.16
N PRO C 119 -50.43 44.87 -1.17
CA PRO C 119 -50.30 45.67 -2.39
C PRO C 119 -49.63 44.96 -3.56
N ASP C 120 -48.73 44.03 -3.29
CA ASP C 120 -47.98 43.33 -4.32
C ASP C 120 -48.80 42.14 -4.83
N PRO C 121 -49.21 42.10 -6.12
CA PRO C 121 -50.08 41.01 -6.62
C PRO C 121 -49.37 39.66 -6.81
N LEU C 122 -48.04 39.70 -6.73
CA LEU C 122 -47.25 38.50 -6.89
C LEU C 122 -46.80 37.90 -5.57
N PHE C 123 -47.28 38.42 -4.44
CA PHE C 123 -46.95 37.92 -3.12
C PHE C 123 -48.10 37.03 -2.66
N PRO C 124 -47.87 35.89 -1.98
CA PRO C 124 -48.97 35.00 -1.63
C PRO C 124 -49.81 35.62 -0.51
N THR C 125 -51.10 35.24 -0.43
CA THR C 125 -51.92 35.77 0.65
C THR C 125 -52.08 34.70 1.73
N ASP C 126 -52.51 35.12 2.92
CA ASP C 126 -52.93 34.25 3.99
C ASP C 126 -54.37 33.83 3.84
N ASP C 127 -55.13 34.51 2.96
CA ASP C 127 -56.51 34.08 2.73
C ASP C 127 -56.47 32.82 1.87
N THR C 128 -56.81 31.70 2.52
CA THR C 128 -56.64 30.35 2.01
C THR C 128 -57.96 29.63 2.18
N GLY C 129 -58.26 28.72 1.23
CA GLY C 129 -59.37 27.79 1.36
C GLY C 129 -59.02 26.39 0.87
N VAL C 130 -60.02 25.50 0.89
CA VAL C 130 -59.87 24.14 0.39
C VAL C 130 -61.15 23.75 -0.34
N TYR C 131 -61.02 22.91 -1.35
CA TYR C 131 -62.19 22.32 -1.92
C TYR C 131 -61.83 20.91 -2.38
N VAL C 132 -62.92 20.15 -2.65
CA VAL C 132 -62.81 18.79 -3.14
C VAL C 132 -63.88 18.63 -4.21
N THR C 133 -63.44 18.03 -5.32
CA THR C 133 -64.26 17.77 -6.50
C THR C 133 -64.14 16.28 -6.78
N GLY C 134 -65.24 15.67 -7.20
CA GLY C 134 -65.14 14.30 -7.69
C GLY C 134 -66.12 14.08 -8.84
N THR C 135 -65.70 13.26 -9.82
CA THR C 135 -66.59 12.85 -10.89
C THR C 135 -66.42 11.34 -11.08
N ALA C 136 -67.50 10.68 -11.47
CA ALA C 136 -67.45 9.29 -11.85
C ALA C 136 -66.61 9.18 -13.11
N VAL C 137 -65.77 8.14 -13.18
CA VAL C 137 -64.96 7.81 -14.34
C VAL C 137 -65.00 6.31 -14.54
N SER C 138 -64.63 5.85 -15.75
CA SER C 138 -64.44 4.42 -15.84
C SER C 138 -63.15 4.10 -16.57
N ARG C 139 -62.71 2.84 -16.48
CA ARG C 139 -61.40 2.44 -16.99
C ARG C 139 -61.37 2.58 -18.52
N LEU C 140 -60.34 3.28 -19.02
CA LEU C 140 -60.11 3.44 -20.44
C LEU C 140 -59.76 2.07 -21.04
N PRO C 141 -60.29 1.67 -22.22
CA PRO C 141 -59.82 0.44 -22.87
C PRO C 141 -58.33 0.48 -23.29
N LEU C 142 -57.72 1.68 -23.25
CA LEU C 142 -56.32 1.87 -23.58
C LEU C 142 -55.40 1.19 -22.57
N VAL C 143 -55.85 1.01 -21.33
CA VAL C 143 -55.18 0.26 -20.29
C VAL C 143 -54.90 -1.18 -20.78
N HIS C 144 -55.85 -1.78 -21.49
CA HIS C 144 -55.59 -3.09 -22.08
C HIS C 144 -54.80 -3.03 -23.39
N THR C 145 -55.07 -2.03 -24.25
CA THR C 145 -54.63 -2.07 -25.64
C THR C 145 -53.22 -1.49 -25.78
N GLY C 146 -52.86 -0.54 -24.93
CA GLY C 146 -51.63 0.22 -25.13
C GLY C 146 -51.86 1.49 -25.99
N ILE C 147 -50.96 2.44 -25.87
CA ILE C 147 -51.11 3.75 -26.54
C ILE C 147 -49.86 4.06 -27.36
N SER C 148 -49.99 5.03 -28.26
CA SER C 148 -48.87 5.57 -28.99
C SER C 148 -48.40 6.84 -28.28
N ALA C 149 -47.10 7.04 -28.24
CA ALA C 149 -46.49 8.25 -27.74
C ALA C 149 -45.57 8.83 -28.81
N CYS C 150 -45.28 10.16 -28.74
CA CYS C 150 -44.21 10.74 -29.54
C CYS C 150 -43.26 11.44 -28.55
N MET C 151 -42.00 11.69 -28.94
CA MET C 151 -41.14 12.62 -28.20
C MET C 151 -41.64 14.06 -28.46
N SER C 152 -41.63 14.90 -27.43
CA SER C 152 -42.15 16.25 -27.51
C SER C 152 -41.10 17.16 -28.11
N SER C 153 -41.59 18.22 -28.84
CA SER C 153 -40.67 19.29 -29.18
C SER C 153 -40.44 20.23 -28.00
N TRP C 154 -41.32 20.22 -26.98
CA TRP C 154 -41.22 21.07 -25.81
C TRP C 154 -40.32 20.40 -24.75
N ARG C 155 -39.58 21.23 -24.02
CA ARG C 155 -38.70 20.73 -22.97
C ARG C 155 -39.39 20.90 -21.62
N ARG C 156 -39.15 19.94 -20.71
CA ARG C 156 -39.76 19.91 -19.40
C ARG C 156 -39.30 21.13 -18.60
N ILE C 157 -40.20 21.73 -17.82
CA ILE C 157 -39.83 22.73 -16.82
C ILE C 157 -38.73 22.20 -15.90
N SER C 158 -37.94 23.08 -15.30
CA SER C 158 -36.79 22.75 -14.46
C SER C 158 -37.11 23.04 -13.01
N ASP C 159 -36.44 22.30 -12.11
CA ASP C 159 -36.59 22.43 -10.66
C ASP C 159 -36.36 23.87 -10.19
N ASP C 160 -35.26 24.50 -10.60
CA ASP C 160 -34.96 25.84 -10.08
C ASP C 160 -35.51 26.93 -11.01
N SER C 161 -36.65 26.60 -11.62
CA SER C 161 -37.37 27.55 -12.47
C SER C 161 -38.86 27.54 -12.11
N VAL C 162 -39.51 26.43 -12.40
CA VAL C 162 -40.88 26.16 -12.01
C VAL C 162 -40.93 24.69 -11.59
N PRO C 163 -40.78 24.34 -10.28
CA PRO C 163 -40.50 22.93 -9.91
C PRO C 163 -41.61 21.95 -10.26
N PRO C 164 -41.36 21.00 -11.17
CA PRO C 164 -42.36 20.00 -11.50
C PRO C 164 -42.71 19.11 -10.30
N ARG C 165 -41.92 19.15 -9.22
CA ARG C 165 -42.23 18.37 -8.01
C ARG C 165 -43.45 18.92 -7.23
N ILE C 166 -43.90 20.17 -7.50
CA ILE C 166 -45.05 20.79 -6.83
C ILE C 166 -46.28 20.66 -7.74
N LYS C 167 -47.32 19.96 -7.25
CA LYS C 167 -48.50 19.72 -8.07
C LYS C 167 -49.47 20.90 -7.90
N ILE C 168 -49.28 21.92 -8.73
CA ILE C 168 -50.03 23.16 -8.66
C ILE C 168 -50.65 23.45 -10.03
N GLY C 169 -51.92 23.89 -10.04
CA GLY C 169 -52.60 24.23 -11.28
C GLY C 169 -51.69 24.89 -12.32
N ALA C 170 -51.00 25.94 -11.89
CA ALA C 170 -50.19 26.79 -12.76
C ALA C 170 -49.11 26.00 -13.50
N ASN C 171 -48.61 24.90 -12.91
CA ASN C 171 -47.44 24.23 -13.48
C ASN C 171 -47.82 23.29 -14.62
N TYR C 172 -49.08 23.31 -15.05
CA TYR C 172 -49.47 22.39 -16.10
C TYR C 172 -49.38 23.03 -17.50
N GLN C 173 -48.99 24.30 -17.58
CA GLN C 173 -48.81 24.88 -18.90
C GLN C 173 -47.86 24.02 -19.74
N ASN C 174 -46.73 23.58 -19.13
CA ASN C 174 -45.71 22.83 -19.83
C ASN C 174 -46.39 21.57 -20.36
N SER C 175 -47.19 20.91 -19.51
CA SER C 175 -47.93 19.72 -19.87
C SER C 175 -48.96 19.98 -20.99
N ARG C 176 -49.76 21.04 -20.85
CA ARG C 176 -50.80 21.32 -21.83
C ARG C 176 -50.21 21.53 -23.22
N LEU C 177 -49.04 22.17 -23.29
CA LEU C 177 -48.43 22.44 -24.60
C LEU C 177 -47.96 21.13 -25.23
N ALA C 178 -47.26 20.30 -24.44
CA ALA C 178 -46.75 19.02 -24.91
C ALA C 178 -47.91 18.13 -25.34
N GLN C 179 -49.00 18.15 -24.54
CA GLN C 179 -50.08 17.22 -24.78
C GLN C 179 -50.91 17.67 -25.97
N THR C 180 -51.09 18.99 -26.12
CA THR C 180 -51.82 19.53 -27.26
C THR C 180 -51.10 19.13 -28.54
N GLU C 181 -49.78 19.33 -28.54
CA GLU C 181 -49.04 19.00 -29.73
C GLU C 181 -49.16 17.50 -30.06
N ALA C 182 -48.98 16.63 -29.04
CA ALA C 182 -49.13 15.20 -29.25
C ALA C 182 -50.48 14.87 -29.94
N ARG C 183 -51.57 15.39 -29.39
CA ARG C 183 -52.86 15.04 -29.94
C ARG C 183 -53.02 15.64 -31.34
N VAL C 184 -52.49 16.87 -31.55
CA VAL C 184 -52.60 17.44 -32.88
C VAL C 184 -51.92 16.50 -33.88
N ASN C 185 -50.85 15.84 -33.46
CA ASN C 185 -50.05 15.07 -34.39
C ASN C 185 -50.52 13.59 -34.43
N GLY C 186 -51.60 13.23 -33.73
CA GLY C 186 -52.16 11.89 -33.92
C GLY C 186 -51.64 10.87 -32.88
N TYR C 187 -51.15 11.33 -31.71
CA TYR C 187 -50.62 10.45 -30.69
C TYR C 187 -51.48 10.62 -29.44
N HIS C 188 -51.50 9.62 -28.55
CA HIS C 188 -52.21 9.72 -27.29
C HIS C 188 -51.46 10.64 -26.31
N THR C 189 -50.10 10.66 -26.33
CA THR C 189 -49.40 11.51 -25.42
C THR C 189 -47.96 11.61 -25.89
N SER C 190 -47.13 12.32 -25.09
CA SER C 190 -45.78 12.55 -25.57
C SER C 190 -44.85 12.46 -24.37
N VAL C 191 -43.56 12.32 -24.68
CA VAL C 191 -42.51 12.22 -23.69
C VAL C 191 -41.66 13.51 -23.80
N LEU C 192 -41.49 14.22 -22.68
CA LEU C 192 -40.65 15.42 -22.66
C LEU C 192 -39.24 15.07 -22.23
N LEU C 193 -38.27 15.59 -22.99
CA LEU C 193 -36.89 15.64 -22.49
C LEU C 193 -36.73 16.82 -21.55
N ASN C 194 -35.85 16.69 -20.54
CA ASN C 194 -35.58 17.80 -19.63
C ASN C 194 -34.45 18.65 -20.18
N SER C 195 -34.05 19.67 -19.42
CA SER C 195 -33.02 20.52 -20.00
C SER C 195 -31.63 19.86 -20.05
N ARG C 196 -31.44 18.68 -19.46
CA ARG C 196 -30.18 17.96 -19.68
C ARG C 196 -30.27 16.99 -20.85
N GLY C 197 -31.36 17.04 -21.58
CA GLY C 197 -31.58 16.19 -22.75
C GLY C 197 -31.91 14.73 -22.36
N LYS C 198 -32.40 14.48 -21.13
CA LYS C 198 -32.71 13.12 -20.65
C LYS C 198 -34.23 13.04 -20.48
N VAL C 199 -34.72 11.78 -20.42
CA VAL C 199 -36.13 11.52 -20.27
C VAL C 199 -36.65 12.07 -18.94
N SER C 200 -37.75 12.84 -18.96
CA SER C 200 -38.40 13.21 -17.70
C SER C 200 -39.70 12.38 -17.60
N GLU C 201 -40.84 12.90 -18.08
CA GLU C 201 -42.05 12.15 -18.01
C GLU C 201 -42.98 12.55 -19.18
N THR C 202 -44.28 12.23 -18.98
CA THR C 202 -45.33 12.58 -19.93
C THR C 202 -46.21 13.65 -19.32
N PRO C 203 -47.00 14.39 -20.11
CA PRO C 203 -47.79 15.47 -19.56
C PRO C 203 -48.54 15.12 -18.30
N GLY C 204 -49.06 13.89 -18.19
CA GLY C 204 -49.84 13.62 -16.97
C GLY C 204 -49.55 12.27 -16.34
N ALA C 205 -48.35 11.71 -16.52
CA ALA C 205 -47.99 10.44 -15.96
C ALA C 205 -46.48 10.29 -15.99
N CYS C 206 -45.94 9.52 -15.04
CA CYS C 206 -44.55 9.11 -15.01
C CYS C 206 -44.34 8.03 -16.05
N LEU C 207 -43.11 7.82 -16.48
CA LEU C 207 -42.75 6.87 -17.53
C LEU C 207 -41.77 5.87 -16.93
N LEU C 208 -41.98 4.58 -17.20
CA LEU C 208 -40.99 3.55 -16.86
C LEU C 208 -40.71 2.69 -18.10
N MET C 209 -39.58 2.00 -18.11
CA MET C 209 -39.26 1.05 -19.18
C MET C 209 -38.66 -0.24 -18.56
N VAL C 210 -38.60 -1.28 -19.40
CA VAL C 210 -37.92 -2.49 -19.02
C VAL C 210 -36.79 -2.73 -19.99
N ARG C 211 -35.58 -2.88 -19.46
CA ARG C 211 -34.41 -3.28 -20.26
C ARG C 211 -33.64 -4.34 -19.49
N ASP C 212 -33.20 -5.36 -20.20
CA ASP C 212 -32.49 -6.52 -19.64
C ASP C 212 -33.19 -7.04 -18.40
N GLY C 213 -34.52 -7.21 -18.49
CA GLY C 213 -35.29 -7.79 -17.42
C GLY C 213 -35.53 -6.88 -16.21
N ARG C 214 -35.03 -5.63 -16.21
CA ARG C 214 -35.20 -4.77 -15.05
C ARG C 214 -36.14 -3.61 -15.37
N VAL C 215 -36.91 -3.21 -14.36
CA VAL C 215 -37.77 -2.02 -14.47
C VAL C 215 -36.92 -0.78 -14.10
N ILE C 216 -37.01 0.25 -14.95
CA ILE C 216 -36.14 1.40 -14.90
C ILE C 216 -37.00 2.65 -14.98
N SER C 217 -36.68 3.62 -14.11
CA SER C 217 -37.38 4.89 -14.16
C SER C 217 -36.43 6.07 -13.90
N PRO C 218 -36.71 7.26 -14.47
CA PRO C 218 -35.82 8.39 -14.22
C PRO C 218 -35.88 8.76 -12.74
N PRO C 219 -34.79 9.33 -12.15
CA PRO C 219 -34.78 9.69 -10.73
C PRO C 219 -35.65 10.91 -10.46
N VAL C 220 -35.79 11.30 -9.19
CA VAL C 220 -36.68 12.40 -8.82
C VAL C 220 -36.10 13.74 -9.26
N THR C 221 -34.82 13.73 -9.67
CA THR C 221 -33.93 14.78 -10.11
C THR C 221 -34.08 15.04 -11.62
N ALA C 222 -34.93 14.25 -12.33
CA ALA C 222 -35.05 14.38 -13.79
C ALA C 222 -36.22 15.29 -14.15
N ASP C 223 -36.73 16.08 -13.19
CA ASP C 223 -37.77 17.07 -13.42
C ASP C 223 -39.09 16.36 -13.61
N ILE C 224 -39.43 15.49 -12.65
CA ILE C 224 -40.71 14.79 -12.68
C ILE C 224 -41.48 15.14 -11.42
N LEU C 225 -42.78 14.91 -11.45
CA LEU C 225 -43.53 14.91 -10.22
C LEU C 225 -43.27 13.60 -9.47
N GLU C 226 -43.12 13.65 -8.11
CA GLU C 226 -42.83 12.42 -7.34
C GLU C 226 -44.13 11.68 -7.11
N SER C 227 -44.55 10.92 -8.12
CA SER C 227 -45.86 10.27 -8.20
C SER C 227 -46.05 9.24 -7.08
N VAL C 228 -47.23 9.33 -6.45
CA VAL C 228 -47.70 8.32 -5.54
C VAL C 228 -47.85 6.97 -6.26
N THR C 229 -48.34 6.99 -7.50
CA THR C 229 -48.49 5.74 -8.25
C THR C 229 -47.10 5.17 -8.53
N ARG C 230 -46.17 6.04 -8.90
CA ARG C 230 -44.78 5.63 -9.12
C ARG C 230 -44.24 4.91 -7.88
N LYS C 231 -44.44 5.51 -6.71
CA LYS C 231 -43.86 4.99 -5.49
C LYS C 231 -44.53 3.66 -5.15
N THR C 232 -45.87 3.60 -5.35
CA THR C 232 -46.64 2.36 -5.19
C THR C 232 -46.10 1.24 -6.05
N LEU C 233 -45.90 1.48 -7.35
CA LEU C 233 -45.38 0.45 -8.25
C LEU C 233 -43.98 0.01 -7.84
N MET C 234 -43.17 0.96 -7.34
CA MET C 234 -41.85 0.60 -6.90
C MET C 234 -41.92 -0.38 -5.73
N SER C 235 -42.83 -0.18 -4.77
CA SER C 235 -42.99 -1.07 -3.63
C SER C 235 -43.43 -2.44 -4.09
N LEU C 236 -44.44 -2.44 -4.99
CA LEU C 236 -45.03 -3.66 -5.49
C LEU C 236 -43.98 -4.49 -6.25
N SER C 237 -43.20 -3.82 -7.11
CA SER C 237 -42.20 -4.52 -7.90
C SER C 237 -41.16 -5.17 -6.99
N GLU C 238 -40.87 -4.53 -5.87
CA GLU C 238 -39.86 -4.96 -4.92
C GLU C 238 -40.39 -6.11 -4.06
N ALA C 239 -41.51 -5.85 -3.35
CA ALA C 239 -42.18 -6.82 -2.49
C ALA C 239 -42.74 -8.04 -3.24
N GLU C 240 -43.25 -7.88 -4.45
CA GLU C 240 -44.06 -8.89 -5.12
C GLU C 240 -43.30 -9.56 -6.27
N LEU C 241 -42.48 -8.83 -7.01
CA LEU C 241 -41.79 -9.41 -8.16
C LEU C 241 -40.31 -9.65 -7.83
N ASP C 242 -39.88 -9.21 -6.63
CA ASP C 242 -38.49 -9.30 -6.17
C ASP C 242 -37.55 -8.58 -7.11
N SER C 243 -37.99 -7.42 -7.63
CA SER C 243 -37.34 -6.71 -8.70
C SER C 243 -37.35 -5.24 -8.31
N PRO C 244 -36.38 -4.75 -7.52
CA PRO C 244 -36.29 -3.32 -7.25
C PRO C 244 -36.20 -2.55 -8.58
N VAL C 245 -36.94 -1.46 -8.66
CA VAL C 245 -36.88 -0.48 -9.76
C VAL C 245 -35.55 0.29 -9.68
N ILE C 246 -34.83 0.36 -10.80
CA ILE C 246 -33.58 1.09 -10.88
C ILE C 246 -33.90 2.53 -11.30
N GLU C 247 -33.50 3.49 -10.46
CA GLU C 247 -33.72 4.90 -10.71
C GLU C 247 -32.45 5.47 -11.29
N ARG C 248 -32.41 5.73 -12.59
CA ARG C 248 -31.24 6.25 -13.26
C ARG C 248 -31.73 7.16 -14.41
N ASP C 249 -30.88 8.07 -14.86
CA ASP C 249 -31.25 8.81 -16.06
C ASP C 249 -31.49 7.84 -17.23
N MET C 250 -32.40 8.24 -18.14
CA MET C 250 -32.67 7.46 -19.35
C MET C 250 -32.54 8.31 -20.59
N ASP C 251 -32.12 7.76 -21.72
CA ASP C 251 -32.08 8.56 -22.96
C ASP C 251 -33.28 8.22 -23.86
N ARG C 252 -33.65 9.17 -24.70
CA ARG C 252 -34.66 9.01 -25.71
C ARG C 252 -34.46 7.69 -26.46
N THR C 253 -33.24 7.44 -26.95
CA THR C 253 -33.10 6.35 -27.90
C THR C 253 -33.16 5.00 -27.20
N GLU C 254 -33.06 4.97 -25.85
CA GLU C 254 -33.29 3.73 -25.13
C GLU C 254 -34.74 3.27 -25.33
N LEU C 255 -35.71 4.18 -25.47
CA LEU C 255 -37.10 3.72 -25.56
C LEU C 255 -37.33 2.92 -26.85
N TYR C 256 -36.47 3.08 -27.85
CA TYR C 256 -36.67 2.35 -29.09
C TYR C 256 -36.12 0.92 -28.95
N ILE C 257 -35.38 0.63 -27.87
CA ILE C 257 -34.75 -0.68 -27.80
C ILE C 257 -35.18 -1.41 -26.54
N ALA C 258 -35.97 -0.77 -25.68
CA ALA C 258 -36.45 -1.36 -24.44
C ALA C 258 -37.38 -2.52 -24.76
N GLU C 259 -37.52 -3.49 -23.83
CA GLU C 259 -38.49 -4.54 -24.03
C GLU C 259 -39.90 -4.01 -23.80
N GLU C 260 -40.07 -3.06 -22.88
CA GLU C 260 -41.40 -2.53 -22.57
C GLU C 260 -41.29 -1.06 -22.16
N VAL C 261 -42.40 -0.33 -22.29
CA VAL C 261 -42.53 1.01 -21.78
C VAL C 261 -43.97 1.15 -21.31
N PHE C 262 -44.17 1.86 -20.21
CA PHE C 262 -45.51 2.10 -19.71
C PHE C 262 -45.49 3.34 -18.83
N LEU C 263 -46.67 3.94 -18.61
CA LEU C 263 -46.81 5.16 -17.85
C LEU C 263 -47.62 4.84 -16.61
N CYS C 264 -47.51 5.67 -15.56
CA CYS C 264 -48.41 5.49 -14.42
C CYS C 264 -48.72 6.85 -13.78
N GLY C 265 -49.88 6.97 -13.15
CA GLY C 265 -50.25 8.08 -12.27
C GLY C 265 -51.69 7.81 -11.82
N THR C 266 -52.23 8.64 -10.93
CA THR C 266 -53.55 8.37 -10.43
C THR C 266 -54.55 8.31 -11.58
N ILE C 267 -54.63 9.35 -12.41
CA ILE C 267 -55.70 9.38 -13.40
C ILE C 267 -55.37 8.39 -14.49
N ALA C 268 -54.09 8.29 -14.82
CA ALA C 268 -53.62 7.44 -15.92
C ALA C 268 -53.72 5.96 -15.57
N GLU C 269 -53.60 5.60 -14.27
CA GLU C 269 -53.48 4.21 -13.84
C GLU C 269 -52.17 3.62 -14.35
N ILE C 270 -52.20 2.52 -15.09
CA ILE C 270 -50.98 2.00 -15.74
C ILE C 270 -51.27 1.83 -17.22
N LEU C 271 -50.57 2.63 -18.06
CA LEU C 271 -50.81 2.69 -19.51
C LEU C 271 -49.60 2.10 -20.25
N PRO C 272 -49.77 0.99 -20.96
CA PRO C 272 -48.69 0.42 -21.75
C PRO C 272 -48.48 1.31 -22.96
N VAL C 273 -47.20 1.52 -23.32
CA VAL C 273 -46.87 2.27 -24.50
C VAL C 273 -46.34 1.31 -25.58
N THR C 274 -47.09 1.14 -26.68
CA THR C 274 -46.67 0.16 -27.67
C THR C 274 -45.93 0.74 -28.86
N THR C 275 -46.06 2.07 -29.12
CA THR C 275 -45.28 2.70 -30.15
C THR C 275 -44.78 4.06 -29.63
N ILE C 276 -43.54 4.44 -30.01
CA ILE C 276 -42.97 5.75 -29.79
C ILE C 276 -42.49 6.26 -31.16
N ASP C 277 -43.01 7.44 -31.55
CA ASP C 277 -42.74 8.02 -32.87
C ASP C 277 -43.03 6.97 -33.95
N ARG C 278 -44.05 6.11 -33.76
CA ARG C 278 -44.42 5.03 -34.68
C ARG C 278 -43.37 3.92 -34.77
N ILE C 279 -42.35 3.93 -33.90
CA ILE C 279 -41.49 2.76 -33.74
C ILE C 279 -42.16 1.80 -32.75
N GLN C 280 -42.21 0.50 -33.06
CA GLN C 280 -42.74 -0.48 -32.13
C GLN C 280 -41.83 -0.62 -30.91
N VAL C 281 -42.39 -0.51 -29.70
CA VAL C 281 -41.71 -0.85 -28.46
C VAL C 281 -41.63 -2.37 -28.32
N GLY C 282 -40.43 -2.91 -28.22
CA GLY C 282 -40.25 -4.35 -28.26
C GLY C 282 -40.90 -4.92 -29.51
N ASP C 283 -41.78 -5.89 -29.30
CA ASP C 283 -42.50 -6.60 -30.35
C ASP C 283 -43.88 -5.97 -30.55
N GLY C 284 -44.10 -4.80 -29.92
CA GLY C 284 -45.31 -4.03 -30.13
C GLY C 284 -46.57 -4.52 -29.40
N GLU C 285 -46.42 -5.56 -28.57
CA GLU C 285 -47.47 -6.00 -27.67
C GLU C 285 -47.26 -5.40 -26.28
N VAL C 286 -48.31 -5.34 -25.48
CA VAL C 286 -48.14 -5.08 -24.05
C VAL C 286 -47.24 -6.16 -23.43
N GLY C 287 -46.21 -5.72 -22.67
CA GLY C 287 -45.18 -6.63 -22.20
C GLY C 287 -45.57 -7.33 -20.91
N PRO C 288 -44.92 -8.48 -20.56
CA PRO C 288 -45.30 -9.27 -19.38
C PRO C 288 -45.13 -8.49 -18.08
N VAL C 289 -44.07 -7.66 -17.96
CA VAL C 289 -43.87 -6.96 -16.70
C VAL C 289 -45.01 -5.96 -16.46
N THR C 290 -45.40 -5.28 -17.53
CA THR C 290 -46.52 -4.36 -17.52
C THR C 290 -47.79 -5.01 -17.02
N ARG C 291 -48.16 -6.12 -17.71
CA ARG C 291 -49.32 -6.91 -17.34
C ARG C 291 -49.28 -7.31 -15.86
N ARG C 292 -48.11 -7.80 -15.42
CA ARG C 292 -47.92 -8.29 -14.06
C ARG C 292 -48.14 -7.13 -13.08
N LEU C 293 -47.61 -5.94 -13.42
CA LEU C 293 -47.78 -4.77 -12.58
C LEU C 293 -49.23 -4.33 -12.62
N GLN C 294 -49.88 -4.41 -13.80
CA GLN C 294 -51.29 -4.11 -13.86
C GLN C 294 -52.09 -5.03 -12.95
N GLU C 295 -51.77 -6.34 -12.99
CA GLU C 295 -52.53 -7.30 -12.18
C GLU C 295 -52.37 -6.99 -10.70
N LEU C 296 -51.12 -6.72 -10.26
CA LEU C 296 -50.94 -6.45 -8.84
C LEU C 296 -51.73 -5.20 -8.49
N TYR C 297 -51.53 -4.16 -9.29
CA TYR C 297 -52.08 -2.85 -8.98
C TYR C 297 -53.61 -2.90 -8.98
N PHE C 298 -54.23 -3.53 -9.99
CA PHE C 298 -55.70 -3.63 -9.99
C PHE C 298 -56.15 -4.49 -8.82
N GLY C 299 -55.35 -5.53 -8.51
CA GLY C 299 -55.65 -6.35 -7.34
C GLY C 299 -55.68 -5.53 -6.04
N VAL C 300 -54.70 -4.63 -5.86
CA VAL C 300 -54.54 -3.91 -4.61
C VAL C 300 -55.66 -2.86 -4.51
N THR C 301 -55.88 -2.12 -5.61
CA THR C 301 -56.79 -0.98 -5.60
C THR C 301 -58.22 -1.44 -5.40
N SER C 302 -58.57 -2.65 -5.85
CA SER C 302 -59.96 -3.08 -5.73
C SER C 302 -60.21 -3.81 -4.42
N GLY C 303 -59.13 -4.07 -3.67
CA GLY C 303 -59.23 -4.64 -2.34
C GLY C 303 -59.26 -6.16 -2.34
N GLN C 304 -58.55 -6.78 -3.29
CA GLN C 304 -58.52 -8.23 -3.37
C GLN C 304 -57.25 -8.79 -2.74
N LEU C 305 -56.28 -7.91 -2.41
CA LEU C 305 -55.05 -8.37 -1.81
C LEU C 305 -54.96 -7.84 -0.40
N GLU C 306 -55.13 -8.77 0.56
CA GLU C 306 -55.37 -8.41 1.95
C GLU C 306 -54.14 -7.73 2.51
N ALA C 307 -52.97 -8.12 1.99
CA ALA C 307 -51.71 -7.65 2.54
C ALA C 307 -51.63 -6.11 2.43
N TYR C 308 -52.39 -5.52 1.48
CA TYR C 308 -52.26 -4.10 1.17
C TYR C 308 -53.48 -3.31 1.65
N LYS C 309 -54.38 -3.94 2.44
CA LYS C 309 -55.58 -3.31 2.96
C LYS C 309 -55.32 -1.93 3.59
N SER C 310 -54.12 -1.67 4.14
CA SER C 310 -53.98 -0.44 4.91
C SER C 310 -53.85 0.78 3.98
N TRP C 311 -53.74 0.52 2.66
CA TRP C 311 -53.67 1.57 1.67
C TRP C 311 -55.08 2.04 1.30
N LEU C 312 -56.14 1.34 1.74
CA LEU C 312 -57.47 1.56 1.17
C LEU C 312 -58.36 2.19 2.23
N LEU C 313 -59.09 3.27 1.91
CA LEU C 313 -60.02 3.76 2.90
C LEU C 313 -61.46 3.53 2.44
N PRO C 314 -62.20 2.59 3.10
CA PRO C 314 -63.59 2.31 2.75
C PRO C 314 -64.47 3.54 3.00
N VAL C 315 -65.41 3.80 2.08
CA VAL C 315 -66.19 5.02 2.14
C VAL C 315 -67.51 4.83 2.87
N TYR C 316 -68.18 3.72 2.60
CA TYR C 316 -69.54 3.55 3.11
C TYR C 316 -69.48 2.53 4.23
N GLU C 317 -70.46 2.67 5.11
CA GLU C 317 -70.61 1.69 6.16
C GLU C 317 -70.74 0.31 5.55
N PRO D 12 72.92 -18.05 9.37
CA PRO D 12 72.24 -17.71 10.64
C PRO D 12 72.88 -16.53 11.38
N PRO D 13 72.11 -15.72 12.15
CA PRO D 13 72.60 -14.41 12.61
C PRO D 13 73.61 -14.46 13.73
N ARG D 14 74.43 -13.39 13.81
CA ARG D 14 75.46 -13.28 14.82
C ARG D 14 74.89 -12.94 16.20
N TYR D 15 73.88 -12.06 16.27
CA TYR D 15 73.44 -11.62 17.58
C TYR D 15 71.92 -11.72 17.73
N GLY D 16 71.48 -11.77 18.97
CA GLY D 16 70.12 -11.39 19.33
C GLY D 16 70.18 -10.29 20.40
N TRP D 17 69.03 -9.81 20.86
CA TRP D 17 68.99 -8.74 21.82
C TRP D 17 68.08 -9.12 22.99
N MET D 18 68.59 -9.00 24.21
CA MET D 18 67.83 -9.38 25.39
C MET D 18 68.04 -8.33 26.46
N ASN D 19 66.93 -7.80 26.96
CA ASN D 19 66.93 -6.99 28.18
C ASN D 19 67.92 -5.85 28.05
N GLY D 20 67.96 -5.21 26.88
CA GLY D 20 68.67 -3.95 26.70
C GLY D 20 70.04 -4.04 26.04
N GLN D 21 70.48 -5.26 25.65
CA GLN D 21 71.79 -5.39 25.01
C GLN D 21 71.87 -6.51 23.99
N CYS D 22 72.72 -6.30 22.98
CA CYS D 22 73.01 -7.34 22.00
C CYS D 22 73.88 -8.38 22.68
N ILE D 23 73.59 -9.65 22.37
CA ILE D 23 74.39 -10.74 22.92
C ILE D 23 74.47 -11.86 21.88
N PRO D 24 75.57 -12.66 21.84
CA PRO D 24 75.74 -13.68 20.80
C PRO D 24 74.52 -14.58 20.70
N TRP D 25 74.17 -14.93 19.48
CA TRP D 25 72.95 -15.67 19.15
C TRP D 25 72.87 -16.95 19.98
N ASP D 26 74.01 -17.66 20.07
CA ASP D 26 74.24 -18.88 20.82
C ASP D 26 73.70 -18.80 22.23
N GLN D 27 73.71 -17.64 22.88
CA GLN D 27 73.42 -17.67 24.30
C GLN D 27 72.14 -16.90 24.60
N CYS D 28 71.27 -16.78 23.59
CA CYS D 28 69.93 -16.24 23.75
C CYS D 28 68.98 -17.35 24.22
N SER D 29 68.91 -17.47 25.55
CA SER D 29 68.43 -18.64 26.26
C SER D 29 67.52 -18.23 27.39
N LEU D 30 66.51 -19.08 27.64
CA LEU D 30 65.68 -18.92 28.82
C LEU D 30 65.76 -20.19 29.67
N HIS D 31 65.79 -20.03 30.99
CA HIS D 31 65.75 -21.17 31.87
C HIS D 31 64.46 -21.96 31.68
N VAL D 32 64.53 -23.29 31.84
CA VAL D 32 63.38 -24.15 31.51
C VAL D 32 62.27 -23.84 32.50
N SER D 33 62.63 -23.31 33.67
CA SER D 33 61.63 -23.02 34.68
C SER D 33 60.99 -21.65 34.47
N THR D 34 61.35 -20.86 33.45
CA THR D 34 60.64 -19.60 33.25
C THR D 34 59.25 -19.89 32.67
N GLN D 35 58.29 -19.00 32.92
CA GLN D 35 56.97 -19.21 32.38
C GLN D 35 57.07 -19.16 30.86
N ALA D 36 58.04 -18.37 30.35
CA ALA D 36 58.16 -18.25 28.90
C ALA D 36 58.49 -19.62 28.29
N ALA D 37 59.58 -20.22 28.76
CA ALA D 37 60.07 -21.50 28.28
C ALA D 37 59.05 -22.61 28.49
N PHE D 38 58.39 -22.63 29.64
CA PHE D 38 57.58 -23.75 30.05
C PHE D 38 56.20 -23.72 29.38
N PHE D 39 55.55 -22.54 29.44
CA PHE D 39 54.17 -22.38 29.00
C PHE D 39 54.08 -21.76 27.62
N GLY D 40 55.22 -21.31 27.07
CA GLY D 40 55.12 -20.44 25.91
C GLY D 40 54.50 -19.06 26.24
N ALA D 41 54.73 -18.55 27.46
CA ALA D 41 54.17 -17.28 27.88
C ALA D 41 55.11 -16.14 27.44
N SER D 42 55.25 -15.97 26.12
CA SER D 42 55.82 -14.77 25.52
C SER D 42 54.75 -14.14 24.64
N LEU D 43 54.45 -12.88 24.96
CA LEU D 43 53.69 -12.03 24.07
C LEU D 43 54.64 -11.54 22.97
N PHE D 44 54.25 -11.69 21.70
CA PHE D 44 55.22 -11.35 20.68
C PHE D 44 54.60 -10.61 19.47
N GLU D 45 55.48 -9.95 18.71
CA GLU D 45 55.16 -9.33 17.44
C GLU D 45 56.13 -9.84 16.38
N GLY D 46 55.60 -10.32 15.25
CA GLY D 46 56.37 -10.46 14.01
C GLY D 46 56.45 -9.14 13.24
N VAL D 47 57.66 -8.71 12.88
CA VAL D 47 57.84 -7.44 12.18
C VAL D 47 58.79 -7.70 11.03
N ARG D 48 58.49 -7.12 9.87
CA ARG D 48 59.41 -7.29 8.75
C ARG D 48 60.19 -5.99 8.50
N ALA D 49 61.45 -6.10 8.10
CA ALA D 49 62.22 -5.01 7.54
C ALA D 49 62.46 -5.33 6.07
N TYR D 50 62.27 -4.35 5.17
CA TYR D 50 62.49 -4.55 3.75
C TYR D 50 63.70 -3.79 3.22
N TRP D 51 64.51 -4.49 2.43
CA TRP D 51 65.76 -3.95 1.92
C TRP D 51 65.53 -3.37 0.54
N ASN D 52 65.87 -2.11 0.34
CA ASN D 52 65.65 -1.46 -0.95
C ASN D 52 67.03 -1.24 -1.59
N ALA D 53 67.23 -1.94 -2.73
CA ALA D 53 68.49 -1.96 -3.47
C ALA D 53 68.84 -0.58 -4.06
N GLU D 54 67.83 0.09 -4.63
CA GLU D 54 68.02 1.39 -5.28
C GLU D 54 68.73 2.40 -4.36
N ARG D 55 68.35 2.45 -3.06
CA ARG D 55 68.86 3.43 -2.09
C ARG D 55 69.87 2.83 -1.11
N GLU D 56 69.96 1.52 -1.11
CA GLU D 56 70.77 0.73 -0.19
C GLU D 56 70.03 0.40 1.12
N GLN D 57 69.00 1.15 1.51
CA GLN D 57 68.39 1.29 2.83
C GLN D 57 67.50 0.09 3.25
N LEU D 58 67.39 -0.12 4.58
CA LEU D 58 66.53 -1.09 5.23
C LEU D 58 65.41 -0.37 5.98
N TYR D 59 64.14 -0.73 5.68
CA TYR D 59 62.96 -0.09 6.22
C TYR D 59 62.12 -1.05 7.06
N VAL D 60 62.01 -0.80 8.35
CA VAL D 60 61.10 -1.59 9.17
C VAL D 60 59.67 -1.16 8.88
N PHE D 61 58.75 -2.08 8.77
CA PHE D 61 57.41 -1.73 8.31
C PHE D 61 56.43 -1.63 9.49
N ARG D 62 55.85 -0.45 9.73
CA ARG D 62 54.80 -0.27 10.74
C ARG D 62 55.19 -0.86 12.10
N LEU D 63 56.43 -0.67 12.53
CA LEU D 63 56.85 -1.06 13.86
C LEU D 63 55.90 -0.51 14.92
N ASP D 64 55.43 0.74 14.77
CA ASP D 64 54.61 1.38 15.78
C ASP D 64 53.31 0.61 15.95
N GLU D 65 52.70 0.19 14.85
CA GLU D 65 51.44 -0.49 14.99
C GLU D 65 51.64 -1.81 15.76
N HIS D 66 52.79 -2.45 15.53
CA HIS D 66 53.16 -3.68 16.21
C HIS D 66 53.36 -3.44 17.70
N LEU D 67 54.10 -2.40 18.06
CA LEU D 67 54.38 -2.13 19.47
C LEU D 67 53.11 -1.72 20.21
N ARG D 68 52.19 -1.06 19.51
CA ARG D 68 50.94 -0.66 20.12
C ARG D 68 50.16 -1.90 20.48
N ARG D 69 50.20 -2.89 19.59
CA ARG D 69 49.43 -4.11 19.83
C ARG D 69 50.02 -4.90 21.01
N LEU D 70 51.36 -4.97 21.09
CA LEU D 70 52.06 -5.61 22.17
C LEU D 70 51.67 -5.00 23.52
N GLU D 71 51.73 -3.69 23.64
CA GLU D 71 51.44 -3.03 24.89
C GLU D 71 49.98 -3.25 25.31
N GLN D 72 49.09 -3.29 24.33
CA GLN D 72 47.67 -3.40 24.62
C GLN D 72 47.35 -4.83 25.01
N SER D 73 48.00 -5.78 24.35
CA SER D 73 47.85 -7.18 24.68
C SER D 73 48.39 -7.50 26.06
N ALA D 74 49.43 -6.77 26.51
CA ALA D 74 50.08 -7.03 27.77
C ALA D 74 49.13 -6.74 28.92
N LYS D 75 48.13 -5.87 28.68
CA LYS D 75 47.21 -5.51 29.74
C LYS D 75 46.41 -6.73 30.18
N MET D 76 45.76 -7.36 29.22
CA MET D 76 44.85 -8.48 29.44
C MET D 76 45.59 -9.60 30.21
N LEU D 77 46.90 -9.75 29.94
CA LEU D 77 47.73 -10.78 30.54
C LEU D 77 48.29 -10.33 31.90
N ARG D 78 47.98 -9.12 32.35
CA ARG D 78 48.53 -8.55 33.57
C ARG D 78 50.05 -8.59 33.54
N MET D 79 50.63 -8.32 32.38
CA MET D 79 52.07 -8.37 32.18
C MET D 79 52.59 -6.94 32.16
N LYS D 80 53.42 -6.54 33.11
CA LYS D 80 54.06 -5.22 33.11
C LYS D 80 55.28 -5.31 32.20
N LEU D 81 55.33 -4.43 31.18
CA LEU D 81 56.46 -4.41 30.26
C LEU D 81 57.70 -4.06 31.07
N SER D 82 58.79 -4.74 30.72
CA SER D 82 60.05 -4.73 31.42
C SER D 82 60.74 -3.39 31.18
N MET D 83 60.43 -2.77 30.04
CA MET D 83 60.94 -1.47 29.69
C MET D 83 59.89 -0.80 28.80
N PRO D 84 59.90 0.55 28.66
CA PRO D 84 58.86 1.23 27.88
C PRO D 84 58.97 0.90 26.39
N ILE D 85 57.87 1.01 25.64
CA ILE D 85 57.91 0.57 24.24
C ILE D 85 58.94 1.35 23.42
N ALA D 86 59.15 2.64 23.77
CA ALA D 86 60.18 3.44 23.13
C ALA D 86 61.54 2.73 23.18
N ASP D 87 61.86 2.06 24.29
CA ASP D 87 63.14 1.37 24.47
C ASP D 87 63.19 0.10 23.63
N ILE D 88 62.02 -0.53 23.44
CA ILE D 88 61.93 -1.74 22.63
C ILE D 88 62.20 -1.36 21.17
N ARG D 89 61.62 -0.24 20.72
CA ARG D 89 61.90 0.34 19.41
C ARG D 89 63.43 0.49 19.24
N GLN D 90 64.08 1.09 20.24
CA GLN D 90 65.53 1.27 20.24
C GLN D 90 66.20 -0.09 20.05
N GLY D 91 65.71 -1.09 20.81
CA GLY D 91 66.22 -2.44 20.72
C GLY D 91 66.18 -3.03 19.30
N VAL D 92 65.04 -2.89 18.60
CA VAL D 92 64.91 -3.36 17.23
C VAL D 92 65.99 -2.74 16.35
N LEU D 93 66.22 -1.42 16.53
CA LEU D 93 67.28 -0.77 15.80
C LEU D 93 68.65 -1.37 16.14
N GLU D 94 68.95 -1.46 17.44
CA GLU D 94 70.27 -1.92 17.83
C GLU D 94 70.52 -3.29 17.18
N LEU D 95 69.47 -4.11 17.16
CA LEU D 95 69.66 -5.48 16.71
C LEU D 95 69.83 -5.52 15.19
N LEU D 96 69.02 -4.78 14.45
CA LEU D 96 69.18 -4.80 13.01
C LEU D 96 70.60 -4.37 12.67
N ARG D 97 71.14 -3.39 13.42
CA ARG D 97 72.41 -2.77 13.10
C ARG D 97 73.56 -3.69 13.50
N ALA D 98 73.46 -4.30 14.69
CA ALA D 98 74.53 -5.18 15.16
C ALA D 98 74.70 -6.34 14.18
N ASN D 99 73.60 -6.79 13.56
CA ASN D 99 73.71 -7.91 12.64
C ASN D 99 74.09 -7.46 11.23
N GLU D 100 74.10 -6.15 10.95
CA GLU D 100 74.52 -5.60 9.66
C GLU D 100 73.70 -6.21 8.52
N PHE D 101 72.39 -6.37 8.69
CA PHE D 101 71.57 -7.01 7.67
C PHE D 101 71.46 -6.13 6.42
N ARG D 102 71.71 -6.73 5.25
CA ARG D 102 71.55 -6.04 3.99
C ARG D 102 70.57 -6.83 3.12
N SER D 103 69.50 -7.35 3.75
CA SER D 103 68.40 -7.92 2.99
C SER D 103 67.13 -7.94 3.84
N ASP D 104 66.00 -8.37 3.24
CA ASP D 104 64.78 -8.50 4.02
C ASP D 104 65.07 -9.26 5.32
N VAL D 105 64.34 -8.94 6.40
CA VAL D 105 64.55 -9.49 7.73
C VAL D 105 63.18 -9.74 8.34
N HIS D 106 63.05 -10.91 8.98
CA HIS D 106 61.92 -11.18 9.85
C HIS D 106 62.39 -11.05 11.30
N LEU D 107 61.60 -10.36 12.10
CA LEU D 107 61.96 -10.03 13.48
C LEU D 107 60.86 -10.58 14.37
N TYR D 108 61.29 -11.08 15.53
CA TYR D 108 60.36 -11.34 16.61
C TYR D 108 60.69 -10.41 17.75
N VAL D 109 59.68 -9.69 18.22
CA VAL D 109 59.89 -8.86 19.41
C VAL D 109 58.96 -9.40 20.47
N ALA D 110 59.55 -9.74 21.63
CA ALA D 110 58.85 -10.52 22.64
C ALA D 110 58.96 -9.86 24.01
N SER D 111 57.82 -9.80 24.70
CA SER D 111 57.72 -9.49 26.10
C SER D 111 57.26 -10.78 26.82
N TYR D 112 58.13 -11.28 27.72
CA TYR D 112 57.99 -12.65 28.22
C TYR D 112 57.94 -12.64 29.74
N PHE D 113 57.23 -13.62 30.29
CA PHE D 113 57.23 -13.84 31.73
C PHE D 113 58.45 -14.68 32.11
N GLY D 114 59.13 -14.26 33.20
CA GLY D 114 60.32 -14.97 33.69
C GLY D 114 60.00 -16.00 34.78
N ILE D 115 60.82 -15.98 35.83
CA ILE D 115 60.84 -16.89 36.97
C ILE D 115 59.62 -16.53 37.81
N ASN D 116 59.02 -17.53 38.44
CA ASN D 116 57.86 -17.33 39.28
C ASN D 116 58.23 -16.67 40.61
N HIS D 117 57.35 -15.77 41.04
CA HIS D 117 57.47 -14.97 42.25
C HIS D 117 56.51 -15.50 43.32
N ASP D 118 55.73 -16.55 43.00
CA ASP D 118 54.53 -16.91 43.75
C ASP D 118 54.45 -18.43 43.89
N PRO D 119 53.90 -18.96 45.01
CA PRO D 119 53.68 -20.40 45.15
C PRO D 119 52.82 -21.04 44.03
N ASP D 120 51.89 -20.27 43.48
CA ASP D 120 51.01 -20.80 42.45
C ASP D 120 51.67 -20.66 41.08
N PRO D 121 51.96 -21.77 40.34
CA PRO D 121 52.69 -21.64 39.06
C PRO D 121 51.81 -21.15 37.88
N LEU D 122 50.50 -21.05 38.14
CA LEU D 122 49.59 -20.60 37.11
C LEU D 122 49.25 -19.11 37.26
N PHE D 123 49.88 -18.40 38.21
CA PHE D 123 49.69 -16.98 38.40
C PHE D 123 50.85 -16.27 37.71
N PRO D 124 50.62 -15.14 37.00
CA PRO D 124 51.70 -14.52 36.24
C PRO D 124 52.69 -13.84 37.18
N THR D 125 53.95 -13.69 36.77
CA THR D 125 54.94 -13.07 37.65
C THR D 125 55.19 -11.64 37.18
N ASP D 126 55.78 -10.84 38.08
CA ASP D 126 56.27 -9.51 37.72
C ASP D 126 57.72 -9.60 37.24
N ASP D 127 58.38 -10.77 37.30
CA ASP D 127 59.65 -10.92 36.64
C ASP D 127 59.43 -11.05 35.15
N THR D 128 59.76 -9.99 34.42
CA THR D 128 59.42 -9.75 33.04
C THR D 128 60.68 -9.34 32.31
N GLY D 129 60.79 -9.77 31.03
CA GLY D 129 61.85 -9.31 30.17
C GLY D 129 61.37 -9.03 28.75
N VAL D 130 62.31 -8.64 27.88
CA VAL D 130 62.03 -8.44 26.47
C VAL D 130 63.22 -8.97 25.68
N TYR D 131 62.93 -9.49 24.50
CA TYR D 131 64.03 -9.81 23.61
C TYR D 131 63.54 -9.57 22.19
N VAL D 132 64.54 -9.49 21.31
CA VAL D 132 64.31 -9.24 19.90
C VAL D 132 65.28 -10.13 19.13
N THR D 133 64.74 -10.76 18.09
CA THR D 133 65.40 -11.75 17.27
C THR D 133 65.18 -11.28 15.84
N GLY D 134 66.18 -11.47 14.98
CA GLY D 134 65.95 -11.29 13.55
C GLY D 134 66.75 -12.30 12.73
N THR D 135 66.19 -12.72 11.59
CA THR D 135 66.92 -13.54 10.62
C THR D 135 66.64 -12.99 9.22
N ALA D 136 67.60 -13.11 8.31
CA ALA D 136 67.35 -12.84 6.91
C ALA D 136 66.29 -13.79 6.36
N VAL D 137 65.37 -13.28 5.54
CA VAL D 137 64.41 -14.07 4.78
C VAL D 137 64.31 -13.51 3.35
N SER D 138 63.77 -14.25 2.40
CA SER D 138 63.41 -13.63 1.13
C SER D 138 62.03 -14.11 0.68
N ARG D 139 61.52 -13.49 -0.38
CA ARG D 139 60.14 -13.74 -0.80
C ARG D 139 59.99 -15.18 -1.35
N LEU D 140 58.97 -15.87 -0.87
CA LEU D 140 58.61 -17.20 -1.38
C LEU D 140 58.10 -17.07 -2.81
N PRO D 141 58.50 -17.94 -3.77
CA PRO D 141 57.88 -17.92 -5.12
C PRO D 141 56.37 -18.21 -5.14
N LEU D 142 55.82 -18.69 -4.01
CA LEU D 142 54.41 -18.98 -3.84
C LEU D 142 53.55 -17.71 -3.90
N VAL D 143 54.13 -16.57 -3.52
CA VAL D 143 53.51 -15.25 -3.64
C VAL D 143 53.09 -15.01 -5.09
N HIS D 144 53.92 -15.41 -6.05
CA HIS D 144 53.56 -15.30 -7.45
C HIS D 144 52.65 -16.44 -7.93
N THR D 145 52.87 -17.67 -7.46
CA THR D 145 52.28 -18.89 -7.99
C THR D 145 50.85 -19.10 -7.50
N GLY D 146 50.60 -18.77 -6.25
CA GLY D 146 49.39 -19.17 -5.55
C GLY D 146 49.57 -20.52 -4.82
N ILE D 147 48.73 -20.77 -3.79
CA ILE D 147 48.88 -21.94 -2.94
C ILE D 147 47.55 -22.68 -2.85
N SER D 148 47.62 -23.96 -2.44
CA SER D 148 46.44 -24.76 -2.14
C SER D 148 46.13 -24.69 -0.65
N ALA D 149 44.84 -24.64 -0.28
CA ALA D 149 44.41 -24.73 1.10
C ALA D 149 43.36 -25.83 1.23
N CYS D 150 43.20 -26.37 2.46
CA CYS D 150 42.08 -27.27 2.75
C CYS D 150 41.31 -26.66 3.90
N MET D 151 40.01 -26.98 4.06
CA MET D 151 39.30 -26.69 5.32
C MET D 151 39.83 -27.66 6.39
N SER D 152 40.02 -27.16 7.61
CA SER D 152 40.63 -27.94 8.67
C SER D 152 39.57 -28.78 9.34
N SER D 153 39.97 -29.95 9.87
CA SER D 153 39.07 -30.69 10.77
C SER D 153 39.15 -30.10 12.19
N TRP D 154 40.18 -29.28 12.51
CA TRP D 154 40.28 -28.60 13.80
C TRP D 154 39.47 -27.29 13.82
N ARG D 155 38.84 -26.97 14.94
CA ARG D 155 38.08 -25.73 15.05
C ARG D 155 38.93 -24.70 15.79
N ARG D 156 38.74 -23.45 15.42
CA ARG D 156 39.52 -22.32 15.93
C ARG D 156 39.22 -22.16 17.42
N ILE D 157 40.23 -21.85 18.17
CA ILE D 157 40.05 -21.44 19.57
C ILE D 157 39.13 -20.21 19.66
N SER D 158 38.46 -20.00 20.78
CA SER D 158 37.43 -18.98 20.91
C SER D 158 37.84 -17.92 21.92
N ASP D 159 37.29 -16.71 21.72
CA ASP D 159 37.60 -15.53 22.50
C ASP D 159 37.47 -15.74 24.01
N ASP D 160 36.39 -16.33 24.50
CA ASP D 160 36.21 -16.52 25.93
C ASP D 160 36.78 -17.87 26.42
N SER D 161 37.85 -18.30 25.76
CA SER D 161 38.48 -19.55 26.12
C SER D 161 39.98 -19.37 26.08
N VAL D 162 40.52 -19.19 24.88
CA VAL D 162 41.90 -18.81 24.70
C VAL D 162 41.90 -17.78 23.57
N PRO D 163 41.89 -16.45 23.87
CA PRO D 163 41.59 -15.44 22.85
C PRO D 163 42.59 -15.38 21.69
N PRO D 164 42.15 -15.68 20.47
CA PRO D 164 43.06 -15.61 19.33
C PRO D 164 43.54 -14.18 19.06
N ARG D 165 42.89 -13.18 19.66
CA ARG D 165 43.31 -11.79 19.50
C ARG D 165 44.65 -11.47 20.19
N ILE D 166 45.15 -12.33 21.11
CA ILE D 166 46.40 -12.13 21.84
C ILE D 166 47.51 -12.94 21.18
N LYS D 167 48.55 -12.25 20.69
CA LYS D 167 49.59 -12.96 19.95
C LYS D 167 50.65 -13.50 20.93
N ILE D 168 50.40 -14.68 21.50
CA ILE D 168 51.25 -15.26 22.51
C ILE D 168 51.67 -16.67 22.10
N GLY D 169 52.93 -17.02 22.35
CA GLY D 169 53.48 -18.32 22.01
C GLY D 169 52.48 -19.46 22.22
N ALA D 170 51.89 -19.51 23.41
CA ALA D 170 51.00 -20.57 23.85
C ALA D 170 49.80 -20.77 22.91
N ASN D 171 49.36 -19.69 22.26
CA ASN D 171 48.10 -19.74 21.50
C ASN D 171 48.28 -20.35 20.13
N TYR D 172 49.47 -20.86 19.83
CA TYR D 172 49.71 -21.42 18.52
C TYR D 172 49.49 -22.94 18.47
N GLN D 173 49.14 -23.59 19.60
CA GLN D 173 48.84 -25.00 19.49
C GLN D 173 47.70 -25.23 18.48
N ASN D 174 46.64 -24.40 18.53
CA ASN D 174 45.52 -24.51 17.64
C ASN D 174 46.03 -24.46 16.21
N SER D 175 46.90 -23.47 15.93
CA SER D 175 47.55 -23.35 14.63
C SER D 175 48.43 -24.52 14.23
N ARG D 176 49.27 -25.01 15.14
CA ARG D 176 50.20 -26.08 14.85
C ARG D 176 49.46 -27.35 14.42
N LEU D 177 48.30 -27.57 15.04
CA LEU D 177 47.59 -28.81 14.76
C LEU D 177 46.98 -28.68 13.35
N ALA D 178 46.33 -27.54 13.08
CA ALA D 178 45.72 -27.31 11.79
C ALA D 178 46.77 -27.36 10.69
N GLN D 179 47.96 -26.79 10.96
CA GLN D 179 48.96 -26.66 9.93
C GLN D 179 49.64 -28.00 9.65
N THR D 180 49.87 -28.75 10.73
CA THR D 180 50.47 -30.07 10.57
C THR D 180 49.56 -30.94 9.71
N GLU D 181 48.27 -30.90 10.02
CA GLU D 181 47.36 -31.75 9.30
C GLU D 181 47.33 -31.38 7.82
N ALA D 182 47.24 -30.07 7.53
CA ALA D 182 47.26 -29.60 6.15
C ALA D 182 48.48 -30.17 5.42
N ARG D 183 49.67 -30.04 6.02
CA ARG D 183 50.85 -30.46 5.30
C ARG D 183 50.86 -31.97 5.15
N VAL D 184 50.40 -32.69 6.19
CA VAL D 184 50.36 -34.14 6.07
C VAL D 184 49.46 -34.52 4.89
N ASN D 185 48.43 -33.73 4.63
CA ASN D 185 47.47 -34.08 3.59
C ASN D 185 47.85 -33.47 2.23
N GLY D 186 49.02 -32.82 2.08
CA GLY D 186 49.41 -32.36 0.75
C GLY D 186 48.98 -30.92 0.42
N TYR D 187 48.67 -30.07 1.40
CA TYR D 187 48.22 -28.70 1.18
C TYR D 187 49.26 -27.76 1.80
N HIS D 188 49.32 -26.51 1.35
CA HIS D 188 50.20 -25.51 1.93
C HIS D 188 49.64 -25.05 3.28
N THR D 189 48.32 -24.98 3.45
CA THR D 189 47.78 -24.51 4.71
C THR D 189 46.30 -24.85 4.75
N SER D 190 45.63 -24.45 5.83
CA SER D 190 44.23 -24.78 5.95
C SER D 190 43.46 -23.61 6.49
N VAL D 191 42.12 -23.69 6.40
CA VAL D 191 41.20 -22.69 6.91
C VAL D 191 40.44 -23.33 8.07
N LEU D 192 40.48 -22.67 9.25
CA LEU D 192 39.72 -23.15 10.39
C LEU D 192 38.37 -22.45 10.44
N LEU D 193 37.31 -23.24 10.66
CA LEU D 193 36.02 -22.70 11.06
C LEU D 193 36.06 -22.43 12.57
N ASN D 194 35.27 -21.47 13.03
CA ASN D 194 35.20 -21.16 14.46
C ASN D 194 34.02 -21.94 15.02
N SER D 195 33.75 -21.75 16.31
CA SER D 195 32.72 -22.57 16.92
C SER D 195 31.31 -22.16 16.47
N ARG D 196 31.12 -21.07 15.73
CA ARG D 196 29.81 -20.80 15.15
C ARG D 196 29.69 -21.43 13.75
N GLY D 197 30.68 -22.21 13.33
CA GLY D 197 30.68 -22.80 12.00
C GLY D 197 30.99 -21.80 10.88
N LYS D 198 31.63 -20.64 11.16
CA LYS D 198 31.95 -19.63 10.14
C LYS D 198 33.47 -19.59 9.99
N VAL D 199 33.91 -18.97 8.88
CA VAL D 199 35.32 -18.83 8.53
C VAL D 199 36.04 -17.95 9.55
N SER D 200 37.18 -18.42 10.09
CA SER D 200 37.97 -17.54 10.95
C SER D 200 39.22 -17.16 10.17
N GLU D 201 40.32 -17.91 10.27
CA GLU D 201 41.50 -17.62 9.48
C GLU D 201 42.27 -18.93 9.29
N THR D 202 43.54 -18.79 8.96
CA THR D 202 44.51 -19.80 8.61
C THR D 202 45.51 -19.87 9.77
N PRO D 203 46.25 -20.98 9.93
CA PRO D 203 47.14 -21.08 11.07
C PRO D 203 48.05 -19.87 11.25
N GLY D 204 48.48 -19.26 10.14
CA GLY D 204 49.44 -18.18 10.29
C GLY D 204 49.16 -16.96 9.42
N ALA D 205 47.91 -16.71 9.03
CA ALA D 205 47.59 -15.57 8.17
C ALA D 205 46.07 -15.39 8.22
N CYS D 206 45.64 -14.14 8.04
CA CYS D 206 44.24 -13.80 7.86
C CYS D 206 43.81 -14.22 6.46
N LEU D 207 42.49 -14.45 6.27
CA LEU D 207 41.99 -14.82 4.96
C LEU D 207 41.05 -13.73 4.46
N LEU D 208 41.14 -13.39 3.17
CA LEU D 208 40.13 -12.54 2.54
C LEU D 208 39.61 -13.22 1.26
N MET D 209 38.46 -12.77 0.73
CA MET D 209 37.96 -13.22 -0.57
C MET D 209 37.36 -12.05 -1.36
N VAL D 210 37.10 -12.29 -2.65
CA VAL D 210 36.37 -11.35 -3.47
C VAL D 210 35.11 -12.04 -3.98
N ARG D 211 33.94 -11.41 -3.72
CA ARG D 211 32.67 -11.83 -4.29
C ARG D 211 31.92 -10.60 -4.79
N ASP D 212 31.28 -10.73 -5.96
CA ASP D 212 30.60 -9.64 -6.67
C ASP D 212 31.39 -8.35 -6.62
N GLY D 213 32.68 -8.42 -6.97
CA GLY D 213 33.52 -7.25 -7.08
C GLY D 213 33.96 -6.63 -5.76
N ARG D 214 33.57 -7.18 -4.59
CA ARG D 214 33.94 -6.58 -3.33
C ARG D 214 34.91 -7.48 -2.56
N VAL D 215 35.82 -6.83 -1.80
CA VAL D 215 36.79 -7.51 -0.98
C VAL D 215 36.14 -7.71 0.39
N ILE D 216 36.22 -8.97 0.91
CA ILE D 216 35.45 -9.35 2.06
C ILE D 216 36.37 -10.09 3.02
N SER D 217 36.22 -9.77 4.31
CA SER D 217 36.98 -10.52 5.30
C SER D 217 36.15 -10.73 6.55
N PRO D 218 36.40 -11.80 7.30
CA PRO D 218 35.64 -12.03 8.54
C PRO D 218 35.90 -10.87 9.53
N PRO D 219 34.93 -10.53 10.41
CA PRO D 219 35.12 -9.47 11.40
C PRO D 219 36.06 -9.92 12.52
N VAL D 220 36.37 -9.02 13.47
CA VAL D 220 37.37 -9.27 14.48
C VAL D 220 36.76 -10.18 15.55
N THR D 221 35.45 -10.42 15.49
CA THR D 221 34.76 -11.31 16.40
C THR D 221 34.55 -12.69 15.79
N ALA D 222 35.24 -13.04 14.69
CA ALA D 222 35.23 -14.38 14.14
C ALA D 222 36.39 -15.21 14.68
N ASP D 223 37.03 -14.75 15.79
CA ASP D 223 38.11 -15.51 16.42
C ASP D 223 39.37 -15.47 15.54
N ILE D 224 39.77 -14.27 15.17
CA ILE D 224 40.98 -14.06 14.37
C ILE D 224 41.93 -13.17 15.16
N LEU D 225 43.21 -13.25 14.81
CA LEU D 225 44.09 -12.22 15.28
C LEU D 225 43.87 -10.94 14.45
N GLU D 226 43.93 -9.75 15.08
CA GLU D 226 43.67 -8.49 14.36
C GLU D 226 44.93 -8.04 13.65
N SER D 227 45.16 -8.62 12.46
CA SER D 227 46.40 -8.50 11.72
C SER D 227 46.70 -7.05 11.30
N VAL D 228 47.95 -6.65 11.52
CA VAL D 228 48.51 -5.40 11.01
C VAL D 228 48.44 -5.38 9.47
N THR D 229 48.76 -6.54 8.85
CA THR D 229 48.73 -6.60 7.39
C THR D 229 47.30 -6.47 6.92
N ARG D 230 46.36 -7.14 7.62
CA ARG D 230 44.94 -7.02 7.33
C ARG D 230 44.53 -5.54 7.32
N LYS D 231 44.94 -4.80 8.36
CA LYS D 231 44.47 -3.43 8.53
C LYS D 231 45.08 -2.57 7.41
N THR D 232 46.35 -2.83 7.09
CA THR D 232 47.06 -2.19 5.99
C THR D 232 46.32 -2.39 4.67
N LEU D 233 45.97 -3.63 4.34
CA LEU D 233 45.25 -3.91 3.08
C LEU D 233 43.88 -3.23 3.08
N MET D 234 43.24 -3.16 4.24
CA MET D 234 41.97 -2.45 4.29
C MET D 234 42.12 -0.98 3.93
N SER D 235 43.18 -0.30 4.42
CA SER D 235 43.43 1.10 4.08
C SER D 235 43.68 1.26 2.60
N LEU D 236 44.55 0.38 2.08
CA LEU D 236 44.98 0.42 0.69
C LEU D 236 43.80 0.19 -0.23
N SER D 237 42.94 -0.78 0.08
CA SER D 237 41.81 -1.09 -0.78
C SER D 237 40.84 0.10 -0.85
N GLU D 238 40.74 0.83 0.26
CA GLU D 238 39.86 1.96 0.39
C GLU D 238 40.45 3.19 -0.32
N ALA D 239 41.66 3.61 0.10
CA ALA D 239 42.36 4.77 -0.44
C ALA D 239 42.81 4.60 -1.91
N GLU D 240 43.17 3.39 -2.34
CA GLU D 240 43.81 3.22 -3.64
C GLU D 240 42.87 2.55 -4.67
N LEU D 241 41.98 1.64 -4.25
CA LEU D 241 41.10 1.00 -5.21
C LEU D 241 39.68 1.57 -5.13
N ASP D 242 39.44 2.46 -4.16
CA ASP D 242 38.12 2.99 -3.84
C ASP D 242 37.10 1.89 -3.54
N SER D 243 37.54 0.86 -2.82
CA SER D 243 36.80 -0.37 -2.64
C SER D 243 36.93 -0.75 -1.16
N PRO D 244 36.13 -0.15 -0.25
CA PRO D 244 36.23 -0.53 1.17
C PRO D 244 35.99 -2.03 1.30
N VAL D 245 36.78 -2.65 2.19
CA VAL D 245 36.66 -4.05 2.59
C VAL D 245 35.40 -4.21 3.46
N ILE D 246 34.58 -5.18 3.14
CA ILE D 246 33.38 -5.49 3.92
C ILE D 246 33.77 -6.52 4.99
N GLU D 247 33.52 -6.19 6.24
CA GLU D 247 33.78 -7.07 7.36
C GLU D 247 32.46 -7.75 7.71
N ARG D 248 32.35 -9.07 7.40
CA ARG D 248 31.10 -9.77 7.67
C ARG D 248 31.47 -11.23 7.88
N ASP D 249 30.67 -11.96 8.62
CA ASP D 249 30.90 -13.42 8.62
C ASP D 249 30.85 -14.01 7.20
N MET D 250 31.65 -15.05 6.99
CA MET D 250 31.77 -15.79 5.76
C MET D 250 31.58 -17.30 6.02
N ASP D 251 31.02 -18.04 5.05
CA ASP D 251 30.87 -19.47 5.19
C ASP D 251 31.92 -20.17 4.34
N ARG D 252 32.27 -21.38 4.77
CA ARG D 252 33.09 -22.30 4.01
C ARG D 252 32.62 -22.35 2.55
N THR D 253 31.33 -22.52 2.28
CA THR D 253 30.95 -22.83 0.90
C THR D 253 31.04 -21.58 0.01
N GLU D 254 31.17 -20.38 0.60
CA GLU D 254 31.44 -19.21 -0.21
C GLU D 254 32.81 -19.31 -0.88
N LEU D 255 33.79 -19.97 -0.27
CA LEU D 255 35.13 -19.99 -0.85
C LEU D 255 35.12 -20.75 -2.17
N TYR D 256 34.15 -21.62 -2.37
CA TYR D 256 34.11 -22.38 -3.62
C TYR D 256 33.52 -21.54 -4.74
N ILE D 257 32.91 -20.40 -4.41
CA ILE D 257 32.21 -19.66 -5.46
C ILE D 257 32.75 -18.25 -5.61
N ALA D 258 33.69 -17.87 -4.74
CA ALA D 258 34.32 -16.55 -4.77
C ALA D 258 35.11 -16.39 -6.06
N GLU D 259 35.31 -15.14 -6.49
CA GLU D 259 36.17 -14.90 -7.64
C GLU D 259 37.63 -15.05 -7.21
N GLU D 260 37.98 -14.66 -5.96
CA GLU D 260 39.36 -14.76 -5.52
C GLU D 260 39.42 -15.08 -4.03
N VAL D 261 40.53 -15.68 -3.59
CA VAL D 261 40.81 -15.82 -2.16
C VAL D 261 42.32 -15.60 -1.98
N PHE D 262 42.69 -14.97 -0.86
CA PHE D 262 44.10 -14.77 -0.60
C PHE D 262 44.29 -14.57 0.89
N LEU D 263 45.52 -14.78 1.36
CA LEU D 263 45.87 -14.70 2.78
C LEU D 263 46.84 -13.56 2.99
N CYS D 264 46.90 -13.04 4.20
CA CYS D 264 47.87 -11.97 4.44
C CYS D 264 48.35 -12.03 5.90
N GLY D 265 49.59 -11.60 6.14
CA GLY D 265 50.14 -11.32 7.46
C GLY D 265 51.58 -10.94 7.26
N THR D 266 52.29 -10.60 8.33
CA THR D 266 53.66 -10.13 8.16
C THR D 266 54.47 -11.23 7.48
N ILE D 267 54.48 -12.45 8.03
CA ILE D 267 55.39 -13.46 7.49
C ILE D 267 54.89 -13.86 6.11
N ALA D 268 53.58 -14.02 6.01
CA ALA D 268 52.94 -14.53 4.81
C ALA D 268 53.02 -13.51 3.65
N GLU D 269 53.00 -12.21 3.96
CA GLU D 269 52.82 -11.16 2.97
C GLU D 269 51.42 -11.27 2.35
N ILE D 270 51.31 -11.42 1.01
CA ILE D 270 50.02 -11.70 0.41
C ILE D 270 50.13 -12.94 -0.46
N LEU D 271 49.39 -14.01 -0.06
CA LEU D 271 49.43 -15.31 -0.73
C LEU D 271 48.07 -15.56 -1.41
N PRO D 272 48.06 -15.63 -2.76
CA PRO D 272 46.85 -15.99 -3.49
C PRO D 272 46.56 -17.46 -3.22
N VAL D 273 45.27 -17.79 -3.00
CA VAL D 273 44.85 -19.15 -2.81
C VAL D 273 44.10 -19.60 -4.08
N THR D 274 44.70 -20.53 -4.85
CA THR D 274 44.09 -20.90 -6.10
C THR D 274 43.23 -22.17 -6.03
N THR D 275 43.39 -23.02 -4.99
CA THR D 275 42.51 -24.16 -4.78
C THR D 275 42.17 -24.30 -3.30
N ILE D 276 40.91 -24.71 -3.00
CA ILE D 276 40.46 -25.10 -1.67
C ILE D 276 39.86 -26.50 -1.77
N ASP D 277 40.43 -27.43 -1.00
CA ASP D 277 40.04 -28.85 -1.05
C ASP D 277 40.06 -29.33 -2.49
N ARG D 278 41.03 -28.83 -3.29
CA ARG D 278 41.21 -29.19 -4.69
C ARG D 278 40.07 -28.66 -5.57
N ILE D 279 39.16 -27.82 -5.06
CA ILE D 279 38.29 -27.05 -5.96
C ILE D 279 39.05 -25.78 -6.41
N GLN D 280 39.00 -25.48 -7.73
CA GLN D 280 39.59 -24.25 -8.27
C GLN D 280 38.83 -23.03 -7.74
N VAL D 281 39.57 -22.07 -7.16
CA VAL D 281 39.00 -20.77 -6.79
C VAL D 281 38.88 -19.93 -8.08
N GLY D 282 37.64 -19.50 -8.38
CA GLY D 282 37.40 -18.85 -9.64
C GLY D 282 37.90 -19.72 -10.80
N ASP D 283 38.74 -19.17 -11.67
CA ASP D 283 39.28 -19.82 -12.84
C ASP D 283 40.67 -20.40 -12.51
N GLY D 284 41.03 -20.38 -11.21
CA GLY D 284 42.24 -21.07 -10.78
C GLY D 284 43.55 -20.31 -10.99
N GLU D 285 43.49 -19.08 -11.51
CA GLU D 285 44.65 -18.22 -11.64
C GLU D 285 44.67 -17.22 -10.48
N VAL D 286 45.82 -16.60 -10.21
CA VAL D 286 45.83 -15.47 -9.29
C VAL D 286 44.91 -14.36 -9.83
N GLY D 287 44.01 -13.82 -8.99
CA GLY D 287 42.97 -12.91 -9.44
C GLY D 287 43.47 -11.47 -9.54
N PRO D 288 42.81 -10.59 -10.33
CA PRO D 288 43.32 -9.23 -10.54
C PRO D 288 43.32 -8.39 -9.26
N VAL D 289 42.35 -8.60 -8.36
CA VAL D 289 42.31 -7.78 -7.13
C VAL D 289 43.52 -8.11 -6.27
N THR D 290 43.80 -9.41 -6.17
CA THR D 290 44.97 -9.92 -5.46
C THR D 290 46.24 -9.28 -6.00
N ARG D 291 46.48 -9.39 -7.31
CA ARG D 291 47.62 -8.82 -7.98
C ARG D 291 47.76 -7.34 -7.64
N ARG D 292 46.63 -6.61 -7.75
CA ARG D 292 46.59 -5.17 -7.56
C ARG D 292 47.00 -4.87 -6.11
N LEU D 293 46.47 -5.67 -5.17
CA LEU D 293 46.81 -5.50 -3.76
C LEU D 293 48.24 -5.92 -3.50
N GLN D 294 48.73 -6.95 -4.19
CA GLN D 294 50.14 -7.27 -4.09
C GLN D 294 50.99 -6.10 -4.56
N GLU D 295 50.63 -5.49 -5.70
CA GLU D 295 51.43 -4.39 -6.22
C GLU D 295 51.44 -3.22 -5.24
N LEU D 296 50.28 -2.86 -4.68
CA LEU D 296 50.26 -1.74 -3.75
C LEU D 296 51.15 -2.09 -2.56
N TYR D 297 50.93 -3.31 -1.99
CA TYR D 297 51.59 -3.70 -0.77
C TYR D 297 53.11 -3.75 -0.97
N PHE D 298 53.56 -4.37 -2.06
CA PHE D 298 55.00 -4.43 -2.33
C PHE D 298 55.53 -3.03 -2.62
N GLY D 299 54.71 -2.20 -3.25
CA GLY D 299 55.08 -0.82 -3.48
C GLY D 299 55.32 -0.07 -2.17
N VAL D 300 54.45 -0.27 -1.17
CA VAL D 300 54.49 0.50 0.06
C VAL D 300 55.67 0.03 0.89
N THR D 301 55.83 -1.30 0.99
CA THR D 301 56.82 -1.88 1.89
C THR D 301 58.22 -1.56 1.40
N SER D 302 58.42 -1.41 0.08
CA SER D 302 59.75 -1.22 -0.44
C SER D 302 60.10 0.26 -0.54
N GLY D 303 59.10 1.11 -0.29
CA GLY D 303 59.32 2.54 -0.19
C GLY D 303 59.20 3.26 -1.53
N GLN D 304 58.36 2.74 -2.43
CA GLN D 304 58.24 3.31 -3.76
C GLN D 304 57.00 4.18 -3.86
N LEU D 305 56.11 4.14 -2.86
CA LEU D 305 54.92 4.97 -2.91
C LEU D 305 55.01 5.99 -1.78
N GLU D 306 55.19 7.24 -2.19
CA GLU D 306 55.61 8.32 -1.31
C GLU D 306 54.52 8.56 -0.28
N ALA D 307 53.26 8.35 -0.69
CA ALA D 307 52.13 8.71 0.14
C ALA D 307 52.18 7.94 1.47
N TYR D 308 52.84 6.75 1.46
CA TYR D 308 52.79 5.85 2.60
C TYR D 308 54.14 5.77 3.31
N LYS D 309 55.08 6.70 2.99
CA LYS D 309 56.46 6.66 3.49
C LYS D 309 56.43 6.64 5.03
N SER D 310 55.41 7.20 5.65
CA SER D 310 55.47 7.40 7.08
C SER D 310 55.22 6.08 7.82
N TRP D 311 54.91 4.97 7.10
CA TRP D 311 54.81 3.66 7.70
C TRP D 311 56.18 2.99 7.85
N LEU D 312 57.24 3.60 7.30
CA LEU D 312 58.52 2.91 7.16
C LEU D 312 59.55 3.51 8.12
N LEU D 313 60.33 2.69 8.80
CA LEU D 313 61.35 3.21 9.67
C LEU D 313 62.71 2.88 9.09
N PRO D 314 63.46 3.88 8.60
CA PRO D 314 64.80 3.65 8.06
C PRO D 314 65.75 3.20 9.16
N VAL D 315 66.64 2.23 8.87
CA VAL D 315 67.51 1.67 9.88
C VAL D 315 68.87 2.36 9.89
N TYR D 316 69.43 2.50 8.69
CA TYR D 316 70.68 3.20 8.54
C TYR D 316 70.33 4.65 8.20
N ALA E 11 -1.39 -5.34 -48.28
CA ALA E 11 -1.65 -6.55 -49.16
C ALA E 11 -3.07 -7.06 -48.90
N PRO E 12 -4.06 -6.72 -49.75
CA PRO E 12 -5.49 -6.72 -49.36
C PRO E 12 -6.16 -8.10 -49.49
N PRO E 13 -7.38 -8.34 -48.94
CA PRO E 13 -8.04 -9.67 -49.06
C PRO E 13 -8.59 -9.98 -50.44
N ARG E 14 -8.82 -11.24 -50.76
CA ARG E 14 -9.29 -11.66 -52.06
C ARG E 14 -10.78 -11.36 -52.27
N TYR E 15 -11.60 -11.56 -51.25
CA TYR E 15 -13.03 -11.43 -51.46
C TYR E 15 -13.67 -10.52 -50.42
N GLY E 16 -14.85 -10.02 -50.75
CA GLY E 16 -15.77 -9.51 -49.76
C GLY E 16 -17.11 -10.17 -50.01
N TRP E 17 -18.14 -9.82 -49.22
CA TRP E 17 -19.44 -10.44 -49.34
C TRP E 17 -20.52 -9.36 -49.40
N MET E 18 -21.39 -9.42 -50.42
CA MET E 18 -22.47 -8.45 -50.52
C MET E 18 -23.74 -9.16 -50.94
N ASN E 19 -24.83 -8.91 -50.18
CA ASN E 19 -26.18 -9.29 -50.59
C ASN E 19 -26.21 -10.76 -51.00
N GLY E 20 -25.57 -11.61 -50.19
CA GLY E 20 -25.73 -13.06 -50.23
C GLY E 20 -24.62 -13.79 -50.98
N GLN E 21 -23.58 -13.09 -51.49
CA GLN E 21 -22.51 -13.80 -52.18
C GLN E 21 -21.14 -13.18 -52.04
N CYS E 22 -20.13 -14.04 -52.04
CA CYS E 22 -18.74 -13.64 -52.09
C CYS E 22 -18.48 -13.08 -53.48
N ILE E 23 -17.72 -12.00 -53.53
CA ILE E 23 -17.38 -11.40 -54.81
C ILE E 23 -15.97 -10.81 -54.68
N PRO E 24 -15.18 -10.71 -55.79
CA PRO E 24 -13.82 -10.17 -55.71
C PRO E 24 -13.82 -8.82 -54.99
N TRP E 25 -12.79 -8.63 -54.18
CA TRP E 25 -12.61 -7.46 -53.34
C TRP E 25 -12.76 -6.17 -54.16
N ASP E 26 -12.13 -6.16 -55.35
CA ASP E 26 -12.19 -5.09 -56.34
C ASP E 26 -13.58 -4.52 -56.57
N GLN E 27 -14.63 -5.34 -56.50
CA GLN E 27 -15.89 -4.81 -56.97
C GLN E 27 -16.89 -4.73 -55.84
N CYS E 28 -16.39 -4.57 -54.61
CA CYS E 28 -17.21 -4.29 -53.44
C CYS E 28 -17.39 -2.77 -53.32
N SER E 29 -18.44 -2.31 -54.01
CA SER E 29 -18.62 -0.93 -54.43
C SER E 29 -20.06 -0.51 -54.22
N LEU E 30 -20.25 0.78 -53.88
CA LEU E 30 -21.57 1.38 -53.85
C LEU E 30 -21.58 2.59 -54.76
N HIS E 31 -22.70 2.76 -55.48
CA HIS E 31 -22.87 3.89 -56.36
C HIS E 31 -22.89 5.16 -55.51
N VAL E 32 -22.39 6.27 -56.10
CA VAL E 32 -22.20 7.48 -55.29
C VAL E 32 -23.58 8.00 -54.87
N SER E 33 -24.61 7.66 -55.64
CA SER E 33 -25.94 8.16 -55.34
C SER E 33 -26.66 7.31 -54.26
N THR E 34 -26.05 6.22 -53.73
CA THR E 34 -26.73 5.53 -52.65
C THR E 34 -26.64 6.36 -51.37
N GLN E 35 -27.62 6.19 -50.46
CA GLN E 35 -27.57 6.93 -49.22
C GLN E 35 -26.33 6.48 -48.46
N ALA E 36 -25.92 5.23 -48.65
CA ALA E 36 -24.78 4.72 -47.89
C ALA E 36 -23.53 5.50 -48.29
N ALA E 37 -23.22 5.53 -49.57
CA ALA E 37 -22.05 6.21 -50.11
C ALA E 37 -22.09 7.71 -49.79
N PHE E 38 -23.26 8.34 -49.92
CA PHE E 38 -23.36 9.78 -49.86
C PHE E 38 -23.36 10.26 -48.41
N PHE E 39 -24.19 9.64 -47.57
CA PHE E 39 -24.46 10.13 -46.22
C PHE E 39 -23.67 9.35 -45.19
N GLY E 40 -23.02 8.27 -45.60
CA GLY E 40 -22.51 7.30 -44.63
C GLY E 40 -23.64 6.60 -43.87
N ALA E 41 -24.77 6.36 -44.56
CA ALA E 41 -25.92 5.72 -43.94
C ALA E 41 -25.77 4.19 -44.04
N SER E 42 -24.74 3.66 -43.38
CA SER E 42 -24.63 2.23 -43.10
C SER E 42 -24.62 2.07 -41.59
N LEU E 43 -25.56 1.26 -41.11
CA LEU E 43 -25.47 0.70 -39.79
C LEU E 43 -24.43 -0.42 -39.79
N PHE E 44 -23.49 -0.40 -38.83
CA PHE E 44 -22.46 -1.44 -38.89
C PHE E 44 -22.09 -2.04 -37.53
N GLU E 45 -21.45 -3.22 -37.59
CA GLU E 45 -20.84 -3.86 -36.43
C GLU E 45 -19.39 -4.21 -36.78
N GLY E 46 -18.44 -3.78 -35.92
CA GLY E 46 -17.08 -4.33 -35.89
C GLY E 46 -17.06 -5.67 -35.13
N VAL E 47 -16.50 -6.73 -35.76
CA VAL E 47 -16.47 -8.02 -35.11
C VAL E 47 -15.07 -8.57 -35.28
N ARG E 48 -14.56 -9.24 -34.22
CA ARG E 48 -13.22 -9.79 -34.40
C ARG E 48 -13.29 -11.31 -34.43
N ALA E 49 -12.43 -11.94 -35.22
CA ALA E 49 -12.20 -13.36 -35.16
C ALA E 49 -10.78 -13.54 -34.64
N TYR E 50 -10.59 -14.44 -33.68
CA TYR E 50 -9.26 -14.72 -33.11
C TYR E 50 -8.75 -16.09 -33.57
N TRP E 51 -7.50 -16.08 -34.04
CA TRP E 51 -6.86 -17.29 -34.53
C TRP E 51 -6.10 -17.94 -33.39
N ASN E 52 -6.36 -19.22 -33.17
CA ASN E 52 -5.59 -19.99 -32.21
C ASN E 52 -4.65 -20.90 -32.96
N ALA E 53 -3.33 -20.62 -32.83
CA ALA E 53 -2.27 -21.34 -33.54
C ALA E 53 -2.19 -22.80 -33.08
N GLU E 54 -2.27 -23.01 -31.76
CA GLU E 54 -2.15 -24.36 -31.20
C GLU E 54 -3.12 -25.37 -31.81
N ARG E 55 -4.39 -24.96 -32.06
CA ARG E 55 -5.45 -25.82 -32.57
C ARG E 55 -5.80 -25.59 -34.05
N GLU E 56 -5.20 -24.55 -34.62
CA GLU E 56 -5.41 -24.21 -36.02
C GLU E 56 -6.89 -23.92 -36.28
N GLN E 57 -7.50 -23.12 -35.40
CA GLN E 57 -8.88 -22.72 -35.43
C GLN E 57 -9.04 -21.20 -35.36
N LEU E 58 -10.09 -20.66 -36.01
CA LEU E 58 -10.49 -19.26 -35.99
C LEU E 58 -11.84 -19.17 -35.28
N TYR E 59 -11.91 -18.30 -34.25
CA TYR E 59 -13.10 -18.13 -33.41
C TYR E 59 -13.65 -16.72 -33.57
N VAL E 60 -14.87 -16.60 -34.09
CA VAL E 60 -15.50 -15.30 -34.08
C VAL E 60 -15.95 -14.99 -32.66
N PHE E 61 -15.77 -13.75 -32.21
CA PHE E 61 -16.05 -13.41 -30.83
C PHE E 61 -17.42 -12.76 -30.67
N ARG E 62 -18.35 -13.40 -29.95
CA ARG E 62 -19.66 -12.86 -29.65
C ARG E 62 -20.35 -12.28 -30.91
N LEU E 63 -20.30 -13.01 -32.03
CA LEU E 63 -21.01 -12.54 -33.22
C LEU E 63 -22.50 -12.28 -32.92
N ASP E 64 -23.12 -13.15 -32.14
CA ASP E 64 -24.55 -13.05 -31.90
C ASP E 64 -24.89 -11.77 -31.14
N GLU E 65 -24.03 -11.38 -30.19
CA GLU E 65 -24.34 -10.17 -29.46
C GLU E 65 -24.31 -8.98 -30.43
N HIS E 66 -23.35 -9.01 -31.38
CA HIS E 66 -23.19 -7.96 -32.37
C HIS E 66 -24.41 -7.91 -33.29
N LEU E 67 -24.90 -9.07 -33.76
CA LEU E 67 -26.03 -9.08 -34.66
C LEU E 67 -27.30 -8.60 -33.95
N ARG E 68 -27.43 -8.89 -32.65
CA ARG E 68 -28.58 -8.44 -31.90
C ARG E 68 -28.59 -6.92 -31.86
N ARG E 69 -27.38 -6.33 -31.70
CA ARG E 69 -27.30 -4.88 -31.59
C ARG E 69 -27.65 -4.22 -32.92
N LEU E 70 -27.18 -4.81 -34.03
CA LEU E 70 -27.44 -4.34 -35.37
C LEU E 70 -28.95 -4.30 -35.65
N GLU E 71 -29.64 -5.39 -35.34
CA GLU E 71 -31.07 -5.47 -35.61
C GLU E 71 -31.84 -4.48 -34.77
N GLN E 72 -31.38 -4.23 -33.55
CA GLN E 72 -32.09 -3.33 -32.66
C GLN E 72 -31.86 -1.90 -33.09
N SER E 73 -30.63 -1.61 -33.52
CA SER E 73 -30.29 -0.30 -34.04
C SER E 73 -31.06 0.02 -35.32
N ALA E 74 -31.37 -0.99 -36.12
CA ALA E 74 -32.03 -0.81 -37.41
C ALA E 74 -33.46 -0.29 -37.20
N LYS E 75 -34.05 -0.59 -36.03
CA LYS E 75 -35.40 -0.14 -35.71
C LYS E 75 -35.44 1.38 -35.70
N MET E 76 -34.57 2.01 -34.89
CA MET E 76 -34.56 3.45 -34.65
C MET E 76 -34.44 4.20 -35.99
N LEU E 77 -33.70 3.58 -36.95
CA LEU E 77 -33.44 4.17 -38.24
C LEU E 77 -34.57 3.87 -39.24
N ARG E 78 -35.59 3.10 -38.84
CA ARG E 78 -36.64 2.61 -39.74
C ARG E 78 -36.04 1.91 -40.94
N MET E 79 -35.00 1.12 -40.71
CA MET E 79 -34.28 0.45 -41.77
C MET E 79 -34.68 -1.03 -41.73
N LYS E 80 -35.31 -1.51 -42.83
CA LYS E 80 -35.74 -2.90 -42.92
C LYS E 80 -34.54 -3.74 -43.34
N LEU E 81 -34.19 -4.76 -42.55
CA LEU E 81 -33.05 -5.60 -42.91
C LEU E 81 -33.38 -6.30 -44.21
N SER E 82 -32.36 -6.38 -45.06
CA SER E 82 -32.45 -6.82 -46.43
C SER E 82 -32.68 -8.34 -46.46
N MET E 83 -32.21 -9.02 -45.38
CA MET E 83 -32.34 -10.45 -45.21
C MET E 83 -32.36 -10.73 -43.72
N PRO E 84 -32.82 -11.92 -43.24
CA PRO E 84 -32.84 -12.22 -41.81
C PRO E 84 -31.44 -12.25 -41.21
N ILE E 85 -31.30 -11.94 -39.90
CA ILE E 85 -29.95 -11.93 -39.32
C ILE E 85 -29.28 -13.31 -39.41
N ALA E 86 -30.05 -14.39 -39.34
CA ALA E 86 -29.56 -15.75 -39.57
C ALA E 86 -28.72 -15.84 -40.85
N ASP E 87 -29.17 -15.18 -41.94
CA ASP E 87 -28.45 -15.21 -43.22
C ASP E 87 -27.18 -14.38 -43.17
N ILE E 88 -27.22 -13.30 -42.39
CA ILE E 88 -26.07 -12.44 -42.21
C ILE E 88 -24.98 -13.21 -41.47
N ARG E 89 -25.37 -13.92 -40.41
CA ARG E 89 -24.50 -14.84 -39.68
C ARG E 89 -23.80 -15.79 -40.64
N GLN E 90 -24.61 -16.43 -41.50
CA GLN E 90 -24.09 -17.31 -42.53
C GLN E 90 -23.05 -16.61 -43.38
N GLY E 91 -23.40 -15.37 -43.79
CA GLY E 91 -22.52 -14.52 -44.58
C GLY E 91 -21.15 -14.32 -43.94
N VAL E 92 -21.10 -13.97 -42.65
CA VAL E 92 -19.83 -13.75 -41.96
C VAL E 92 -18.97 -15.01 -42.06
N LEU E 93 -19.59 -16.17 -41.89
CA LEU E 93 -18.86 -17.42 -42.03
C LEU E 93 -18.39 -17.62 -43.48
N GLU E 94 -19.29 -17.41 -44.45
CA GLU E 94 -18.92 -17.62 -45.85
C GLU E 94 -17.69 -16.79 -46.17
N LEU E 95 -17.67 -15.57 -45.61
CA LEU E 95 -16.62 -14.64 -45.96
C LEU E 95 -15.31 -15.05 -45.31
N LEU E 96 -15.35 -15.38 -44.02
CA LEU E 96 -14.10 -15.78 -43.39
C LEU E 96 -13.50 -16.95 -44.15
N ARG E 97 -14.36 -17.88 -44.61
CA ARG E 97 -13.93 -19.13 -45.22
C ARG E 97 -13.40 -18.88 -46.62
N ALA E 98 -14.10 -18.05 -47.41
CA ALA E 98 -13.69 -17.79 -48.78
C ALA E 98 -12.28 -17.18 -48.77
N ASN E 99 -11.98 -16.37 -47.76
CA ASN E 99 -10.68 -15.73 -47.72
C ASN E 99 -9.61 -16.61 -47.09
N GLU E 100 -9.99 -17.74 -46.48
CA GLU E 100 -9.03 -18.70 -45.93
C GLU E 100 -8.12 -18.05 -44.90
N PHE E 101 -8.69 -17.24 -44.02
CA PHE E 101 -7.91 -16.50 -43.04
C PHE E 101 -7.27 -17.42 -42.01
N ARG E 102 -5.96 -17.24 -41.83
CA ARG E 102 -5.20 -18.01 -40.87
C ARG E 102 -4.55 -17.06 -39.86
N SER E 103 -5.26 -16.00 -39.46
CA SER E 103 -4.79 -15.13 -38.41
C SER E 103 -5.96 -14.30 -37.91
N ASP E 104 -5.74 -13.48 -36.85
CA ASP E 104 -6.76 -12.55 -36.37
C ASP E 104 -7.37 -11.82 -37.57
N VAL E 105 -8.67 -11.48 -37.46
CA VAL E 105 -9.43 -10.85 -38.51
C VAL E 105 -10.31 -9.78 -37.88
N HIS E 106 -10.31 -8.60 -38.50
CA HIS E 106 -11.30 -7.58 -38.20
C HIS E 106 -12.37 -7.59 -39.30
N LEU E 107 -13.64 -7.59 -38.90
CA LEU E 107 -14.77 -7.69 -39.81
C LEU E 107 -15.64 -6.47 -39.62
N TYR E 108 -16.18 -5.97 -40.73
CA TYR E 108 -17.29 -5.04 -40.65
C TYR E 108 -18.51 -5.73 -41.27
N VAL E 109 -19.60 -5.75 -40.51
CA VAL E 109 -20.85 -6.23 -41.06
C VAL E 109 -21.81 -5.04 -41.09
N ALA E 110 -22.38 -4.81 -42.28
CA ALA E 110 -23.07 -3.55 -42.54
C ALA E 110 -24.45 -3.81 -43.13
N SER E 111 -25.43 -3.08 -42.59
CA SER E 111 -26.75 -2.96 -43.20
C SER E 111 -26.91 -1.50 -43.67
N TYR E 112 -27.09 -1.32 -44.98
CA TYR E 112 -26.92 0.00 -45.59
C TYR E 112 -28.16 0.39 -46.38
N PHE E 113 -28.43 1.70 -46.44
CA PHE E 113 -29.49 2.20 -47.30
C PHE E 113 -28.96 2.38 -48.72
N GLY E 114 -29.76 1.92 -49.70
CA GLY E 114 -29.39 2.00 -51.12
C GLY E 114 -29.90 3.28 -51.81
N ILE E 115 -30.47 3.11 -53.01
CA ILE E 115 -30.96 4.17 -53.90
C ILE E 115 -32.24 4.72 -53.26
N ASN E 116 -32.49 6.02 -53.38
CA ASN E 116 -33.68 6.61 -52.81
C ASN E 116 -34.90 6.30 -53.64
N HIS E 117 -36.02 6.02 -52.95
CA HIS E 117 -37.28 5.59 -53.52
C HIS E 117 -38.29 6.75 -53.49
N ASP E 118 -37.84 7.94 -53.05
CA ASP E 118 -38.69 9.04 -52.63
C ASP E 118 -38.10 10.35 -53.15
N PRO E 119 -38.97 11.32 -53.54
CA PRO E 119 -38.50 12.66 -53.92
C PRO E 119 -37.64 13.36 -52.87
N ASP E 120 -37.87 13.10 -51.59
CA ASP E 120 -37.15 13.77 -50.52
C ASP E 120 -35.83 13.07 -50.24
N PRO E 121 -34.65 13.71 -50.45
CA PRO E 121 -33.36 13.02 -50.30
C PRO E 121 -32.93 12.75 -48.86
N LEU E 122 -33.66 13.36 -47.91
CA LEU E 122 -33.32 13.19 -46.53
C LEU E 122 -34.19 12.12 -45.85
N PHE E 123 -35.06 11.43 -46.61
CA PHE E 123 -36.00 10.44 -46.08
C PHE E 123 -35.41 9.05 -46.36
N PRO E 124 -35.51 8.06 -45.44
CA PRO E 124 -34.86 6.78 -45.66
C PRO E 124 -35.58 5.97 -46.73
N THR E 125 -34.87 5.07 -47.43
CA THR E 125 -35.50 4.28 -48.47
C THR E 125 -35.73 2.86 -47.95
N ASP E 126 -36.59 2.11 -48.66
CA ASP E 126 -36.77 0.71 -48.42
C ASP E 126 -35.76 -0.13 -49.23
N ASP E 127 -35.02 0.51 -50.15
CA ASP E 127 -33.98 -0.24 -50.85
C ASP E 127 -32.77 -0.38 -49.90
N THR E 128 -32.56 -1.60 -49.41
CA THR E 128 -31.65 -1.97 -48.37
C THR E 128 -30.77 -3.12 -48.84
N GLY E 129 -29.48 -3.10 -48.40
CA GLY E 129 -28.59 -4.25 -48.60
C GLY E 129 -27.75 -4.59 -47.36
N VAL E 130 -26.88 -5.59 -47.51
CA VAL E 130 -25.95 -5.96 -46.45
C VAL E 130 -24.60 -6.31 -47.07
N TYR E 131 -23.52 -5.99 -46.37
CA TYR E 131 -22.24 -6.54 -46.83
C TYR E 131 -21.40 -6.86 -45.59
N VAL E 132 -20.34 -7.64 -45.86
CA VAL E 132 -19.39 -8.06 -44.86
C VAL E 132 -18.00 -7.98 -45.48
N THR E 133 -17.11 -7.38 -44.69
CA THR E 133 -15.74 -7.13 -45.07
C THR E 133 -14.85 -7.69 -43.99
N GLY E 134 -13.72 -8.27 -44.35
CA GLY E 134 -12.74 -8.64 -43.35
C GLY E 134 -11.31 -8.47 -43.84
N THR E 135 -10.40 -8.08 -42.92
CA THR E 135 -8.98 -8.02 -43.23
C THR E 135 -8.19 -8.69 -42.09
N ALA E 136 -7.05 -9.31 -42.43
CA ALA E 136 -6.12 -9.78 -41.43
C ALA E 136 -5.59 -8.57 -40.64
N VAL E 137 -5.46 -8.74 -39.32
CA VAL E 137 -4.85 -7.78 -38.41
C VAL E 137 -3.97 -8.55 -37.43
N SER E 138 -3.03 -7.87 -36.77
CA SER E 138 -2.33 -8.46 -35.63
C SER E 138 -2.19 -7.40 -34.55
N ARG E 139 -1.62 -7.79 -33.39
CA ARG E 139 -1.62 -7.00 -32.17
C ARG E 139 -0.91 -5.67 -32.36
N LEU E 140 -1.55 -4.54 -32.02
CA LEU E 140 -0.80 -3.29 -31.83
C LEU E 140 0.10 -3.43 -30.61
N PRO E 141 1.41 -3.02 -30.66
CA PRO E 141 2.25 -3.04 -29.45
C PRO E 141 1.75 -2.11 -28.32
N LEU E 142 0.78 -1.23 -28.64
CA LEU E 142 0.23 -0.27 -27.70
C LEU E 142 -0.59 -0.96 -26.60
N VAL E 143 -1.17 -2.12 -26.96
CA VAL E 143 -1.91 -2.97 -26.04
C VAL E 143 -1.01 -3.37 -24.86
N HIS E 144 0.26 -3.66 -25.16
CA HIS E 144 1.22 -3.94 -24.09
C HIS E 144 1.77 -2.68 -23.40
N THR E 145 2.03 -1.59 -24.17
CA THR E 145 2.86 -0.50 -23.68
C THR E 145 2.02 0.48 -22.90
N GLY E 146 0.73 0.65 -23.27
CA GLY E 146 -0.01 1.78 -22.75
C GLY E 146 0.14 3.03 -23.66
N ILE E 147 -0.86 3.91 -23.60
CA ILE E 147 -0.95 5.01 -24.55
C ILE E 147 -1.11 6.32 -23.79
N SER E 148 -0.78 7.42 -24.48
CA SER E 148 -1.04 8.76 -23.97
C SER E 148 -2.37 9.26 -24.55
N ALA E 149 -3.17 9.95 -23.74
CA ALA E 149 -4.41 10.57 -24.19
C ALA E 149 -4.40 12.05 -23.79
N CYS E 150 -5.20 12.85 -24.49
CA CYS E 150 -5.43 14.24 -24.09
C CYS E 150 -6.95 14.40 -23.92
N MET E 151 -7.40 15.39 -23.14
CA MET E 151 -8.79 15.83 -23.18
C MET E 151 -9.02 16.58 -24.50
N SER E 152 -10.18 16.35 -25.14
CA SER E 152 -10.46 16.93 -26.44
C SER E 152 -11.04 18.31 -26.22
N SER E 153 -10.77 19.20 -27.20
CA SER E 153 -11.46 20.48 -27.26
C SER E 153 -12.87 20.28 -27.87
N TRP E 154 -13.15 19.15 -28.57
CA TRP E 154 -14.44 18.85 -29.14
C TRP E 154 -15.37 18.23 -28.10
N ARG E 155 -16.67 18.55 -28.18
CA ARG E 155 -17.62 17.95 -27.26
C ARG E 155 -18.33 16.80 -27.98
N ARG E 156 -18.69 15.75 -27.19
CA ARG E 156 -19.30 14.57 -27.74
C ARG E 156 -20.70 14.94 -28.25
N ILE E 157 -21.09 14.36 -29.38
CA ILE E 157 -22.45 14.49 -29.85
C ILE E 157 -23.44 13.99 -28.78
N SER E 158 -24.69 14.48 -28.77
CA SER E 158 -25.69 14.16 -27.77
C SER E 158 -26.77 13.23 -28.31
N ASP E 159 -27.39 12.49 -27.39
CA ASP E 159 -28.47 11.54 -27.67
C ASP E 159 -29.61 12.19 -28.47
N ASP E 160 -30.09 13.37 -28.03
CA ASP E 160 -31.22 14.00 -28.69
C ASP E 160 -30.81 14.89 -29.87
N SER E 161 -29.68 14.58 -30.47
CA SER E 161 -29.18 15.28 -31.61
C SER E 161 -28.69 14.31 -32.69
N VAL E 162 -27.61 13.61 -32.39
CA VAL E 162 -27.13 12.51 -33.24
C VAL E 162 -26.71 11.39 -32.28
N PRO E 163 -27.57 10.39 -31.98
CA PRO E 163 -27.31 9.46 -30.86
C PRO E 163 -26.03 8.63 -31.01
N PRO E 164 -25.04 8.83 -30.10
CA PRO E 164 -23.85 8.00 -30.15
C PRO E 164 -24.15 6.52 -29.89
N ARG E 165 -25.34 6.20 -29.37
CA ARG E 165 -25.69 4.78 -29.18
C ARG E 165 -25.94 4.00 -30.48
N ILE E 166 -26.12 4.65 -31.65
CA ILE E 166 -26.35 4.01 -32.93
C ILE E 166 -25.03 3.93 -33.72
N LYS E 167 -24.55 2.74 -34.03
CA LYS E 167 -23.26 2.60 -34.68
C LYS E 167 -23.43 2.72 -36.20
N ILE E 168 -23.45 3.94 -36.70
CA ILE E 168 -23.67 4.24 -38.10
C ILE E 168 -22.48 5.04 -38.66
N GLY E 169 -22.05 4.71 -39.87
CA GLY E 169 -20.97 5.40 -40.55
C GLY E 169 -20.93 6.89 -40.23
N ALA E 170 -22.06 7.55 -40.45
CA ALA E 170 -22.17 9.01 -40.43
C ALA E 170 -21.78 9.57 -39.05
N ASN E 171 -21.96 8.78 -37.97
CA ASN E 171 -21.81 9.34 -36.64
C ASN E 171 -20.36 9.47 -36.23
N TYR E 172 -19.43 9.18 -37.14
CA TYR E 172 -18.03 9.22 -36.78
C TYR E 172 -17.36 10.57 -37.07
N GLN E 173 -18.08 11.54 -37.58
CA GLN E 173 -17.50 12.83 -37.77
C GLN E 173 -16.96 13.39 -36.43
N ASN E 174 -17.77 13.25 -35.39
CA ASN E 174 -17.43 13.70 -34.05
C ASN E 174 -16.10 13.04 -33.66
N SER E 175 -16.03 11.72 -33.89
CA SER E 175 -14.81 10.95 -33.62
C SER E 175 -13.59 11.40 -34.44
N ARG E 176 -13.79 11.56 -35.76
CA ARG E 176 -12.69 11.90 -36.65
C ARG E 176 -12.06 13.26 -36.24
N LEU E 177 -12.88 14.19 -35.78
CA LEU E 177 -12.35 15.51 -35.43
C LEU E 177 -11.50 15.38 -34.14
N ALA E 178 -12.07 14.70 -33.14
CA ALA E 178 -11.38 14.53 -31.88
C ALA E 178 -10.06 13.77 -32.10
N GLN E 179 -10.12 12.75 -32.98
CA GLN E 179 -8.97 11.88 -33.15
C GLN E 179 -7.87 12.57 -33.95
N THR E 180 -8.28 13.32 -34.97
CA THR E 180 -7.33 14.07 -35.76
C THR E 180 -6.56 15.06 -34.87
N GLU E 181 -7.32 15.76 -34.05
CA GLU E 181 -6.69 16.76 -33.21
C GLU E 181 -5.67 16.09 -32.26
N ALA E 182 -6.10 14.96 -31.61
CA ALA E 182 -5.21 14.23 -30.74
C ALA E 182 -3.89 13.91 -31.45
N ARG E 183 -3.97 13.35 -32.66
CA ARG E 183 -2.77 12.89 -33.33
C ARG E 183 -1.93 14.10 -33.72
N VAL E 184 -2.60 15.17 -34.16
CA VAL E 184 -1.82 16.33 -34.57
C VAL E 184 -1.00 16.81 -33.36
N ASN E 185 -1.55 16.66 -32.16
CA ASN E 185 -0.91 17.21 -30.98
C ASN E 185 0.03 16.19 -30.30
N GLY E 186 0.25 15.02 -30.91
CA GLY E 186 1.24 14.10 -30.38
C GLY E 186 0.68 13.07 -29.38
N TYR E 187 -0.63 12.80 -29.40
CA TYR E 187 -1.24 11.86 -28.49
C TYR E 187 -1.81 10.71 -29.31
N HIS E 188 -2.01 9.53 -28.68
CA HIS E 188 -2.62 8.39 -29.33
C HIS E 188 -4.12 8.60 -29.49
N THR E 189 -4.78 9.24 -28.52
CA THR E 189 -6.20 9.46 -28.68
C THR E 189 -6.62 10.52 -27.67
N SER E 190 -7.93 10.80 -27.64
CA SER E 190 -8.38 11.83 -26.73
C SER E 190 -9.66 11.38 -26.06
N VAL E 191 -10.03 12.11 -24.99
CA VAL E 191 -11.23 11.89 -24.22
C VAL E 191 -12.15 13.08 -24.45
N LEU E 192 -13.40 12.79 -24.89
CA LEU E 192 -14.37 13.84 -25.10
C LEU E 192 -15.26 13.97 -23.88
N LEU E 193 -15.43 15.22 -23.43
CA LEU E 193 -16.49 15.53 -22.50
C LEU E 193 -17.80 15.69 -23.26
N ASN E 194 -18.93 15.39 -22.60
CA ASN E 194 -20.24 15.50 -23.23
C ASN E 194 -20.79 16.89 -22.90
N SER E 195 -22.02 17.18 -23.33
CA SER E 195 -22.50 18.54 -23.13
C SER E 195 -22.83 18.84 -21.68
N ARG E 196 -22.83 17.83 -20.77
CA ARG E 196 -22.97 18.16 -19.35
C ARG E 196 -21.60 18.37 -18.70
N GLY E 197 -20.51 18.39 -19.49
CA GLY E 197 -19.16 18.53 -18.99
C GLY E 197 -18.66 17.27 -18.23
N LYS E 198 -19.22 16.07 -18.52
CA LYS E 198 -18.78 14.81 -17.92
C LYS E 198 -18.05 13.98 -18.98
N VAL E 199 -17.24 13.02 -18.53
CA VAL E 199 -16.51 12.11 -19.39
C VAL E 199 -17.51 11.24 -20.19
N SER E 200 -17.32 11.16 -21.52
CA SER E 200 -18.13 10.23 -22.30
C SER E 200 -17.23 9.08 -22.72
N GLU E 201 -16.54 9.16 -23.84
CA GLU E 201 -15.59 8.15 -24.22
C GLU E 201 -14.52 8.77 -25.12
N THR E 202 -13.87 7.91 -25.89
CA THR E 202 -12.76 8.19 -26.78
C THR E 202 -13.28 8.03 -28.19
N PRO E 203 -12.63 8.61 -29.23
CA PRO E 203 -13.19 8.52 -30.58
C PRO E 203 -13.56 7.08 -30.96
N GLY E 204 -12.82 6.08 -30.50
CA GLY E 204 -13.07 4.76 -30.98
C GLY E 204 -13.10 3.68 -29.91
N ALA E 205 -13.38 4.01 -28.65
CA ALA E 205 -13.30 3.02 -27.56
C ALA E 205 -13.92 3.67 -26.33
N CYS E 206 -14.52 2.84 -25.49
CA CYS E 206 -15.06 3.25 -24.21
C CYS E 206 -13.92 3.44 -23.24
N LEU E 207 -14.14 4.26 -22.20
CA LEU E 207 -13.12 4.53 -21.20
C LEU E 207 -13.60 4.01 -19.86
N LEU E 208 -12.70 3.35 -19.11
CA LEU E 208 -13.00 3.02 -17.72
C LEU E 208 -11.83 3.51 -16.85
N MET E 209 -12.07 3.68 -15.53
CA MET E 209 -10.99 3.98 -14.58
C MET E 209 -11.13 3.12 -13.33
N VAL E 210 -10.07 3.11 -12.53
CA VAL E 210 -10.14 2.48 -11.22
C VAL E 210 -9.88 3.55 -10.16
N ARG E 211 -10.82 3.67 -9.20
CA ARG E 211 -10.65 4.53 -8.03
C ARG E 211 -11.09 3.77 -6.79
N ASP E 212 -10.31 3.88 -5.71
CA ASP E 212 -10.51 3.21 -4.43
C ASP E 212 -10.86 1.74 -4.64
N GLY E 213 -10.03 1.05 -5.43
CA GLY E 213 -10.18 -0.37 -5.66
C GLY E 213 -11.31 -0.74 -6.62
N ARG E 214 -12.14 0.20 -7.12
CA ARG E 214 -13.31 -0.19 -7.91
C ARG E 214 -13.17 0.23 -9.36
N VAL E 215 -13.71 -0.60 -10.26
CA VAL E 215 -13.73 -0.27 -11.69
C VAL E 215 -14.98 0.54 -11.97
N ILE E 216 -14.81 1.68 -12.68
CA ILE E 216 -15.84 2.66 -12.81
C ILE E 216 -15.93 3.05 -14.27
N SER E 217 -17.17 3.18 -14.75
CA SER E 217 -17.35 3.64 -16.13
C SER E 217 -18.54 4.58 -16.24
N PRO E 218 -18.55 5.51 -17.20
CA PRO E 218 -19.71 6.38 -17.40
C PRO E 218 -20.95 5.52 -17.74
N PRO E 219 -22.17 5.95 -17.36
CA PRO E 219 -23.39 5.23 -17.67
C PRO E 219 -23.74 5.33 -19.16
N VAL E 220 -24.79 4.63 -19.62
CA VAL E 220 -25.08 4.57 -21.04
C VAL E 220 -25.72 5.90 -21.46
N THR E 221 -26.08 6.76 -20.50
CA THR E 221 -26.63 8.08 -20.77
C THR E 221 -25.55 9.19 -20.73
N ALA E 222 -24.25 8.84 -20.79
CA ALA E 222 -23.17 9.80 -20.90
C ALA E 222 -22.77 10.03 -22.36
N ASP E 223 -23.63 9.59 -23.32
CA ASP E 223 -23.38 9.83 -24.73
C ASP E 223 -22.25 8.95 -25.23
N ILE E 224 -22.38 7.65 -24.95
CA ILE E 224 -21.40 6.66 -25.37
C ILE E 224 -22.09 5.63 -26.26
N LEU E 225 -21.29 4.96 -27.07
CA LEU E 225 -21.81 3.76 -27.68
C LEU E 225 -21.82 2.63 -26.63
N GLU E 226 -22.87 1.78 -26.62
CA GLU E 226 -23.03 0.70 -25.65
C GLU E 226 -22.21 -0.49 -26.12
N SER E 227 -20.90 -0.45 -25.80
CA SER E 227 -19.90 -1.36 -26.31
C SER E 227 -20.15 -2.79 -25.85
N VAL E 228 -20.01 -3.71 -26.79
CA VAL E 228 -20.00 -5.15 -26.54
C VAL E 228 -18.80 -5.49 -25.65
N THR E 229 -17.64 -4.85 -25.92
CA THR E 229 -16.44 -5.13 -25.15
C THR E 229 -16.68 -4.64 -23.75
N ARG E 230 -17.27 -3.44 -23.61
CA ARG E 230 -17.63 -2.88 -22.32
C ARG E 230 -18.47 -3.89 -21.52
N LYS E 231 -19.51 -4.46 -22.16
CA LYS E 231 -20.45 -5.28 -21.44
C LYS E 231 -19.73 -6.58 -21.03
N THR E 232 -18.90 -7.12 -21.94
CA THR E 232 -18.06 -8.27 -21.66
C THR E 232 -17.17 -8.05 -20.43
N LEU E 233 -16.44 -6.91 -20.37
CA LEU E 233 -15.58 -6.62 -19.25
C LEU E 233 -16.39 -6.51 -17.95
N MET E 234 -17.59 -5.94 -18.06
CA MET E 234 -18.41 -5.81 -16.88
C MET E 234 -18.76 -7.21 -16.31
N SER E 235 -19.09 -8.19 -17.18
CA SER E 235 -19.43 -9.54 -16.73
C SER E 235 -18.23 -10.17 -16.10
N LEU E 236 -17.07 -10.06 -16.76
CA LEU E 236 -15.85 -10.68 -16.32
C LEU E 236 -15.43 -10.10 -14.96
N SER E 237 -15.49 -8.78 -14.79
CA SER E 237 -15.12 -8.17 -13.53
C SER E 237 -15.99 -8.69 -12.37
N GLU E 238 -17.27 -8.94 -12.69
CA GLU E 238 -18.28 -9.36 -11.74
C GLU E 238 -18.10 -10.86 -11.41
N ALA E 239 -18.16 -11.71 -12.44
CA ALA E 239 -18.04 -13.16 -12.33
C ALA E 239 -16.64 -13.61 -11.89
N GLU E 240 -15.55 -12.90 -12.26
CA GLU E 240 -14.21 -13.41 -12.05
C GLU E 240 -13.48 -12.69 -10.91
N LEU E 241 -13.69 -11.39 -10.76
CA LEU E 241 -12.95 -10.62 -9.77
C LEU E 241 -13.85 -10.31 -8.58
N ASP E 242 -15.13 -10.66 -8.68
CA ASP E 242 -16.16 -10.36 -7.67
C ASP E 242 -16.27 -8.86 -7.43
N SER E 243 -16.18 -8.08 -8.49
CA SER E 243 -16.04 -6.64 -8.44
C SER E 243 -16.98 -6.07 -9.50
N PRO E 244 -18.29 -5.89 -9.19
CA PRO E 244 -19.17 -5.22 -10.15
C PRO E 244 -18.59 -3.84 -10.50
N VAL E 245 -18.66 -3.51 -11.80
CA VAL E 245 -18.32 -2.20 -12.34
C VAL E 245 -19.40 -1.21 -11.91
N ILE E 246 -18.97 -0.08 -11.36
CA ILE E 246 -19.87 0.98 -10.94
C ILE E 246 -20.09 1.93 -12.13
N GLU E 247 -21.35 2.08 -12.54
CA GLU E 247 -21.69 2.95 -13.66
C GLU E 247 -22.18 4.27 -13.07
N ARG E 248 -21.38 5.33 -13.21
CA ARG E 248 -21.72 6.64 -12.63
C ARG E 248 -21.05 7.69 -13.51
N ASP E 249 -21.57 8.92 -13.48
CA ASP E 249 -20.84 9.99 -14.16
C ASP E 249 -19.41 10.14 -13.64
N MET E 250 -18.51 10.55 -14.54
CA MET E 250 -17.11 10.79 -14.16
C MET E 250 -16.64 12.18 -14.57
N ASP E 251 -15.72 12.81 -13.81
CA ASP E 251 -15.17 14.12 -14.20
C ASP E 251 -13.78 13.96 -14.79
N ARG E 252 -13.41 14.87 -15.66
CA ARG E 252 -12.07 14.95 -16.22
C ARG E 252 -11.05 14.86 -15.09
N THR E 253 -11.21 15.60 -13.99
CA THR E 253 -10.09 15.73 -13.06
C THR E 253 -9.98 14.46 -12.23
N GLU E 254 -11.00 13.57 -12.25
CA GLU E 254 -10.84 12.26 -11.62
C GLU E 254 -9.75 11.46 -12.33
N LEU E 255 -9.58 11.61 -13.65
CA LEU E 255 -8.63 10.78 -14.38
C LEU E 255 -7.20 11.07 -13.90
N TYR E 256 -6.96 12.26 -13.35
CA TYR E 256 -5.61 12.56 -12.90
C TYR E 256 -5.32 11.92 -11.54
N ILE E 257 -6.33 11.40 -10.85
CA ILE E 257 -6.10 10.91 -9.51
C ILE E 257 -6.49 9.44 -9.37
N ALA E 258 -7.06 8.87 -10.43
CA ALA E 258 -7.44 7.47 -10.49
C ALA E 258 -6.18 6.61 -10.39
N GLU E 259 -6.34 5.37 -9.93
CA GLU E 259 -5.22 4.44 -9.88
C GLU E 259 -4.93 3.94 -11.29
N GLU E 260 -5.96 3.80 -12.15
CA GLU E 260 -5.70 3.30 -13.50
C GLU E 260 -6.75 3.88 -14.44
N VAL E 261 -6.42 3.86 -15.75
CA VAL E 261 -7.39 4.20 -16.79
C VAL E 261 -7.10 3.29 -17.97
N PHE E 262 -8.17 2.80 -18.63
CA PHE E 262 -7.94 1.99 -19.82
C PHE E 262 -9.18 2.11 -20.72
N LEU E 263 -9.00 1.73 -21.99
CA LEU E 263 -10.02 1.87 -23.01
C LEU E 263 -10.39 0.49 -23.52
N CYS E 264 -11.61 0.31 -24.03
CA CYS E 264 -11.92 -0.99 -24.62
C CYS E 264 -12.88 -0.85 -25.81
N GLY E 265 -12.78 -1.76 -26.78
CA GLY E 265 -13.74 -1.94 -27.85
C GLY E 265 -13.23 -3.06 -28.74
N THR E 266 -14.02 -3.47 -29.76
CA THR E 266 -13.57 -4.58 -30.57
C THR E 266 -12.21 -4.26 -31.16
N ILE E 267 -12.07 -3.13 -31.91
CA ILE E 267 -10.85 -2.90 -32.65
C ILE E 267 -9.75 -2.62 -31.65
N ALA E 268 -10.09 -1.82 -30.62
CA ALA E 268 -9.12 -1.32 -29.66
C ALA E 268 -8.62 -2.43 -28.74
N GLU E 269 -9.46 -3.42 -28.46
CA GLU E 269 -9.17 -4.45 -27.47
C GLU E 269 -9.16 -3.81 -26.08
N ILE E 270 -8.07 -3.98 -25.33
CA ILE E 270 -7.95 -3.27 -24.06
C ILE E 270 -6.64 -2.48 -24.06
N LEU E 271 -6.74 -1.15 -24.03
CA LEU E 271 -5.60 -0.24 -24.10
C LEU E 271 -5.43 0.47 -22.76
N PRO E 272 -4.33 0.20 -22.04
CA PRO E 272 -4.03 0.94 -20.80
C PRO E 272 -3.67 2.38 -21.19
N VAL E 273 -4.18 3.34 -20.42
CA VAL E 273 -3.86 4.75 -20.62
C VAL E 273 -2.93 5.24 -19.51
N THR E 274 -1.66 5.51 -19.84
CA THR E 274 -0.70 5.80 -18.77
C THR E 274 -0.42 7.29 -18.55
N THR E 275 -0.77 8.15 -19.53
CA THR E 275 -0.74 9.60 -19.32
C THR E 275 -1.99 10.24 -19.93
N ILE E 276 -2.50 11.29 -19.24
CA ILE E 276 -3.55 12.18 -19.73
C ILE E 276 -3.01 13.60 -19.65
N ASP E 277 -2.99 14.29 -20.81
CA ASP E 277 -2.43 15.63 -20.94
C ASP E 277 -1.02 15.66 -20.32
N ARG E 278 -0.27 14.56 -20.53
CA ARG E 278 1.10 14.37 -20.06
C ARG E 278 1.17 14.23 -18.55
N ILE E 279 0.04 14.23 -17.80
CA ILE E 279 0.06 13.86 -16.39
C ILE E 279 0.03 12.32 -16.27
N GLN E 280 0.86 11.79 -15.40
CA GLN E 280 0.91 10.35 -15.17
C GLN E 280 -0.37 9.89 -14.49
N VAL E 281 -1.01 8.86 -15.06
CA VAL E 281 -2.12 8.16 -14.42
C VAL E 281 -1.52 7.22 -13.36
N GLY E 282 -1.97 7.36 -12.13
CA GLY E 282 -1.35 6.65 -11.02
C GLY E 282 0.16 6.89 -11.03
N ASP E 283 0.93 5.81 -11.02
CA ASP E 283 2.39 5.83 -10.99
C ASP E 283 2.93 5.67 -12.41
N GLY E 284 2.02 5.75 -13.40
CA GLY E 284 2.43 5.81 -14.80
C GLY E 284 2.68 4.45 -15.43
N GLU E 285 2.50 3.36 -14.67
CA GLU E 285 2.66 2.01 -15.20
C GLU E 285 1.28 1.44 -15.49
N VAL E 286 1.21 0.43 -16.37
CA VAL E 286 -0.01 -0.34 -16.53
C VAL E 286 -0.39 -0.96 -15.18
N GLY E 287 -1.63 -0.79 -14.74
CA GLY E 287 -2.08 -1.10 -13.40
C GLY E 287 -2.50 -2.56 -13.30
N PRO E 288 -2.60 -3.13 -12.08
CA PRO E 288 -2.93 -4.55 -11.92
C PRO E 288 -4.33 -4.91 -12.42
N VAL E 289 -5.30 -4.01 -12.25
CA VAL E 289 -6.67 -4.34 -12.65
C VAL E 289 -6.74 -4.46 -14.16
N THR E 290 -6.06 -3.52 -14.84
CA THR E 290 -5.92 -3.54 -16.29
C THR E 290 -5.36 -4.87 -16.78
N ARG E 291 -4.16 -5.23 -16.25
CA ARG E 291 -3.51 -6.46 -16.60
C ARG E 291 -4.46 -7.66 -16.39
N ARG E 292 -5.14 -7.69 -15.24
CA ARG E 292 -6.00 -8.80 -14.86
C ARG E 292 -7.15 -8.89 -15.88
N LEU E 293 -7.70 -7.73 -16.27
CA LEU E 293 -8.77 -7.70 -17.25
C LEU E 293 -8.24 -8.06 -18.62
N GLN E 294 -7.01 -7.63 -18.94
CA GLN E 294 -6.39 -8.09 -20.17
C GLN E 294 -6.27 -9.61 -20.17
N GLU E 295 -5.79 -10.19 -19.06
CA GLU E 295 -5.60 -11.64 -18.99
C GLU E 295 -6.92 -12.37 -19.14
N LEU E 296 -7.98 -11.92 -18.47
CA LEU E 296 -9.25 -12.60 -18.62
C LEU E 296 -9.68 -12.52 -20.07
N TYR E 297 -9.63 -11.29 -20.63
CA TYR E 297 -10.18 -11.06 -21.94
C TYR E 297 -9.41 -11.86 -22.99
N PHE E 298 -8.07 -11.84 -22.93
CA PHE E 298 -7.28 -12.59 -23.89
C PHE E 298 -7.49 -14.08 -23.66
N GLY E 299 -7.68 -14.47 -22.40
CA GLY E 299 -8.04 -15.85 -22.08
C GLY E 299 -9.36 -16.26 -22.76
N VAL E 300 -10.38 -15.39 -22.77
CA VAL E 300 -11.70 -15.76 -23.25
C VAL E 300 -11.68 -15.84 -24.78
N THR E 301 -11.05 -14.83 -25.40
CA THR E 301 -11.06 -14.69 -26.84
C THR E 301 -10.24 -15.80 -27.48
N SER E 302 -9.24 -16.35 -26.81
CA SER E 302 -8.41 -17.38 -27.42
C SER E 302 -8.94 -18.78 -27.12
N GLY E 303 -9.92 -18.85 -26.23
CA GLY E 303 -10.59 -20.12 -25.92
C GLY E 303 -9.91 -20.93 -24.84
N GLN E 304 -9.34 -20.25 -23.85
CA GLN E 304 -8.64 -20.92 -22.76
C GLN E 304 -9.53 -20.95 -21.51
N LEU E 305 -10.66 -20.25 -21.50
CA LEU E 305 -11.56 -20.38 -20.36
C LEU E 305 -12.86 -21.04 -20.82
N GLU E 306 -13.05 -22.30 -20.43
CA GLU E 306 -14.11 -23.15 -20.94
C GLU E 306 -15.47 -22.56 -20.55
N ALA E 307 -15.54 -21.88 -19.41
CA ALA E 307 -16.83 -21.41 -18.94
C ALA E 307 -17.41 -20.35 -19.92
N TYR E 308 -16.56 -19.76 -20.78
CA TYR E 308 -16.98 -18.71 -21.70
C TYR E 308 -17.00 -19.21 -23.15
N LYS E 309 -16.95 -20.54 -23.37
CA LYS E 309 -16.86 -21.14 -24.70
C LYS E 309 -18.02 -20.67 -25.58
N SER E 310 -19.17 -20.33 -25.01
CA SER E 310 -20.33 -20.09 -25.87
C SER E 310 -20.23 -18.70 -26.52
N TRP E 311 -19.21 -17.91 -26.13
CA TRP E 311 -18.95 -16.63 -26.74
C TRP E 311 -18.13 -16.80 -28.03
N LEU E 312 -17.64 -18.00 -28.33
CA LEU E 312 -16.71 -18.16 -29.43
C LEU E 312 -17.34 -19.00 -30.53
N LEU E 313 -17.32 -18.54 -31.79
CA LEU E 313 -17.91 -19.37 -32.82
C LEU E 313 -16.81 -19.87 -33.75
N PRO E 314 -16.54 -21.20 -33.75
CA PRO E 314 -15.54 -21.81 -34.63
C PRO E 314 -15.91 -21.61 -36.10
N VAL E 315 -14.90 -21.29 -36.94
CA VAL E 315 -15.13 -21.05 -38.35
C VAL E 315 -14.97 -22.30 -39.19
N TYR E 316 -13.92 -23.08 -38.97
CA TYR E 316 -13.55 -24.14 -39.89
C TYR E 316 -13.80 -25.50 -39.26
N GLU E 317 -13.67 -26.54 -40.09
CA GLU E 317 -13.95 -27.88 -39.57
C GLU E 317 -12.98 -28.22 -38.42
N ALA F 11 -3.70 -31.89 -14.78
CA ALA F 11 -3.61 -32.67 -16.08
C ALA F 11 -2.32 -32.31 -16.85
N PRO F 12 -1.44 -33.31 -17.16
CA PRO F 12 0.01 -33.09 -17.17
C PRO F 12 0.57 -32.55 -18.49
N PRO F 13 1.82 -32.05 -18.57
CA PRO F 13 2.38 -31.59 -19.86
C PRO F 13 2.74 -32.70 -20.84
N ARG F 14 2.83 -32.37 -22.12
CA ARG F 14 3.08 -33.36 -23.16
C ARG F 14 4.54 -33.81 -23.18
N TYR F 15 5.48 -32.88 -22.98
CA TYR F 15 6.88 -33.26 -23.12
C TYR F 15 7.70 -32.82 -21.92
N GLY F 16 8.83 -33.48 -21.74
CA GLY F 16 9.92 -32.95 -20.93
C GLY F 16 11.17 -32.99 -21.80
N TRP F 17 12.31 -32.60 -21.22
CA TRP F 17 13.52 -32.48 -22.00
C TRP F 17 14.64 -33.15 -21.22
N MET F 18 15.36 -34.09 -21.87
CA MET F 18 16.46 -34.76 -21.21
C MET F 18 17.63 -34.86 -22.18
N ASN F 19 18.82 -34.42 -21.75
CA ASN F 19 20.06 -34.71 -22.43
C ASN F 19 19.96 -34.30 -23.89
N GLY F 20 19.37 -33.11 -24.14
CA GLY F 20 19.44 -32.45 -25.43
C GLY F 20 18.21 -32.64 -26.33
N GLN F 21 17.15 -33.32 -25.84
CA GLN F 21 15.98 -33.55 -26.68
C GLN F 21 14.68 -33.60 -25.89
N CYS F 22 13.64 -33.10 -26.58
CA CYS F 22 12.28 -33.24 -26.09
C CYS F 22 11.86 -34.69 -26.21
N ILE F 23 11.17 -35.19 -25.19
CA ILE F 23 10.71 -36.56 -25.21
C ILE F 23 9.38 -36.60 -24.45
N PRO F 24 8.45 -37.53 -24.80
CA PRO F 24 7.16 -37.60 -24.09
C PRO F 24 7.37 -37.62 -22.58
N TRP F 25 6.48 -36.90 -21.87
CA TRP F 25 6.52 -36.72 -20.44
C TRP F 25 6.62 -38.07 -19.74
N ASP F 26 5.85 -39.06 -20.21
CA ASP F 26 5.78 -40.45 -19.82
C ASP F 26 7.16 -41.04 -19.52
N GLN F 27 8.13 -40.70 -20.38
CA GLN F 27 9.35 -41.50 -20.28
C GLN F 27 10.52 -40.68 -19.77
N CYS F 28 10.22 -39.61 -19.04
CA CYS F 28 11.22 -38.82 -18.34
C CYS F 28 11.49 -39.43 -16.96
N SER F 29 12.43 -40.37 -16.96
CA SER F 29 12.65 -41.37 -15.93
C SER F 29 14.13 -41.52 -15.66
N LEU F 30 14.45 -41.84 -14.39
CA LEU F 30 15.80 -42.25 -14.03
C LEU F 30 15.76 -43.63 -13.39
N HIS F 31 16.72 -44.46 -13.75
CA HIS F 31 16.89 -45.77 -13.16
C HIS F 31 17.10 -45.64 -11.65
N VAL F 32 16.61 -46.62 -10.90
CA VAL F 32 16.56 -46.48 -9.47
C VAL F 32 17.99 -46.51 -8.94
N SER F 33 18.89 -47.15 -9.68
CA SER F 33 20.28 -47.22 -9.25
C SER F 33 21.07 -45.94 -9.57
N THR F 34 20.49 -44.91 -10.21
CA THR F 34 21.26 -43.70 -10.46
C THR F 34 21.39 -42.93 -9.15
N GLN F 35 22.48 -42.15 -9.02
CA GLN F 35 22.66 -41.41 -7.79
C GLN F 35 21.52 -40.39 -7.67
N ALA F 36 21.02 -39.92 -8.82
CA ALA F 36 19.95 -38.94 -8.79
C ALA F 36 18.70 -39.54 -8.13
N ALA F 37 18.23 -40.67 -8.66
CA ALA F 37 17.03 -41.33 -8.15
C ALA F 37 17.21 -41.73 -6.69
N PHE F 38 18.37 -42.29 -6.34
CA PHE F 38 18.54 -42.94 -5.04
C PHE F 38 18.82 -41.92 -3.95
N PHE F 39 19.72 -40.96 -4.21
CA PHE F 39 20.19 -40.01 -3.20
C PHE F 39 19.50 -38.67 -3.31
N GLY F 40 18.71 -38.47 -4.39
CA GLY F 40 18.29 -37.12 -4.71
C GLY F 40 19.46 -36.23 -5.13
N ALA F 41 20.47 -36.81 -5.78
CA ALA F 41 21.64 -36.08 -6.20
C ALA F 41 21.39 -35.42 -7.56
N SER F 42 20.45 -34.46 -7.57
CA SER F 42 20.21 -33.56 -8.67
C SER F 42 20.40 -32.15 -8.13
N LEU F 43 21.33 -31.43 -8.75
CA LEU F 43 21.43 -30.00 -8.53
C LEU F 43 20.38 -29.32 -9.42
N PHE F 44 19.57 -28.42 -8.86
CA PHE F 44 18.47 -27.93 -9.68
C PHE F 44 18.18 -26.42 -9.51
N GLU F 45 17.48 -25.85 -10.50
CA GLU F 45 16.99 -24.48 -10.43
C GLU F 45 15.51 -24.47 -10.74
N GLY F 46 14.72 -23.79 -9.88
CA GLY F 46 13.36 -23.40 -10.20
C GLY F 46 13.35 -22.09 -11.02
N VAL F 47 12.66 -22.09 -12.17
CA VAL F 47 12.66 -20.91 -13.01
C VAL F 47 11.24 -20.64 -13.44
N ARG F 48 10.82 -19.39 -13.47
CA ARG F 48 9.47 -19.09 -13.88
C ARG F 48 9.50 -18.41 -15.25
N ALA F 49 8.52 -18.78 -16.10
CA ALA F 49 8.22 -18.00 -17.28
C ALA F 49 6.87 -17.32 -17.06
N TYR F 50 6.79 -16.02 -17.37
CA TYR F 50 5.56 -15.27 -17.22
C TYR F 50 4.91 -14.94 -18.57
N TRP F 51 3.60 -15.21 -18.63
CA TRP F 51 2.84 -14.99 -19.84
C TRP F 51 2.25 -13.60 -19.80
N ASN F 52 2.49 -12.83 -20.86
CA ASN F 52 1.93 -11.50 -20.96
C ASN F 52 0.83 -11.59 -22.00
N ALA F 53 -0.42 -11.42 -21.56
CA ALA F 53 -1.63 -11.51 -22.36
C ALA F 53 -1.65 -10.40 -23.43
N GLU F 54 -1.31 -9.16 -23.04
CA GLU F 54 -1.33 -8.02 -23.96
C GLU F 54 -0.57 -8.28 -25.27
N ARG F 55 0.63 -8.89 -25.21
CA ARG F 55 1.54 -9.09 -26.33
C ARG F 55 1.57 -10.54 -26.81
N GLU F 56 0.93 -11.43 -26.04
CA GLU F 56 0.87 -12.85 -26.36
C GLU F 56 2.28 -13.42 -26.45
N GLN F 57 3.12 -13.10 -25.44
CA GLN F 57 4.51 -13.55 -25.32
C GLN F 57 4.73 -14.14 -23.92
N LEU F 58 5.68 -15.11 -23.87
CA LEU F 58 6.14 -15.79 -22.67
C LEU F 58 7.60 -15.38 -22.40
N TYR F 59 7.86 -14.88 -21.18
CA TYR F 59 9.16 -14.34 -20.78
C TYR F 59 9.75 -15.14 -19.63
N VAL F 60 10.89 -15.79 -19.88
CA VAL F 60 11.58 -16.45 -18.79
C VAL F 60 12.26 -15.39 -17.93
N PHE F 61 12.20 -15.54 -16.61
CA PHE F 61 12.73 -14.51 -15.74
C PHE F 61 14.13 -14.83 -15.24
N ARG F 62 15.13 -14.00 -15.57
CA ARG F 62 16.46 -14.11 -14.95
C ARG F 62 17.05 -15.51 -15.09
N LEU F 63 16.87 -16.10 -16.27
CA LEU F 63 17.43 -17.41 -16.52
C LEU F 63 18.93 -17.44 -16.23
N ASP F 64 19.65 -16.41 -16.64
CA ASP F 64 21.10 -16.36 -16.51
C ASP F 64 21.50 -16.43 -15.04
N GLU F 65 20.79 -15.72 -14.16
CA GLU F 65 21.22 -15.76 -12.78
C GLU F 65 21.06 -17.20 -12.26
N HIS F 66 19.99 -17.89 -12.69
CA HIS F 66 19.73 -19.27 -12.30
C HIS F 66 20.80 -20.21 -12.82
N LEU F 67 21.17 -20.08 -14.09
CA LEU F 67 22.16 -20.97 -14.67
C LEU F 67 23.54 -20.70 -14.06
N ARG F 68 23.83 -19.46 -13.68
CA ARG F 68 25.12 -19.12 -13.09
C ARG F 68 25.18 -19.82 -11.74
N ARG F 69 24.07 -19.86 -11.00
CA ARG F 69 24.05 -20.49 -9.70
C ARG F 69 24.24 -22.02 -9.82
N LEU F 70 23.59 -22.62 -10.83
CA LEU F 70 23.75 -24.03 -11.13
C LEU F 70 25.20 -24.40 -11.41
N GLU F 71 25.84 -23.67 -12.28
CA GLU F 71 27.19 -23.98 -12.70
C GLU F 71 28.14 -23.81 -11.52
N GLN F 72 27.87 -22.81 -10.66
CA GLN F 72 28.79 -22.53 -9.58
C GLN F 72 28.61 -23.59 -8.50
N SER F 73 27.35 -24.01 -8.29
CA SER F 73 27.04 -25.04 -7.34
C SER F 73 27.63 -26.37 -7.75
N ALA F 74 27.73 -26.63 -9.05
CA ALA F 74 28.21 -27.90 -9.55
C ALA F 74 29.69 -28.07 -9.19
N LYS F 75 30.44 -26.97 -9.01
CA LYS F 75 31.85 -27.06 -8.66
C LYS F 75 32.03 -27.72 -7.31
N MET F 76 31.34 -27.18 -6.29
CA MET F 76 31.43 -27.62 -4.91
C MET F 76 31.12 -29.14 -4.82
N LEU F 77 30.21 -29.63 -5.71
CA LEU F 77 29.80 -31.01 -5.73
C LEU F 77 30.74 -31.88 -6.58
N ARG F 78 31.75 -31.29 -7.22
CA ARG F 78 32.62 -31.97 -8.17
C ARG F 78 31.79 -32.66 -9.27
N MET F 79 30.74 -31.98 -9.74
CA MET F 79 29.85 -32.49 -10.74
C MET F 79 30.20 -31.81 -12.07
N LYS F 80 30.66 -32.55 -13.08
CA LYS F 80 30.91 -31.98 -14.40
C LYS F 80 29.59 -31.89 -15.19
N LEU F 81 29.23 -30.68 -15.64
CA LEU F 81 28.04 -30.45 -16.44
C LEU F 81 28.12 -31.28 -17.71
N SER F 82 26.99 -31.87 -18.04
CA SER F 82 26.86 -32.84 -19.11
C SER F 82 26.93 -32.12 -20.46
N MET F 83 26.57 -30.83 -20.43
CA MET F 83 26.64 -29.97 -21.61
C MET F 83 26.81 -28.55 -21.09
N PRO F 84 27.31 -27.60 -21.92
CA PRO F 84 27.54 -26.23 -21.42
C PRO F 84 26.24 -25.53 -21.09
N ILE F 85 26.29 -24.51 -20.23
CA ILE F 85 25.06 -23.86 -19.81
C ILE F 85 24.31 -23.23 -21.00
N ALA F 86 25.06 -22.73 -22.01
CA ALA F 86 24.46 -22.20 -23.22
C ALA F 86 23.47 -23.20 -23.84
N ASP F 87 23.80 -24.50 -23.81
CA ASP F 87 22.95 -25.55 -24.40
C ASP F 87 21.73 -25.83 -23.53
N ILE F 88 21.90 -25.64 -22.21
CA ILE F 88 20.82 -25.81 -21.28
C ILE F 88 19.79 -24.70 -21.52
N ARG F 89 20.26 -23.45 -21.68
CA ARG F 89 19.43 -22.32 -22.07
C ARG F 89 18.61 -22.68 -23.33
N GLN F 90 19.27 -23.22 -24.35
CA GLN F 90 18.60 -23.67 -25.55
C GLN F 90 17.51 -24.69 -25.19
N GLY F 91 17.85 -25.62 -24.31
CA GLY F 91 16.91 -26.62 -23.85
C GLY F 91 15.66 -26.03 -23.21
N VAL F 92 15.79 -25.03 -22.32
CA VAL F 92 14.65 -24.37 -21.72
C VAL F 92 13.72 -23.86 -22.84
N LEU F 93 14.30 -23.26 -23.89
CA LEU F 93 13.51 -22.76 -24.97
C LEU F 93 12.81 -23.92 -25.69
N GLU F 94 13.58 -24.96 -26.05
CA GLU F 94 13.03 -26.07 -26.79
C GLU F 94 11.80 -26.60 -26.03
N LEU F 95 11.94 -26.68 -24.72
CA LEU F 95 10.92 -27.32 -23.92
C LEU F 95 9.68 -26.44 -23.82
N LEU F 96 9.88 -25.15 -23.56
CA LEU F 96 8.72 -24.29 -23.45
C LEU F 96 7.93 -24.34 -24.77
N ARG F 97 8.65 -24.42 -25.90
CA ARG F 97 8.06 -24.36 -27.23
C ARG F 97 7.35 -25.68 -27.57
N ALA F 98 8.01 -26.81 -27.25
CA ALA F 98 7.42 -28.10 -27.57
C ALA F 98 6.06 -28.21 -26.85
N ASN F 99 5.97 -27.65 -25.64
CA ASN F 99 4.74 -27.76 -24.88
C ASN F 99 3.71 -26.70 -25.27
N GLU F 100 4.10 -25.70 -26.08
CA GLU F 100 3.19 -24.67 -26.56
C GLU F 100 2.49 -23.95 -25.39
N PHE F 101 3.27 -23.62 -24.35
CA PHE F 101 2.69 -23.01 -23.16
C PHE F 101 2.16 -21.60 -23.41
N ARG F 102 0.91 -21.36 -22.99
CA ARG F 102 0.31 -20.05 -23.21
C ARG F 102 -0.16 -19.50 -21.85
N SER F 103 0.67 -19.71 -20.82
CA SER F 103 0.38 -19.20 -19.49
C SER F 103 1.65 -19.27 -18.66
N ASP F 104 1.60 -18.73 -17.43
CA ASP F 104 2.71 -18.88 -16.49
C ASP F 104 3.17 -20.35 -16.45
N VAL F 105 4.48 -20.55 -16.27
CA VAL F 105 5.10 -21.85 -16.26
C VAL F 105 6.13 -21.87 -15.12
N HIS F 106 6.12 -22.96 -14.36
CA HIS F 106 7.18 -23.28 -13.44
C HIS F 106 8.07 -24.35 -14.08
N LEU F 107 9.38 -24.13 -14.06
CA LEU F 107 10.36 -25.00 -14.68
C LEU F 107 11.30 -25.54 -13.62
N TYR F 108 11.71 -26.80 -13.77
CA TYR F 108 12.87 -27.28 -13.05
C TYR F 108 13.96 -27.58 -14.05
N VAL F 109 15.14 -27.00 -13.83
CA VAL F 109 16.27 -27.36 -14.66
C VAL F 109 17.32 -28.00 -13.78
N ALA F 110 17.72 -29.23 -14.17
CA ALA F 110 18.47 -30.09 -13.29
C ALA F 110 19.72 -30.65 -13.96
N SER F 111 20.79 -30.65 -13.20
CA SER F 111 22.00 -31.38 -13.53
C SER F 111 22.19 -32.48 -12.49
N TYR F 112 22.26 -33.73 -12.95
CA TYR F 112 22.07 -34.87 -12.05
C TYR F 112 23.21 -35.88 -12.24
N PHE F 113 23.53 -36.63 -11.16
CA PHE F 113 24.49 -37.70 -11.25
C PHE F 113 23.78 -38.99 -11.72
N GLY F 114 24.42 -39.73 -12.62
CA GLY F 114 23.86 -40.95 -13.19
C GLY F 114 24.33 -42.22 -12.48
N ILE F 115 24.74 -43.24 -13.27
CA ILE F 115 25.17 -44.56 -12.84
C ILE F 115 26.54 -44.38 -12.23
N ASN F 116 26.86 -45.13 -11.18
CA ASN F 116 28.09 -45.06 -10.46
C ASN F 116 29.25 -45.62 -11.27
N HIS F 117 30.38 -44.90 -11.23
CA HIS F 117 31.57 -45.21 -12.01
C HIS F 117 32.68 -45.66 -11.07
N ASP F 118 32.35 -45.80 -9.78
CA ASP F 118 33.29 -46.24 -8.75
C ASP F 118 32.65 -47.30 -7.85
N PRO F 119 33.42 -48.27 -7.32
CA PRO F 119 32.94 -49.20 -6.29
C PRO F 119 32.32 -48.55 -5.06
N ASP F 120 32.79 -47.37 -4.67
CA ASP F 120 32.27 -46.69 -3.48
C ASP F 120 30.97 -45.92 -3.81
N PRO F 121 29.81 -46.26 -3.23
CA PRO F 121 28.53 -45.63 -3.63
C PRO F 121 28.34 -44.20 -3.13
N LEU F 122 29.26 -43.76 -2.26
CA LEU F 122 29.16 -42.40 -1.75
C LEU F 122 30.02 -41.41 -2.52
N PHE F 123 30.72 -41.86 -3.56
CA PHE F 123 31.64 -41.03 -4.31
C PHE F 123 30.93 -40.58 -5.58
N PRO F 124 31.10 -39.31 -6.02
CA PRO F 124 30.32 -38.82 -7.16
C PRO F 124 30.84 -39.45 -8.46
N THR F 125 29.99 -39.56 -9.45
CA THR F 125 30.30 -40.26 -10.69
C THR F 125 30.52 -39.18 -11.75
N ASP F 126 31.25 -39.50 -12.80
CA ASP F 126 31.37 -38.61 -13.95
C ASP F 126 30.26 -38.87 -14.96
N ASP F 127 29.43 -39.92 -14.78
CA ASP F 127 28.24 -40.04 -15.61
C ASP F 127 27.19 -39.05 -15.13
N THR F 128 26.98 -38.02 -15.97
CA THR F 128 26.18 -36.86 -15.65
C THR F 128 25.15 -36.65 -16.77
N GLY F 129 23.97 -36.11 -16.42
CA GLY F 129 23.00 -35.64 -17.40
C GLY F 129 22.33 -34.31 -17.00
N VAL F 130 21.37 -33.87 -17.84
CA VAL F 130 20.57 -32.70 -17.55
C VAL F 130 19.14 -32.96 -17.98
N TYR F 131 18.19 -32.36 -17.28
CA TYR F 131 16.84 -32.40 -17.78
C TYR F 131 16.17 -31.09 -17.38
N VAL F 132 15.04 -30.86 -18.06
CA VAL F 132 14.19 -29.71 -17.83
C VAL F 132 12.75 -30.18 -17.88
N THR F 133 11.99 -29.68 -16.93
CA THR F 133 10.60 -30.01 -16.72
C THR F 133 9.87 -28.68 -16.66
N GLY F 134 8.66 -28.64 -17.20
CA GLY F 134 7.83 -27.47 -16.94
C GLY F 134 6.38 -27.84 -16.86
N THR F 135 5.65 -27.13 -15.99
CA THR F 135 4.20 -27.30 -15.90
C THR F 135 3.55 -25.91 -15.84
N ALA F 136 2.33 -25.82 -16.38
CA ALA F 136 1.56 -24.59 -16.25
C ALA F 136 1.21 -24.42 -14.77
N VAL F 137 1.24 -23.18 -14.28
CA VAL F 137 0.83 -22.80 -12.93
C VAL F 137 0.03 -21.51 -13.01
N SER F 138 -0.71 -21.17 -11.94
CA SER F 138 -1.23 -19.82 -11.90
C SER F 138 -1.02 -19.22 -10.53
N ARG F 139 -1.25 -17.91 -10.41
CA ARG F 139 -0.95 -17.20 -9.17
C ARG F 139 -1.92 -17.62 -8.08
N LEU F 140 -1.39 -17.97 -6.90
CA LEU F 140 -2.23 -18.28 -5.76
C LEU F 140 -2.93 -17.02 -5.28
N PRO F 141 -4.23 -17.05 -4.91
CA PRO F 141 -4.85 -15.91 -4.21
C PRO F 141 -4.21 -15.51 -2.88
N LEU F 142 -3.33 -16.37 -2.33
CA LEU F 142 -2.60 -16.09 -1.09
C LEU F 142 -1.64 -14.91 -1.24
N VAL F 143 -1.15 -14.66 -2.46
CA VAL F 143 -0.31 -13.52 -2.80
C VAL F 143 -1.06 -12.23 -2.45
N HIS F 144 -2.37 -12.18 -2.69
CA HIS F 144 -3.17 -11.03 -2.29
C HIS F 144 -3.55 -11.05 -0.80
N THR F 145 -3.86 -12.22 -0.24
CA THR F 145 -4.49 -12.38 1.05
C THR F 145 -3.46 -12.27 2.19
N GLY F 146 -2.27 -12.81 1.97
CA GLY F 146 -1.36 -13.07 3.06
C GLY F 146 -1.56 -14.47 3.68
N ILE F 147 -0.52 -14.96 4.36
CA ILE F 147 -0.52 -16.33 4.86
C ILE F 147 -0.18 -16.30 6.36
N SER F 148 -0.53 -17.42 7.03
CA SER F 148 -0.08 -17.66 8.40
C SER F 148 1.21 -18.48 8.39
N ALA F 149 2.15 -18.14 9.27
CA ALA F 149 3.35 -18.96 9.49
C ALA F 149 3.50 -19.27 10.97
N CYS F 150 4.26 -20.35 11.28
CA CYS F 150 4.57 -20.67 12.69
C CYS F 150 6.09 -20.79 12.76
N MET F 151 6.69 -20.58 13.94
CA MET F 151 8.10 -20.94 14.13
C MET F 151 8.21 -22.48 14.16
N SER F 152 9.27 -23.03 13.54
CA SER F 152 9.43 -24.48 13.42
C SER F 152 10.02 -25.05 14.71
N SER F 153 9.65 -26.31 15.04
CA SER F 153 10.41 -27.04 16.06
C SER F 153 11.73 -27.58 15.49
N TRP F 154 11.88 -27.67 14.16
CA TRP F 154 13.08 -28.16 13.50
C TRP F 154 14.06 -27.01 13.29
N ARG F 155 15.34 -27.35 13.33
CA ARG F 155 16.41 -26.37 13.16
C ARG F 155 16.96 -26.54 11.76
N ARG F 156 17.36 -25.41 11.16
CA ARG F 156 17.85 -25.38 9.80
C ARG F 156 19.17 -26.17 9.73
N ILE F 157 19.38 -26.90 8.64
CA ILE F 157 20.66 -27.50 8.35
C ILE F 157 21.74 -26.39 8.26
N SER F 158 22.99 -26.71 8.40
CA SER F 158 24.12 -25.79 8.60
C SER F 158 25.06 -25.91 7.44
N ASP F 159 25.73 -24.78 7.10
CA ASP F 159 26.71 -24.70 6.04
C ASP F 159 27.75 -25.83 6.12
N ASP F 160 28.38 -26.06 7.28
CA ASP F 160 29.45 -27.04 7.30
C ASP F 160 28.96 -28.44 7.68
N SER F 161 27.70 -28.70 7.31
CA SER F 161 27.08 -29.99 7.53
C SER F 161 26.40 -30.47 6.24
N VAL F 162 25.36 -29.77 5.83
CA VAL F 162 24.73 -29.94 4.54
C VAL F 162 24.38 -28.55 4.04
N PRO F 163 25.20 -27.91 3.18
CA PRO F 163 25.03 -26.46 2.91
C PRO F 163 23.73 -26.02 2.27
N PRO F 164 22.88 -25.27 2.97
CA PRO F 164 21.62 -24.85 2.38
C PRO F 164 21.85 -23.88 1.20
N ARG F 165 23.09 -23.38 0.99
CA ARG F 165 23.37 -22.58 -0.19
C ARG F 165 23.34 -23.36 -1.52
N ILE F 166 23.40 -24.69 -1.49
CA ILE F 166 23.41 -25.56 -2.66
C ILE F 166 21.98 -26.10 -2.88
N LYS F 167 21.38 -25.80 -4.03
CA LYS F 167 20.00 -26.19 -4.27
C LYS F 167 20.00 -27.59 -4.88
N ILE F 168 19.99 -28.62 -4.02
CA ILE F 168 20.06 -30.01 -4.47
C ILE F 168 18.90 -30.81 -3.88
N GLY F 169 18.30 -31.69 -4.66
CA GLY F 169 17.17 -32.53 -4.23
C GLY F 169 17.30 -32.99 -2.76
N ALA F 170 18.46 -33.58 -2.45
CA ALA F 170 18.73 -34.19 -1.15
C ALA F 170 18.58 -33.19 0.00
N ASN F 171 18.78 -31.89 -0.24
CA ASN F 171 18.84 -30.93 0.86
C ASN F 171 17.46 -30.52 1.36
N TYR F 172 16.41 -31.14 0.81
CA TYR F 172 15.08 -30.68 1.15
C TYR F 172 14.46 -31.50 2.28
N GLN F 173 15.16 -32.53 2.78
CA GLN F 173 14.58 -33.23 3.92
C GLN F 173 14.29 -32.22 5.07
N ASN F 174 15.24 -31.35 5.37
CA ASN F 174 15.08 -30.31 6.38
C ASN F 174 13.79 -29.52 6.13
N SER F 175 13.62 -29.08 4.88
CA SER F 175 12.40 -28.38 4.45
C SER F 175 11.11 -29.21 4.57
N ARG F 176 11.15 -30.47 4.11
CA ARG F 176 9.97 -31.33 4.12
C ARG F 176 9.44 -31.51 5.53
N LEU F 177 10.37 -31.64 6.47
CA LEU F 177 9.95 -31.92 7.85
C LEU F 177 9.30 -30.65 8.43
N ALA F 178 9.95 -29.50 8.24
CA ALA F 178 9.40 -28.24 8.77
C ALA F 178 8.06 -27.95 8.11
N GLN F 179 7.95 -28.21 6.80
CA GLN F 179 6.75 -27.84 6.06
C GLN F 179 5.58 -28.75 6.41
N THR F 180 5.89 -30.05 6.58
CA THR F 180 4.87 -31.01 6.94
C THR F 180 4.33 -30.63 8.31
N GLU F 181 5.21 -30.31 9.23
CA GLU F 181 4.76 -30.00 10.56
C GLU F 181 3.85 -28.79 10.56
N ALA F 182 4.30 -27.73 9.87
CA ALA F 182 3.47 -26.52 9.72
C ALA F 182 2.05 -26.88 9.24
N ARG F 183 1.95 -27.67 8.16
CA ARG F 183 0.64 -27.94 7.60
C ARG F 183 -0.18 -28.80 8.55
N VAL F 184 0.50 -29.76 9.23
CA VAL F 184 -0.22 -30.57 10.21
C VAL F 184 -0.82 -29.66 11.28
N ASN F 185 -0.15 -28.58 11.59
CA ASN F 185 -0.57 -27.71 12.67
C ASN F 185 -1.49 -26.57 12.18
N GLY F 186 -1.86 -26.54 10.90
CA GLY F 186 -2.85 -25.56 10.46
C GLY F 186 -2.23 -24.25 9.94
N TYR F 187 -0.96 -24.24 9.51
CA TYR F 187 -0.28 -23.05 9.03
C TYR F 187 0.09 -23.30 7.58
N HIS F 188 0.28 -22.22 6.79
CA HIS F 188 0.75 -22.32 5.42
C HIS F 188 2.24 -22.67 5.39
N THR F 189 3.05 -22.18 6.35
CA THR F 189 4.45 -22.55 6.30
C THR F 189 5.07 -22.24 7.65
N SER F 190 6.39 -22.47 7.77
CA SER F 190 6.99 -22.18 9.06
C SER F 190 8.32 -21.47 8.85
N VAL F 191 8.89 -20.94 9.95
CA VAL F 191 10.19 -20.28 9.95
C VAL F 191 11.15 -21.12 10.80
N LEU F 192 12.29 -21.53 10.22
CA LEU F 192 13.29 -22.30 10.93
C LEU F 192 14.35 -21.38 11.55
N LEU F 193 14.66 -21.62 12.83
CA LEU F 193 15.85 -21.03 13.44
C LEU F 193 17.06 -21.88 13.06
N ASN F 194 18.24 -21.23 12.94
CA ASN F 194 19.46 -21.93 12.57
C ASN F 194 20.14 -22.29 13.87
N SER F 195 21.30 -22.92 13.79
CA SER F 195 21.88 -23.47 15.03
C SER F 195 22.44 -22.36 15.90
N ARG F 196 22.51 -21.11 15.46
CA ARG F 196 22.85 -20.03 16.38
C ARG F 196 21.61 -19.40 17.01
N GLY F 197 20.43 -20.03 16.82
CA GLY F 197 19.18 -19.52 17.37
C GLY F 197 18.66 -18.26 16.65
N LYS F 198 19.07 -17.98 15.39
CA LYS F 198 18.59 -16.82 14.66
C LYS F 198 17.71 -17.30 13.49
N VAL F 199 16.88 -16.36 12.97
CA VAL F 199 16.00 -16.63 11.83
C VAL F 199 16.82 -17.00 10.59
N SER F 200 16.46 -18.13 9.93
CA SER F 200 17.14 -18.46 8.68
C SER F 200 16.14 -18.21 7.56
N GLU F 201 15.32 -19.19 7.19
CA GLU F 201 14.27 -18.93 6.24
C GLU F 201 13.11 -19.90 6.49
N THR F 202 12.33 -20.09 5.47
CA THR F 202 11.11 -20.88 5.40
C THR F 202 11.44 -22.08 4.50
N PRO F 203 10.70 -23.20 4.60
CA PRO F 203 11.07 -24.38 3.85
C PRO F 203 11.33 -24.09 2.37
N GLY F 204 10.56 -23.16 1.77
CA GLY F 204 10.76 -22.96 0.34
C GLY F 204 10.87 -21.47 -0.09
N ALA F 205 11.24 -20.55 0.79
CA ALA F 205 11.24 -19.14 0.45
C ALA F 205 12.08 -18.41 1.51
N CYS F 206 12.74 -17.32 1.05
CA CYS F 206 13.45 -16.45 1.95
C CYS F 206 12.45 -15.58 2.69
N LEU F 207 12.87 -15.07 3.86
CA LEU F 207 11.99 -14.26 4.70
C LEU F 207 12.60 -12.88 4.81
N LEU F 208 11.75 -11.83 4.70
CA LEU F 208 12.21 -10.48 5.00
C LEU F 208 11.22 -9.85 5.98
N MET F 209 11.60 -8.74 6.63
CA MET F 209 10.70 -7.98 7.47
C MET F 209 10.97 -6.48 7.32
N VAL F 210 10.06 -5.66 7.86
CA VAL F 210 10.25 -4.24 7.88
C VAL F 210 10.17 -3.80 9.34
N ARG F 211 11.23 -3.11 9.79
CA ARG F 211 11.25 -2.50 11.13
C ARG F 211 11.83 -1.10 11.02
N ASP F 212 11.23 -0.14 11.73
CA ASP F 212 11.59 1.27 11.68
C ASP F 212 11.79 1.76 10.25
N GLY F 213 10.83 1.42 9.38
CA GLY F 213 10.87 1.89 8.01
C GLY F 213 11.88 1.18 7.11
N ARG F 214 12.68 0.24 7.59
CA ARG F 214 13.71 -0.37 6.75
C ARG F 214 13.35 -1.83 6.44
N VAL F 215 13.69 -2.28 5.24
CA VAL F 215 13.58 -3.68 4.84
C VAL F 215 14.85 -4.41 5.28
N ILE F 216 14.62 -5.56 5.94
CA ILE F 216 15.69 -6.26 6.65
C ILE F 216 15.59 -7.73 6.25
N SER F 217 16.75 -8.33 5.99
CA SER F 217 16.76 -9.77 5.74
C SER F 217 17.98 -10.45 6.37
N PRO F 218 17.91 -11.73 6.74
CA PRO F 218 19.06 -12.42 7.31
C PRO F 218 20.18 -12.45 6.29
N PRO F 219 21.48 -12.45 6.71
CA PRO F 219 22.61 -12.42 5.76
C PRO F 219 22.79 -13.81 5.13
N VAL F 220 23.74 -13.98 4.22
CA VAL F 220 23.90 -15.19 3.47
C VAL F 220 24.56 -16.25 4.37
N THR F 221 25.04 -15.85 5.56
CA THR F 221 25.62 -16.78 6.50
C THR F 221 24.60 -17.21 7.58
N ALA F 222 23.30 -16.98 7.38
CA ALA F 222 22.29 -17.44 8.33
C ALA F 222 21.71 -18.80 7.92
N ASP F 223 22.38 -19.50 6.99
CA ASP F 223 21.94 -20.82 6.58
C ASP F 223 20.70 -20.72 5.71
N ILE F 224 20.82 -19.87 4.68
CA ILE F 224 19.75 -19.67 3.73
C ILE F 224 20.27 -20.05 2.36
N LEU F 225 19.35 -20.36 1.46
CA LEU F 225 19.74 -20.37 0.06
C LEU F 225 19.83 -18.91 -0.43
N GLU F 226 20.82 -18.56 -1.27
CA GLU F 226 20.97 -17.18 -1.77
C GLU F 226 20.02 -17.05 -2.96
N SER F 227 18.78 -16.68 -2.64
CA SER F 227 17.65 -16.61 -3.55
C SER F 227 17.87 -15.54 -4.60
N VAL F 228 17.60 -15.92 -5.85
CA VAL F 228 17.52 -15.00 -6.97
C VAL F 228 16.40 -13.98 -6.74
N THR F 229 15.27 -14.43 -6.16
CA THR F 229 14.18 -13.49 -5.93
C THR F 229 14.62 -12.48 -4.86
N ARG F 230 15.29 -13.00 -3.81
CA ARG F 230 15.83 -12.16 -2.76
C ARG F 230 16.72 -11.06 -3.38
N LYS F 231 17.62 -11.46 -4.29
CA LYS F 231 18.61 -10.54 -4.80
C LYS F 231 17.89 -9.51 -5.67
N THR F 232 16.89 -9.97 -6.47
CA THR F 232 16.03 -9.11 -7.26
C THR F 232 15.38 -8.03 -6.40
N LEU F 233 14.73 -8.43 -5.31
CA LEU F 233 14.05 -7.46 -4.46
C LEU F 233 15.07 -6.48 -3.83
N MET F 234 16.28 -6.98 -3.52
CA MET F 234 17.28 -6.10 -2.97
C MET F 234 17.63 -4.98 -3.95
N SER F 235 17.77 -5.30 -5.25
CA SER F 235 18.08 -4.33 -6.28
C SER F 235 16.95 -3.32 -6.40
N LEU F 236 15.72 -3.85 -6.48
CA LEU F 236 14.53 -3.05 -6.67
C LEU F 236 14.34 -2.10 -5.50
N SER F 237 14.50 -2.59 -4.26
CA SER F 237 14.32 -1.75 -3.08
C SER F 237 15.30 -0.56 -3.09
N GLU F 238 16.51 -0.85 -3.60
CA GLU F 238 17.61 0.09 -3.60
C GLU F 238 17.45 1.08 -4.73
N ALA F 239 17.35 0.59 -5.98
CA ALA F 239 17.16 1.39 -7.18
C ALA F 239 15.82 2.14 -7.23
N GLU F 240 14.73 1.57 -6.71
CA GLU F 240 13.40 2.12 -6.97
C GLU F 240 12.79 2.80 -5.75
N LEU F 241 13.09 2.30 -4.53
CA LEU F 241 12.51 2.89 -3.34
C LEU F 241 13.56 3.72 -2.59
N ASP F 242 14.82 3.72 -3.09
CA ASP F 242 15.96 4.35 -2.44
C ASP F 242 16.14 3.87 -1.00
N SER F 243 15.94 2.57 -0.79
CA SER F 243 15.88 1.95 0.52
C SER F 243 16.71 0.68 0.47
N PRO F 244 18.05 0.77 0.61
CA PRO F 244 18.88 -0.45 0.63
C PRO F 244 18.37 -1.37 1.74
N VAL F 245 18.33 -2.66 1.41
CA VAL F 245 17.99 -3.74 2.32
C VAL F 245 19.18 -3.93 3.29
N ILE F 246 18.86 -4.00 4.57
CA ILE F 246 19.88 -4.25 5.59
C ILE F 246 19.95 -5.76 5.81
N GLU F 247 21.15 -6.33 5.60
CA GLU F 247 21.39 -7.73 5.79
C GLU F 247 22.01 -7.90 7.16
N ARG F 248 21.25 -8.44 8.13
CA ARG F 248 21.75 -8.57 9.49
C ARG F 248 21.03 -9.78 10.10
N ASP F 249 21.63 -10.38 11.14
CA ASP F 249 20.88 -11.43 11.81
C ASP F 249 19.58 -10.86 12.38
N MET F 250 18.57 -11.71 12.49
CA MET F 250 17.27 -11.33 13.03
C MET F 250 16.82 -12.39 14.03
N ASP F 251 16.05 -11.96 15.05
CA ASP F 251 15.58 -12.89 16.05
C ASP F 251 14.11 -13.19 15.81
N ARG F 252 13.67 -14.36 16.26
CA ARG F 252 12.30 -14.79 16.27
C ARG F 252 11.44 -13.65 16.82
N THR F 253 11.80 -13.06 17.96
CA THR F 253 10.81 -12.21 18.63
C THR F 253 10.69 -10.86 17.92
N GLU F 254 11.64 -10.54 17.02
CA GLU F 254 11.45 -9.35 16.16
C GLU F 254 10.23 -9.53 15.26
N LEU F 255 9.88 -10.76 14.83
CA LEU F 255 8.77 -10.91 13.91
C LEU F 255 7.44 -10.51 14.55
N TYR F 256 7.37 -10.54 15.85
CA TYR F 256 6.13 -10.16 16.52
C TYR F 256 6.01 -8.64 16.63
N ILE F 257 7.08 -7.89 16.33
CA ILE F 257 6.99 -6.46 16.53
C ILE F 257 7.25 -5.71 15.22
N ALA F 258 7.60 -6.44 14.15
CA ALA F 258 7.90 -5.85 12.86
C ALA F 258 6.63 -5.21 12.31
N GLU F 259 6.80 -4.18 11.45
CA GLU F 259 5.64 -3.59 10.82
C GLU F 259 5.12 -4.54 9.74
N GLU F 260 6.02 -5.28 9.05
CA GLU F 260 5.58 -6.21 8.02
C GLU F 260 6.53 -7.39 7.95
N VAL F 261 6.03 -8.51 7.38
CA VAL F 261 6.87 -9.65 7.06
C VAL F 261 6.33 -10.21 5.74
N PHE F 262 7.27 -10.68 4.91
CA PHE F 262 6.85 -11.34 3.68
C PHE F 262 7.96 -12.30 3.28
N LEU F 263 7.62 -13.25 2.38
CA LEU F 263 8.53 -14.28 1.90
C LEU F 263 8.71 -14.07 0.41
N CYS F 264 9.79 -14.62 -0.15
CA CYS F 264 9.97 -14.50 -1.58
C CYS F 264 10.76 -15.70 -2.08
N GLY F 265 10.50 -16.13 -3.32
CA GLY F 265 11.31 -17.10 -4.04
C GLY F 265 10.63 -17.32 -5.38
N THR F 266 11.23 -18.10 -6.26
CA THR F 266 10.64 -18.23 -7.58
C THR F 266 9.21 -18.77 -7.48
N ILE F 267 9.02 -19.92 -6.80
CA ILE F 267 7.69 -20.50 -6.85
C ILE F 267 6.75 -19.66 -5.99
N ALA F 268 7.28 -19.18 -4.87
CA ALA F 268 6.51 -18.42 -3.90
C ALA F 268 6.14 -17.02 -4.39
N GLU F 269 6.94 -16.42 -5.27
CA GLU F 269 6.79 -15.03 -5.70
C GLU F 269 7.01 -14.08 -4.53
N ILE F 270 6.03 -13.24 -4.17
CA ILE F 270 6.11 -12.48 -2.92
C ILE F 270 4.85 -12.74 -2.11
N LEU F 271 5.02 -13.39 -0.94
CA LEU F 271 3.94 -13.80 -0.06
C LEU F 271 3.97 -12.97 1.23
N PRO F 272 2.93 -12.15 1.48
CA PRO F 272 2.82 -11.41 2.71
C PRO F 272 2.52 -12.39 3.84
N VAL F 273 3.15 -12.20 5.00
CA VAL F 273 2.88 -13.03 6.17
C VAL F 273 2.12 -12.20 7.20
N THR F 274 0.84 -12.49 7.43
CA THR F 274 0.05 -11.62 8.30
C THR F 274 -0.10 -12.12 9.73
N THR F 275 0.17 -13.41 9.99
CA THR F 275 0.23 -13.92 11.35
C THR F 275 1.43 -14.86 11.52
N ILE F 276 2.07 -14.80 12.70
CA ILE F 276 3.11 -15.74 13.13
C ILE F 276 2.71 -16.32 14.48
N ASP F 277 2.57 -17.66 14.54
CA ASP F 277 2.06 -18.35 15.73
C ASP F 277 0.75 -17.72 16.17
N ARG F 278 -0.08 -17.25 15.21
CA ARG F 278 -1.37 -16.59 15.42
C ARG F 278 -1.21 -15.25 16.12
N ILE F 279 0.01 -14.70 16.26
CA ILE F 279 0.17 -13.27 16.57
C ILE F 279 0.03 -12.46 15.26
N GLN F 280 -0.72 -11.35 15.31
CA GLN F 280 -0.85 -10.47 14.16
C GLN F 280 0.47 -9.75 13.87
N VAL F 281 0.96 -9.84 12.62
CA VAL F 281 2.10 -9.04 12.18
C VAL F 281 1.62 -7.61 11.92
N GLY F 282 2.25 -6.65 12.62
CA GLY F 282 1.75 -5.29 12.60
C GLY F 282 0.27 -5.26 12.94
N ASP F 283 -0.55 -4.64 12.08
CA ASP F 283 -1.98 -4.47 12.28
C ASP F 283 -2.72 -5.59 11.55
N GLY F 284 -1.98 -6.60 11.08
CA GLY F 284 -2.58 -7.81 10.53
C GLY F 284 -2.96 -7.68 9.06
N GLU F 285 -2.77 -6.52 8.43
CA GLU F 285 -3.03 -6.32 7.01
C GLU F 285 -1.72 -6.43 6.24
N VAL F 286 -1.80 -6.77 4.95
CA VAL F 286 -0.57 -6.77 4.17
C VAL F 286 -0.08 -5.31 4.06
N GLY F 287 1.22 -5.09 4.31
CA GLY F 287 1.77 -3.77 4.58
C GLY F 287 2.12 -3.01 3.31
N PRO F 288 2.31 -1.67 3.38
CA PRO F 288 2.57 -0.85 2.19
C PRO F 288 3.87 -1.23 1.48
N VAL F 289 4.93 -1.60 2.26
CA VAL F 289 6.20 -1.90 1.62
C VAL F 289 6.06 -3.15 0.78
N THR F 290 5.38 -4.14 1.35
CA THR F 290 5.09 -5.41 0.69
C THR F 290 4.36 -5.16 -0.64
N ARG F 291 3.24 -4.44 -0.58
CA ARG F 291 2.46 -4.10 -1.76
C ARG F 291 3.34 -3.43 -2.83
N ARG F 292 4.14 -2.45 -2.39
CA ARG F 292 4.99 -1.68 -3.28
C ARG F 292 6.00 -2.62 -3.95
N LEU F 293 6.56 -3.56 -3.15
CA LEU F 293 7.50 -4.53 -3.69
C LEU F 293 6.78 -5.51 -4.60
N GLN F 294 5.56 -5.89 -4.24
CA GLN F 294 4.79 -6.73 -5.14
C GLN F 294 4.57 -6.04 -6.47
N GLU F 295 4.22 -4.73 -6.43
CA GLU F 295 3.95 -4.01 -7.67
C GLU F 295 5.21 -3.93 -8.54
N LEU F 296 6.36 -3.62 -7.93
CA LEU F 296 7.56 -3.56 -8.75
C LEU F 296 7.83 -4.94 -9.35
N TYR F 297 7.77 -5.98 -8.49
CA TYR F 297 8.13 -7.32 -8.92
C TYR F 297 7.20 -7.81 -10.03
N PHE F 298 5.88 -7.65 -9.84
CA PHE F 298 4.95 -8.09 -10.88
C PHE F 298 5.14 -7.25 -12.14
N GLY F 299 5.47 -5.97 -11.93
CA GLY F 299 5.76 -5.11 -13.07
C GLY F 299 6.93 -5.63 -13.90
N VAL F 300 8.01 -6.07 -13.20
CA VAL F 300 9.24 -6.44 -13.86
C VAL F 300 9.04 -7.78 -14.60
N THR F 301 8.41 -8.74 -13.90
CA THR F 301 8.30 -10.10 -14.41
C THR F 301 7.37 -10.14 -15.62
N SER F 302 6.38 -9.24 -15.70
CA SER F 302 5.42 -9.30 -16.79
C SER F 302 5.87 -8.45 -17.98
N GLY F 303 6.95 -7.69 -17.77
CA GLY F 303 7.57 -6.95 -18.84
C GLY F 303 6.99 -5.56 -19.03
N GLN F 304 6.50 -4.93 -17.96
CA GLN F 304 5.83 -3.65 -18.08
C GLN F 304 6.73 -2.52 -17.60
N LEU F 305 7.90 -2.82 -17.05
CA LEU F 305 8.83 -1.77 -16.66
C LEU F 305 10.08 -1.94 -17.50
N GLU F 306 10.24 -0.99 -18.43
CA GLU F 306 11.23 -1.08 -19.49
C GLU F 306 12.63 -1.11 -18.89
N ALA F 307 12.77 -0.44 -17.75
CA ALA F 307 14.08 -0.26 -17.13
C ALA F 307 14.71 -1.63 -16.85
N TYR F 308 13.87 -2.66 -16.64
CA TYR F 308 14.37 -3.96 -16.18
C TYR F 308 14.27 -5.04 -17.26
N LYS F 309 13.98 -4.63 -18.50
CA LYS F 309 13.49 -5.61 -19.48
C LYS F 309 14.60 -6.63 -19.77
N SER F 310 15.86 -6.27 -19.51
CA SER F 310 16.96 -7.14 -19.89
C SER F 310 17.06 -8.34 -18.93
N TRP F 311 16.19 -8.44 -17.92
CA TRP F 311 16.04 -9.64 -17.10
C TRP F 311 15.19 -10.74 -17.78
N LEU F 312 14.58 -10.43 -18.93
CA LEU F 312 13.51 -11.28 -19.43
C LEU F 312 13.95 -11.97 -20.73
N LEU F 313 13.68 -13.26 -20.88
CA LEU F 313 14.01 -13.89 -22.14
C LEU F 313 12.72 -14.28 -22.88
N PRO F 314 12.43 -13.63 -24.01
CA PRO F 314 11.24 -13.98 -24.82
C PRO F 314 11.37 -15.37 -25.40
N VAL F 315 10.30 -16.17 -25.38
CA VAL F 315 10.38 -17.56 -25.83
C VAL F 315 9.97 -17.70 -27.30
N TYR F 316 8.81 -17.11 -27.69
CA TYR F 316 8.36 -17.08 -29.11
C TYR F 316 8.65 -15.72 -29.75
#